data_8E4K
#
_entry.id   8E4K
#
_cell.length_a   135.093
_cell.length_b   178.338
_cell.length_c   179.257
_cell.angle_alpha   90.000
_cell.angle_beta   90.000
_cell.angle_gamma   90.000
#
_symmetry.space_group_name_H-M   'I 2 2 2'
#
loop_
_entity.id
_entity.type
_entity.pdbx_description
1 polymer 'Chaetomium alpha glucosidase'
2 non-polymer (2R,3R,4R,5S)-2-(hydroxymethyl)-1-[6-({(4M)-4-[2-(morpholin-4-yl)pyrimidin-4-yl]-2-nitrophenyl}amino)hexyl]piperidine-3,4,5-triol
3 non-polymer GLYCEROL
4 non-polymer 'SULFATE ION'
5 non-polymer 2-acetamido-2-deoxy-beta-D-glucopyranose
6 non-polymer 2-[BIS-(2-HYDROXY-ETHYL)-AMINO]-2-HYDROXYMETHYL-PROPANE-1,3-DIOL
7 water water
#
_entity_poly.entity_id   1
_entity_poly.type   'polypeptide(L)'
_entity_poly.pdbx_seq_one_letter_code
;MGILPSPGMPALLSLVSLLSVLLMGCVAETGVEGESILHSEIGRLNNQSLLWGPYRPNIYFGTRPRIGKSLMTGLMWGKI
ESYTDFQHTVRYTCEQNEGMKGYGWDEYDPRRGGIQSIHDIQNGLDITTSFVKIPGGAHGGSWAARIKGTLNDDAPKDQK
TIVVFYVSQEGENSELEAVPSENEFGYEGDVILKGRSEALGNYKLVVTKGKGVIPQSDHDLSRLRGPGQTVVQSLTYPDE
VLWQAKPILFQQLKAGIDWLVENKYDVADPPPPWQVYLLANKPGSGNVHIVQKVFEGDFEFDILFSSESAGKEVTSKDLE
REVKQATEVFGERFARVFDLKAPFQGDNYKKFGKSMFSNLIGGIGYFYGHSLVDRSYAPEYDEENEGFWEDAAEARARHQ
EALEGPYELFTSIPSRPFFPRGFLWDEGFHLLPIADWDIDLALEIIKSWYNLMDEDGWIAREQILGAEARSKVPKEFQTQ
YPHYANPPTLFLVLDNFVERLRKNNASQPVVKDNLSLDETLSTASVDNPEVGLEYLRRLYPLLRRQFDWFRKTQAGDIKS
YDREAYSTKEAYRWRGRTVSHCLTSGLDDYPRPQPPHPGELHVDLMSWVGVMVKSLISIGSLLGATEDVEFYTKVLDAIE
HNLDDLHWSEKEGCYCDATIDEFEEHKLVCHKGYISLFPFLTGLLKPDSPKLGKLLALIGDESELWSPYGLRSLSKKDEF
YGTAENYWRSPVWININYLAIVQLYNIATQDGPYKETARDLYTRLRKNIVETVYRNWEETGFAWEQYNPETGKGQRTQHF
TGWTSLVVKIMSGHHHHHH
;
_entity_poly.pdbx_strand_id   A,B
#
loop_
_chem_comp.id
_chem_comp.type
_chem_comp.name
_chem_comp.formula
BTB non-polymer 2-[BIS-(2-HYDROXY-ETHYL)-AMINO]-2-HYDROXYMETHYL-PROPANE-1,3-DIOL 'C8 H19 N O5'
GOL non-polymer GLYCEROL 'C3 H8 O3'
NAG D-saccharide, beta linking 2-acetamido-2-deoxy-beta-D-glucopyranose 'C8 H15 N O6'
SO4 non-polymer 'SULFATE ION' 'O4 S -2'
UIO non-polymer (2R,3R,4R,5S)-2-(hydroxymethyl)-1-[6-({(4M)-4-[2-(morpholin-4-yl)pyrimidin-4-yl]-2-nitrophenyl}amino)hexyl]piperidine-3,4,5-triol 'C26 H38 N6 O7'
#
# COMPACT_ATOMS: atom_id res chain seq x y z
N LEU A 38 -4.75 9.65 -33.51
CA LEU A 38 -5.73 8.61 -34.01
C LEU A 38 -5.85 7.46 -33.00
N HIS A 39 -4.80 7.23 -32.20
CA HIS A 39 -4.86 6.27 -31.12
C HIS A 39 -5.81 6.79 -30.03
N SER A 40 -5.68 8.09 -29.75
CA SER A 40 -6.55 8.83 -28.84
C SER A 40 -8.02 8.74 -29.26
N GLU A 41 -8.27 8.83 -30.58
CA GLU A 41 -9.61 8.74 -31.14
C GLU A 41 -10.22 7.34 -30.95
N ILE A 42 -9.46 6.28 -31.27
CA ILE A 42 -9.89 4.90 -31.15
C ILE A 42 -10.22 4.60 -29.69
N GLY A 43 -9.36 5.08 -28.79
CA GLY A 43 -9.54 5.00 -27.35
C GLY A 43 -10.91 5.51 -26.88
N ARG A 44 -11.25 6.76 -27.26
CA ARG A 44 -12.51 7.40 -26.92
C ARG A 44 -13.70 6.58 -27.45
N LEU A 45 -13.58 6.09 -28.69
CA LEU A 45 -14.62 5.30 -29.33
C LEU A 45 -14.82 3.95 -28.61
N ASN A 46 -13.72 3.33 -28.17
CA ASN A 46 -13.76 2.10 -27.38
C ASN A 46 -14.44 2.34 -26.03
N ASN A 47 -14.06 3.41 -25.32
CA ASN A 47 -14.68 3.80 -24.06
C ASN A 47 -16.19 3.98 -24.24
N GLN A 48 -16.62 4.61 -25.34
CA GLN A 48 -18.04 4.91 -25.53
C GLN A 48 -18.79 3.61 -25.82
N SER A 49 -18.13 2.72 -26.57
CA SER A 49 -18.66 1.44 -27.00
C SER A 49 -18.86 0.53 -25.78
N LEU A 50 -17.87 0.51 -24.87
CA LEU A 50 -17.83 -0.51 -23.84
C LEU A 50 -18.40 -0.04 -22.50
N LEU A 51 -18.84 1.22 -22.38
CA LEU A 51 -19.15 1.77 -21.06
C LEU A 51 -20.28 1.03 -20.34
N TRP A 52 -21.40 0.76 -21.03
CA TRP A 52 -22.52 0.03 -20.44
C TRP A 52 -22.44 -1.48 -20.68
N GLY A 53 -22.87 -2.24 -19.67
CA GLY A 53 -22.95 -3.69 -19.79
C GLY A 53 -23.74 -4.29 -18.63
N PRO A 54 -24.11 -5.58 -18.74
CA PRO A 54 -24.69 -6.27 -17.59
C PRO A 54 -23.48 -6.77 -16.81
N TYR A 55 -22.60 -5.83 -16.44
CA TYR A 55 -21.27 -6.11 -15.92
C TYR A 55 -21.29 -6.46 -14.43
N ARG A 56 -22.36 -7.13 -13.97
CA ARG A 56 -22.43 -7.63 -12.62
C ARG A 56 -22.60 -9.16 -12.68
N PRO A 57 -21.58 -9.91 -13.15
CA PRO A 57 -21.72 -11.35 -13.32
C PRO A 57 -21.90 -12.08 -12.00
N ASN A 58 -21.68 -11.40 -10.85
CA ASN A 58 -21.87 -12.04 -9.55
C ASN A 58 -23.37 -12.23 -9.26
N ILE A 59 -24.24 -11.60 -10.05
CA ILE A 59 -25.67 -11.73 -9.80
C ILE A 59 -26.33 -12.22 -11.08
N TYR A 60 -27.55 -12.76 -10.97
CA TYR A 60 -28.19 -13.33 -12.16
C TYR A 60 -28.31 -12.24 -13.23
N PHE A 61 -28.84 -11.09 -12.83
CA PHE A 61 -29.01 -10.07 -13.85
C PHE A 61 -29.02 -8.68 -13.22
N GLY A 62 -28.10 -7.85 -13.72
CA GLY A 62 -27.99 -6.46 -13.30
C GLY A 62 -27.06 -5.74 -14.27
N THR A 63 -27.07 -4.41 -14.23
CA THR A 63 -26.24 -3.62 -15.12
C THR A 63 -25.50 -2.60 -14.25
N ARG A 64 -24.32 -2.20 -14.76
CA ARG A 64 -23.60 -1.05 -14.25
C ARG A 64 -22.69 -0.57 -15.37
N PRO A 65 -22.32 0.73 -15.39
CA PRO A 65 -21.34 1.22 -16.35
C PRO A 65 -19.95 1.03 -15.73
N ARG A 66 -18.92 1.17 -16.58
CA ARG A 66 -17.56 1.09 -16.09
C ARG A 66 -17.15 2.39 -15.42
N ILE A 67 -17.84 2.72 -14.33
CA ILE A 67 -17.58 3.87 -13.47
C ILE A 67 -17.76 3.37 -12.05
N GLY A 68 -16.78 3.64 -11.18
CA GLY A 68 -16.83 3.11 -9.84
C GLY A 68 -18.07 3.52 -9.04
N LYS A 69 -18.46 4.79 -9.16
CA LYS A 69 -19.52 5.35 -8.33
C LYS A 69 -20.59 5.94 -9.25
N SER A 70 -21.64 5.16 -9.48
CA SER A 70 -22.59 5.46 -10.56
C SER A 70 -23.89 4.68 -10.30
N LEU A 71 -24.65 4.47 -11.38
CA LEU A 71 -25.98 3.87 -11.39
C LEU A 71 -25.82 2.36 -11.58
N MET A 72 -26.40 1.57 -10.67
CA MET A 72 -26.43 0.12 -10.85
C MET A 72 -27.86 -0.41 -10.75
N THR A 73 -28.15 -1.50 -11.48
CA THR A 73 -29.44 -2.14 -11.35
C THR A 73 -29.27 -3.63 -11.02
N GLY A 74 -30.27 -4.25 -10.39
CA GLY A 74 -30.26 -5.69 -10.21
C GLY A 74 -31.67 -6.26 -10.14
N LEU A 75 -31.81 -7.50 -10.62
CA LEU A 75 -33.07 -8.22 -10.66
C LEU A 75 -33.16 -9.22 -9.51
N MET A 76 -34.33 -9.31 -8.86
CA MET A 76 -34.63 -10.35 -7.90
C MET A 76 -36.00 -10.92 -8.26
N TRP A 77 -36.20 -12.22 -8.03
CA TRP A 77 -37.51 -12.85 -8.18
C TRP A 77 -37.60 -14.03 -7.23
N GLY A 78 -38.83 -14.35 -6.82
CA GLY A 78 -39.07 -15.61 -6.15
C GLY A 78 -40.55 -15.91 -5.98
N LYS A 79 -40.93 -17.19 -6.01
CA LYS A 79 -42.30 -17.59 -5.69
C LYS A 79 -42.59 -17.28 -4.22
N ILE A 80 -43.87 -17.05 -3.92
CA ILE A 80 -44.34 -16.90 -2.55
C ILE A 80 -45.57 -17.79 -2.39
N GLU A 81 -45.51 -18.74 -1.46
CA GLU A 81 -46.58 -19.70 -1.24
C GLU A 81 -47.03 -19.63 0.21
N SER A 82 -46.29 -18.90 1.05
CA SER A 82 -46.59 -18.88 2.46
C SER A 82 -46.15 -17.54 3.04
N TYR A 83 -46.31 -17.39 4.36
CA TYR A 83 -45.94 -16.18 5.06
C TYR A 83 -44.43 -16.14 5.35
N THR A 84 -43.67 -17.22 5.06
CA THR A 84 -42.26 -17.18 5.45
C THR A 84 -41.30 -17.71 4.37
N ASP A 85 -41.80 -18.10 3.21
CA ASP A 85 -41.00 -18.82 2.24
C ASP A 85 -40.17 -17.89 1.37
N PHE A 86 -40.63 -16.64 1.13
CA PHE A 86 -40.03 -15.78 0.13
C PHE A 86 -38.58 -15.46 0.49
N GLN A 87 -38.29 -15.28 1.77
CA GLN A 87 -36.89 -15.10 2.18
C GLN A 87 -36.01 -16.27 1.72
N HIS A 88 -36.59 -17.48 1.53
CA HIS A 88 -35.83 -18.64 1.12
C HIS A 88 -35.84 -18.82 -0.41
N THR A 89 -36.86 -18.34 -1.12
CA THR A 89 -37.00 -18.61 -2.54
C THR A 89 -36.34 -17.49 -3.33
N VAL A 90 -36.23 -16.30 -2.74
CA VAL A 90 -35.77 -15.14 -3.51
C VAL A 90 -34.38 -15.40 -4.10
N ARG A 91 -34.20 -14.97 -5.35
CA ARG A 91 -32.97 -15.13 -6.09
C ARG A 91 -32.32 -13.77 -6.29
N TYR A 92 -30.99 -13.70 -6.11
CA TYR A 92 -30.31 -12.45 -6.41
C TYR A 92 -28.88 -12.75 -6.88
N THR A 93 -28.01 -13.14 -5.95
CA THR A 93 -26.63 -13.49 -6.27
C THR A 93 -26.57 -14.90 -6.86
N CYS A 94 -25.64 -15.13 -7.80
CA CYS A 94 -25.54 -16.43 -8.46
C CYS A 94 -25.14 -17.55 -7.49
N GLU A 95 -25.81 -18.70 -7.60
CA GLU A 95 -25.41 -19.92 -6.91
C GLU A 95 -25.57 -21.10 -7.86
N GLN A 96 -25.23 -22.29 -7.38
CA GLN A 96 -25.49 -23.53 -8.11
C GLN A 96 -25.64 -24.64 -7.08
N ASN A 97 -26.85 -25.22 -7.03
CA ASN A 97 -27.30 -26.26 -6.09
C ASN A 97 -28.44 -27.04 -6.75
N GLU A 98 -29.07 -27.94 -5.99
CA GLU A 98 -30.16 -28.79 -6.48
C GLU A 98 -31.33 -27.96 -7.01
N GLY A 99 -31.55 -26.72 -6.51
CA GLY A 99 -32.74 -25.93 -6.81
C GLY A 99 -32.64 -25.13 -8.12
N MET A 100 -31.45 -25.17 -8.74
CA MET A 100 -31.19 -24.44 -9.98
C MET A 100 -30.69 -25.41 -11.04
N LYS A 101 -31.48 -25.60 -12.11
CA LYS A 101 -31.07 -26.54 -13.14
C LYS A 101 -29.81 -26.04 -13.84
N GLY A 102 -29.77 -24.74 -14.15
CA GLY A 102 -28.73 -24.19 -14.98
C GLY A 102 -29.07 -22.75 -15.38
N TYR A 103 -28.05 -22.04 -15.89
CA TYR A 103 -28.27 -20.69 -16.36
C TYR A 103 -27.03 -20.31 -17.14
N GLY A 104 -27.18 -19.36 -18.08
CA GLY A 104 -26.02 -18.86 -18.79
C GLY A 104 -26.45 -18.01 -19.98
N TRP A 105 -25.46 -17.44 -20.67
CA TRP A 105 -25.68 -16.57 -21.81
C TRP A 105 -25.82 -17.46 -23.04
N ASP A 106 -26.89 -17.26 -23.81
CA ASP A 106 -27.00 -18.06 -25.02
C ASP A 106 -26.22 -17.37 -26.13
N GLU A 107 -26.07 -16.05 -26.00
CA GLU A 107 -25.45 -15.18 -26.96
C GLU A 107 -24.97 -13.96 -26.19
N TYR A 108 -23.77 -13.48 -26.52
CA TYR A 108 -23.32 -12.28 -25.84
C TYR A 108 -22.17 -11.63 -26.58
N ASP A 109 -22.25 -10.30 -26.69
CA ASP A 109 -21.16 -9.45 -27.12
C ASP A 109 -21.26 -8.19 -26.29
N PRO A 110 -20.20 -7.78 -25.55
CA PRO A 110 -20.30 -6.65 -24.64
C PRO A 110 -20.59 -5.29 -25.30
N ARG A 111 -20.28 -5.16 -26.59
CA ARG A 111 -20.60 -3.94 -27.30
C ARG A 111 -22.09 -3.87 -27.66
N ARG A 112 -22.77 -5.02 -27.71
CA ARG A 112 -24.14 -5.08 -28.25
C ARG A 112 -25.20 -5.51 -27.21
N GLY A 113 -24.80 -6.43 -26.33
CA GLY A 113 -25.71 -7.08 -25.39
C GLY A 113 -25.89 -8.56 -25.73
N GLY A 114 -27.00 -9.14 -25.28
CA GLY A 114 -27.21 -10.57 -25.51
C GLY A 114 -28.43 -11.13 -24.79
N ILE A 115 -28.52 -12.46 -24.75
CA ILE A 115 -29.67 -13.14 -24.17
C ILE A 115 -29.17 -14.20 -23.19
N GLN A 116 -29.71 -14.16 -21.97
CA GLN A 116 -29.40 -15.10 -20.92
C GLN A 116 -30.64 -15.93 -20.61
N SER A 117 -30.45 -17.24 -20.38
CA SER A 117 -31.57 -18.02 -19.89
C SER A 117 -31.25 -18.70 -18.55
N ILE A 118 -32.28 -18.73 -17.69
CA ILE A 118 -32.14 -19.16 -16.32
C ILE A 118 -33.21 -20.23 -16.10
N HIS A 119 -32.78 -21.39 -15.60
CA HIS A 119 -33.69 -22.50 -15.37
C HIS A 119 -33.80 -22.78 -13.87
N ASP A 120 -34.87 -22.28 -13.25
CA ASP A 120 -34.99 -22.25 -11.80
C ASP A 120 -36.02 -23.30 -11.38
N ILE A 121 -35.54 -24.35 -10.72
CA ILE A 121 -36.42 -25.45 -10.34
C ILE A 121 -37.18 -25.04 -9.08
N GLN A 122 -36.48 -24.49 -8.09
CA GLN A 122 -37.11 -24.12 -6.84
C GLN A 122 -38.30 -23.21 -7.11
N ASN A 123 -38.15 -22.31 -8.09
CA ASN A 123 -39.17 -21.29 -8.32
C ASN A 123 -40.03 -21.63 -9.53
N GLY A 124 -39.86 -22.86 -10.06
CA GLY A 124 -40.61 -23.39 -11.19
C GLY A 124 -40.68 -22.44 -12.38
N LEU A 125 -39.60 -21.70 -12.63
CA LEU A 125 -39.58 -20.66 -13.65
C LEU A 125 -38.42 -20.85 -14.63
N ASP A 126 -38.74 -20.75 -15.93
CA ASP A 126 -37.75 -20.54 -16.98
C ASP A 126 -37.77 -19.06 -17.34
N ILE A 127 -36.61 -18.43 -17.13
CA ILE A 127 -36.51 -16.99 -17.28
C ILE A 127 -35.55 -16.67 -18.42
N THR A 128 -35.84 -15.58 -19.13
CA THR A 128 -34.97 -15.02 -20.14
C THR A 128 -34.75 -13.54 -19.82
N THR A 129 -33.50 -13.08 -19.86
CA THR A 129 -33.17 -11.67 -19.72
C THR A 129 -32.41 -11.27 -20.98
N SER A 130 -32.98 -10.39 -21.81
CA SER A 130 -32.35 -9.93 -23.04
C SER A 130 -31.87 -8.51 -22.79
N PHE A 131 -30.61 -8.22 -23.11
CA PHE A 131 -30.09 -6.90 -22.82
C PHE A 131 -29.51 -6.34 -24.13
N VAL A 132 -29.77 -5.06 -24.39
CA VAL A 132 -29.31 -4.52 -25.66
C VAL A 132 -28.84 -3.09 -25.45
N LYS A 133 -27.78 -2.72 -26.17
CA LYS A 133 -27.25 -1.37 -26.08
C LYS A 133 -27.59 -0.59 -27.35
N ILE A 134 -27.93 0.69 -27.19
CA ILE A 134 -28.25 1.54 -28.33
C ILE A 134 -27.37 2.78 -28.28
N PRO A 135 -26.33 2.87 -29.15
CA PRO A 135 -25.34 3.94 -29.07
C PRO A 135 -25.98 5.31 -29.34
N GLY A 136 -25.32 6.36 -28.85
CA GLY A 136 -25.87 7.69 -29.07
C GLY A 136 -25.58 8.64 -27.91
N GLY A 137 -25.58 9.94 -28.22
CA GLY A 137 -25.27 10.96 -27.23
C GLY A 137 -23.79 10.93 -26.89
N ALA A 138 -23.47 11.38 -25.67
CA ALA A 138 -22.09 11.56 -25.25
C ALA A 138 -21.81 10.83 -23.93
N HIS A 139 -22.73 9.98 -23.47
CA HIS A 139 -22.56 9.44 -22.14
C HIS A 139 -22.51 7.91 -22.15
N GLY A 140 -22.20 7.36 -23.33
CA GLY A 140 -21.98 5.93 -23.44
C GLY A 140 -23.23 5.22 -23.93
N GLY A 141 -24.16 6.01 -24.48
CA GLY A 141 -25.32 5.41 -25.12
C GLY A 141 -26.40 5.01 -24.11
N SER A 142 -27.39 4.29 -24.65
CA SER A 142 -28.60 3.86 -23.97
C SER A 142 -28.63 2.33 -23.97
N TRP A 143 -29.60 1.74 -23.24
CA TRP A 143 -29.74 0.29 -23.17
C TRP A 143 -31.16 -0.10 -22.74
N ALA A 144 -31.50 -1.37 -22.98
CA ALA A 144 -32.83 -1.87 -22.62
C ALA A 144 -32.73 -3.35 -22.26
N ALA A 145 -33.67 -3.81 -21.44
CA ALA A 145 -33.70 -5.21 -21.09
C ALA A 145 -35.14 -5.68 -21.15
N ARG A 146 -35.32 -6.91 -21.61
CA ARG A 146 -36.62 -7.54 -21.41
C ARG A 146 -36.42 -8.69 -20.43
N ILE A 147 -37.25 -8.71 -19.37
CA ILE A 147 -37.26 -9.83 -18.44
C ILE A 147 -38.52 -10.66 -18.71
N LYS A 148 -38.36 -11.92 -19.09
CA LYS A 148 -39.51 -12.77 -19.35
C LYS A 148 -39.49 -14.01 -18.47
N GLY A 149 -40.60 -14.27 -17.74
CA GLY A 149 -40.67 -15.49 -16.95
C GLY A 149 -41.83 -16.41 -17.35
N THR A 150 -41.50 -17.69 -17.65
CA THR A 150 -42.51 -18.68 -18.04
C THR A 150 -42.51 -19.78 -16.99
N LEU A 151 -43.67 -20.05 -16.37
CA LEU A 151 -43.70 -21.19 -15.45
C LEU A 151 -43.37 -22.46 -16.24
N ASN A 152 -42.65 -23.39 -15.60
CA ASN A 152 -42.44 -24.70 -16.17
C ASN A 152 -43.65 -25.59 -15.90
N ASP A 153 -43.59 -26.82 -16.42
CA ASP A 153 -44.73 -27.73 -16.39
C ASP A 153 -45.09 -28.11 -14.96
N ASP A 154 -44.11 -28.05 -14.07
CA ASP A 154 -44.33 -28.55 -12.73
C ASP A 154 -45.02 -27.50 -11.85
N ALA A 155 -44.82 -26.22 -12.14
CA ALA A 155 -45.27 -25.19 -11.20
C ALA A 155 -46.79 -25.13 -11.16
N PRO A 156 -47.40 -24.74 -10.01
CA PRO A 156 -48.83 -24.45 -9.97
C PRO A 156 -49.11 -23.30 -10.93
N LYS A 157 -50.19 -23.44 -11.70
CA LYS A 157 -50.48 -22.53 -12.81
C LYS A 157 -50.80 -21.14 -12.26
N ASP A 158 -51.22 -21.09 -10.99
CA ASP A 158 -51.60 -19.85 -10.32
C ASP A 158 -50.50 -19.39 -9.35
N GLN A 159 -49.26 -19.88 -9.55
CA GLN A 159 -48.12 -19.40 -8.77
C GLN A 159 -48.08 -17.87 -8.72
N LYS A 160 -47.88 -17.36 -7.51
CA LYS A 160 -47.48 -15.96 -7.34
C LYS A 160 -45.95 -15.85 -7.29
N THR A 161 -45.40 -15.01 -8.18
CA THR A 161 -43.98 -14.68 -8.22
C THR A 161 -43.79 -13.19 -7.91
N ILE A 162 -43.03 -12.88 -6.84
CA ILE A 162 -42.58 -11.52 -6.56
C ILE A 162 -41.39 -11.15 -7.45
N VAL A 163 -41.45 -9.98 -8.11
CA VAL A 163 -40.34 -9.53 -8.94
C VAL A 163 -39.93 -8.13 -8.51
N VAL A 164 -38.61 -7.94 -8.35
CA VAL A 164 -38.07 -6.66 -7.91
C VAL A 164 -37.02 -6.17 -8.90
N PHE A 165 -37.16 -4.91 -9.32
CA PHE A 165 -36.07 -4.24 -10.02
C PHE A 165 -35.51 -3.21 -9.04
N TYR A 166 -34.23 -3.42 -8.67
CA TYR A 166 -33.58 -2.64 -7.62
C TYR A 166 -32.58 -1.70 -8.29
N VAL A 167 -32.70 -0.41 -7.97
CA VAL A 167 -31.85 0.56 -8.63
C VAL A 167 -31.17 1.41 -7.56
N SER A 168 -29.86 1.61 -7.71
CA SER A 168 -29.12 2.43 -6.76
C SER A 168 -28.19 3.37 -7.52
N GLN A 169 -27.84 4.52 -6.89
CA GLN A 169 -26.84 5.42 -7.46
C GLN A 169 -25.94 6.02 -6.37
N GLU A 170 -24.64 5.83 -6.58
CA GLU A 170 -23.58 6.36 -5.73
C GLU A 170 -23.02 7.63 -6.38
N GLY A 171 -22.60 8.59 -5.56
CA GLY A 171 -22.15 9.90 -6.02
C GLY A 171 -22.72 11.03 -5.15
N GLU A 172 -21.89 12.06 -4.89
CA GLU A 172 -22.19 13.15 -3.98
C GLU A 172 -23.24 14.11 -4.55
N ASN A 173 -23.06 14.52 -5.82
CA ASN A 173 -23.94 15.49 -6.48
C ASN A 173 -24.55 14.85 -7.71
N SER A 174 -25.40 13.87 -7.44
CA SER A 174 -26.15 13.16 -8.46
C SER A 174 -27.53 12.91 -7.88
N GLU A 175 -28.48 12.68 -8.76
CA GLU A 175 -29.83 12.64 -8.23
C GLU A 175 -30.60 11.65 -9.07
N LEU A 176 -31.63 11.08 -8.43
CA LEU A 176 -32.52 10.11 -9.05
C LEU A 176 -33.88 10.22 -8.36
N GLU A 177 -34.95 10.29 -9.16
CA GLU A 177 -36.27 10.49 -8.58
C GLU A 177 -37.32 9.68 -9.34
N ALA A 178 -38.13 8.93 -8.60
CA ALA A 178 -39.31 8.29 -9.16
C ALA A 178 -40.43 9.31 -9.32
N VAL A 179 -40.90 9.49 -10.55
CA VAL A 179 -42.08 10.29 -10.75
C VAL A 179 -43.27 9.57 -10.15
N PRO A 180 -44.05 10.22 -9.22
CA PRO A 180 -45.19 9.57 -8.55
C PRO A 180 -46.27 9.11 -9.53
N SER A 181 -47.10 8.15 -9.11
CA SER A 181 -48.17 7.69 -9.97
C SER A 181 -49.37 8.62 -9.85
N GLU A 182 -50.29 8.51 -10.82
CA GLU A 182 -51.60 9.14 -10.75
C GLU A 182 -52.42 8.48 -9.64
N ASN A 183 -52.35 7.14 -9.56
CA ASN A 183 -53.25 6.33 -8.75
C ASN A 183 -52.84 6.34 -7.27
N GLU A 184 -53.78 5.91 -6.41
CA GLU A 184 -53.65 6.19 -4.98
C GLU A 184 -52.55 5.33 -4.34
N PHE A 185 -52.48 4.05 -4.76
CA PHE A 185 -51.77 3.03 -4.00
C PHE A 185 -50.54 2.51 -4.72
N GLY A 186 -50.21 3.04 -5.91
CA GLY A 186 -49.17 2.49 -6.77
C GLY A 186 -49.47 2.70 -8.25
N TYR A 187 -48.86 1.87 -9.12
CA TYR A 187 -48.76 2.17 -10.54
C TYR A 187 -49.63 1.22 -11.36
N GLU A 188 -50.47 1.81 -12.22
CA GLU A 188 -51.21 1.02 -13.20
C GLU A 188 -50.35 0.87 -14.43
N GLY A 189 -49.47 1.85 -14.69
CA GLY A 189 -48.65 1.84 -15.90
C GLY A 189 -47.15 1.71 -15.60
N ASP A 190 -46.34 2.46 -16.34
CA ASP A 190 -44.90 2.38 -16.27
C ASP A 190 -44.38 3.18 -15.09
N VAL A 191 -43.20 2.79 -14.59
CA VAL A 191 -42.51 3.53 -13.55
C VAL A 191 -41.37 4.28 -14.22
N ILE A 192 -41.31 5.60 -13.99
CA ILE A 192 -40.30 6.40 -14.67
C ILE A 192 -39.37 6.94 -13.59
N LEU A 193 -38.06 6.66 -13.74
CA LEU A 193 -37.10 7.30 -12.84
C LEU A 193 -36.37 8.34 -13.66
N LYS A 194 -36.29 9.56 -13.12
CA LYS A 194 -35.48 10.63 -13.71
C LYS A 194 -34.26 10.83 -12.82
N GLY A 195 -33.07 10.85 -13.45
CA GLY A 195 -31.83 11.02 -12.72
C GLY A 195 -30.81 11.86 -13.48
N ARG A 196 -29.75 12.23 -12.75
CA ARG A 196 -28.66 13.04 -13.28
C ARG A 196 -27.37 12.68 -12.53
N SER A 197 -26.24 12.68 -13.26
CA SER A 197 -24.91 12.64 -12.66
C SER A 197 -23.90 13.27 -13.61
N GLU A 198 -22.72 13.67 -13.09
CA GLU A 198 -21.65 14.18 -13.94
C GLU A 198 -21.28 13.13 -15.00
N ALA A 199 -21.25 11.86 -14.58
CA ALA A 199 -20.83 10.78 -15.46
C ALA A 199 -21.87 10.50 -16.55
N LEU A 200 -23.17 10.55 -16.23
CA LEU A 200 -24.17 10.08 -17.18
C LEU A 200 -25.01 11.21 -17.78
N GLY A 201 -24.82 12.44 -17.28
CA GLY A 201 -25.66 13.53 -17.72
C GLY A 201 -27.08 13.27 -17.24
N ASN A 202 -28.06 13.77 -18.00
CA ASN A 202 -29.45 13.47 -17.69
C ASN A 202 -29.78 12.09 -18.28
N TYR A 203 -30.69 11.37 -17.61
CA TYR A 203 -31.16 10.11 -18.15
C TYR A 203 -32.51 9.79 -17.52
N LYS A 204 -33.26 8.94 -18.21
CA LYS A 204 -34.46 8.35 -17.64
C LYS A 204 -34.35 6.83 -17.75
N LEU A 205 -34.83 6.17 -16.70
CA LEU A 205 -34.86 4.71 -16.64
C LEU A 205 -36.32 4.34 -16.38
N VAL A 206 -36.89 3.57 -17.31
CA VAL A 206 -38.29 3.21 -17.21
C VAL A 206 -38.45 1.71 -16.96
N VAL A 207 -39.31 1.36 -15.99
CA VAL A 207 -39.71 -0.03 -15.86
C VAL A 207 -41.15 -0.17 -16.33
N THR A 208 -41.34 -0.82 -17.48
CA THR A 208 -42.65 -0.82 -18.11
C THR A 208 -43.66 -1.60 -17.27
N LYS A 209 -44.94 -1.40 -17.61
CA LYS A 209 -46.06 -2.01 -16.91
C LYS A 209 -45.91 -3.54 -16.96
N GLY A 210 -45.53 -4.05 -18.12
CA GLY A 210 -45.43 -5.49 -18.31
C GLY A 210 -46.78 -6.13 -18.67
N LYS A 211 -46.69 -7.43 -18.97
CA LYS A 211 -47.78 -8.31 -19.35
C LYS A 211 -47.78 -9.47 -18.35
N GLY A 212 -48.97 -9.87 -17.90
CA GLY A 212 -49.23 -11.00 -17.02
C GLY A 212 -50.29 -10.63 -15.99
N VAL A 213 -50.92 -11.62 -15.37
CA VAL A 213 -51.94 -11.37 -14.38
C VAL A 213 -51.31 -10.80 -13.10
N ILE A 214 -51.88 -9.68 -12.62
CA ILE A 214 -51.60 -9.11 -11.32
C ILE A 214 -52.69 -9.55 -10.35
N PRO A 215 -52.41 -10.42 -9.35
CA PRO A 215 -53.44 -10.88 -8.42
C PRO A 215 -54.08 -9.69 -7.68
N GLN A 216 -55.33 -9.87 -7.28
CA GLN A 216 -56.01 -8.80 -6.57
C GLN A 216 -56.51 -9.34 -5.24
N SER A 217 -56.38 -8.56 -4.18
CA SER A 217 -56.78 -9.01 -2.87
C SER A 217 -58.12 -8.37 -2.52
N ASP A 218 -59.03 -9.18 -1.96
CA ASP A 218 -60.34 -8.69 -1.57
C ASP A 218 -60.33 -8.30 -0.10
N HIS A 219 -59.15 -8.38 0.53
CA HIS A 219 -59.00 -8.16 1.96
C HIS A 219 -59.22 -6.69 2.31
N ASP A 220 -59.68 -6.44 3.54
CA ASP A 220 -59.78 -5.11 4.11
C ASP A 220 -58.50 -4.29 3.92
N LEU A 221 -57.34 -4.93 4.07
CA LEU A 221 -56.07 -4.24 3.87
C LEU A 221 -56.04 -3.46 2.55
N SER A 222 -56.82 -3.89 1.56
CA SER A 222 -56.73 -3.30 0.22
C SER A 222 -57.22 -1.86 0.22
N ARG A 223 -58.03 -1.51 1.23
CA ARG A 223 -58.50 -0.15 1.31
C ARG A 223 -57.37 0.81 1.73
N LEU A 224 -56.29 0.28 2.33
CA LEU A 224 -55.16 1.13 2.71
C LEU A 224 -53.95 0.84 1.83
N ARG A 225 -53.85 -0.33 1.22
CA ARG A 225 -52.63 -0.66 0.49
C ARG A 225 -52.94 -0.88 -0.99
N GLY A 226 -54.23 -0.76 -1.35
CA GLY A 226 -54.66 -1.06 -2.70
C GLY A 226 -54.90 -2.57 -2.87
N PRO A 227 -55.62 -2.99 -3.94
CA PRO A 227 -55.90 -4.41 -4.18
C PRO A 227 -54.69 -5.20 -4.66
N GLY A 228 -53.65 -4.50 -5.12
CA GLY A 228 -52.49 -5.14 -5.73
C GLY A 228 -52.11 -4.43 -7.02
N GLN A 229 -50.88 -3.87 -7.06
CA GLN A 229 -50.36 -3.05 -8.14
C GLN A 229 -48.84 -2.92 -7.99
N THR A 230 -48.16 -2.49 -9.07
CA THR A 230 -46.74 -2.19 -9.02
C THR A 230 -46.54 -1.09 -7.97
N VAL A 231 -45.53 -1.25 -7.11
CA VAL A 231 -45.19 -0.22 -6.13
C VAL A 231 -43.72 0.15 -6.25
N VAL A 232 -43.38 1.35 -5.75
CA VAL A 232 -42.02 1.86 -5.72
C VAL A 232 -41.75 2.43 -4.34
N GLN A 233 -40.62 2.01 -3.75
CA GLN A 233 -40.11 2.73 -2.59
C GLN A 233 -38.80 3.42 -2.93
N SER A 234 -38.69 4.69 -2.54
CA SER A 234 -37.53 5.49 -2.84
C SER A 234 -36.83 5.83 -1.54
N LEU A 235 -35.56 5.47 -1.39
CA LEU A 235 -34.91 5.53 -0.10
C LEU A 235 -33.51 6.07 -0.26
N THR A 236 -32.88 6.43 0.86
CA THR A 236 -31.47 6.77 0.85
CA THR A 236 -31.46 6.73 0.83
C THR A 236 -30.75 6.07 1.99
N TYR A 237 -29.54 5.56 1.67
CA TYR A 237 -28.63 4.98 2.63
C TYR A 237 -27.25 5.58 2.32
N PRO A 238 -26.25 5.48 3.22
CA PRO A 238 -24.88 5.90 2.87
C PRO A 238 -24.43 5.07 1.67
N ASP A 239 -23.81 5.75 0.70
CA ASP A 239 -23.46 5.21 -0.60
C ASP A 239 -22.77 3.85 -0.52
N GLU A 240 -22.01 3.60 0.55
CA GLU A 240 -21.12 2.45 0.54
C GLU A 240 -21.89 1.17 0.85
N VAL A 241 -23.17 1.29 1.22
CA VAL A 241 -23.93 0.08 1.52
C VAL A 241 -25.02 -0.18 0.46
N LEU A 242 -25.08 0.62 -0.61
CA LEU A 242 -26.15 0.51 -1.57
C LEU A 242 -26.19 -0.87 -2.26
N TRP A 243 -25.04 -1.55 -2.30
CA TRP A 243 -24.88 -2.84 -2.98
C TRP A 243 -25.62 -3.96 -2.24
N GLN A 244 -25.92 -3.72 -0.96
CA GLN A 244 -26.57 -4.72 -0.13
C GLN A 244 -28.09 -4.73 -0.36
N ALA A 245 -28.50 -5.15 -1.57
CA ALA A 245 -29.86 -5.05 -2.07
C ALA A 245 -30.81 -6.00 -1.32
N LYS A 246 -30.38 -7.23 -1.11
CA LYS A 246 -31.20 -8.18 -0.37
C LYS A 246 -31.53 -7.65 1.03
N PRO A 247 -30.53 -7.34 1.88
CA PRO A 247 -30.83 -6.79 3.22
C PRO A 247 -31.67 -5.52 3.20
N ILE A 248 -31.47 -4.66 2.19
CA ILE A 248 -32.17 -3.41 2.11
C ILE A 248 -33.65 -3.71 1.81
N LEU A 249 -33.90 -4.66 0.89
CA LEU A 249 -35.25 -5.03 0.53
C LEU A 249 -35.95 -5.61 1.76
N PHE A 250 -35.29 -6.55 2.43
CA PHE A 250 -35.96 -7.26 3.51
C PHE A 250 -36.30 -6.32 4.68
N GLN A 251 -35.46 -5.31 4.87
CA GLN A 251 -35.71 -4.39 5.96
C GLN A 251 -37.02 -3.65 5.66
N GLN A 252 -37.22 -3.30 4.38
CA GLN A 252 -38.47 -2.66 3.95
C GLN A 252 -39.65 -3.62 4.11
N LEU A 253 -39.48 -4.90 3.73
CA LEU A 253 -40.54 -5.90 3.89
C LEU A 253 -40.90 -6.05 5.37
N LYS A 254 -39.86 -6.12 6.22
CA LYS A 254 -40.03 -6.24 7.66
C LYS A 254 -40.76 -5.03 8.24
N ALA A 255 -40.48 -3.82 7.74
CA ALA A 255 -41.20 -2.65 8.23
C ALA A 255 -42.68 -2.75 7.86
N GLY A 256 -42.99 -3.15 6.62
CA GLY A 256 -44.35 -3.45 6.18
C GLY A 256 -45.08 -4.44 7.10
N ILE A 257 -44.46 -5.59 7.41
CA ILE A 257 -45.09 -6.59 8.26
C ILE A 257 -45.33 -6.02 9.67
N ASP A 258 -44.36 -5.27 10.20
CA ASP A 258 -44.51 -4.66 11.52
C ASP A 258 -45.68 -3.68 11.55
N TRP A 259 -45.85 -2.95 10.44
CA TRP A 259 -46.99 -2.06 10.30
C TRP A 259 -48.30 -2.85 10.38
N LEU A 260 -48.39 -4.01 9.71
CA LEU A 260 -49.56 -4.88 9.77
C LEU A 260 -49.86 -5.25 11.22
N VAL A 261 -48.82 -5.69 11.96
CA VAL A 261 -49.00 -6.08 13.36
C VAL A 261 -49.53 -4.89 14.15
N GLU A 262 -48.93 -3.70 13.96
CA GLU A 262 -49.28 -2.55 14.77
C GLU A 262 -50.73 -2.15 14.52
N ASN A 263 -51.22 -2.36 13.28
CA ASN A 263 -52.52 -1.91 12.85
C ASN A 263 -53.55 -3.04 12.79
N LYS A 264 -53.37 -4.06 13.65
CA LYS A 264 -54.41 -5.02 13.98
C LYS A 264 -54.69 -5.98 12.82
N TYR A 265 -53.78 -6.12 11.84
CA TYR A 265 -53.90 -7.20 10.87
C TYR A 265 -53.23 -8.45 11.47
N ASP A 266 -54.00 -9.53 11.69
CA ASP A 266 -53.59 -10.65 12.54
C ASP A 266 -54.03 -12.01 11.97
N VAL A 267 -53.79 -13.08 12.74
CA VAL A 267 -53.98 -14.43 12.24
C VAL A 267 -55.45 -14.82 12.28
N ALA A 268 -56.31 -13.96 12.85
CA ALA A 268 -57.75 -14.24 12.82
C ALA A 268 -58.29 -14.08 11.41
N ASP A 269 -57.69 -13.16 10.64
CA ASP A 269 -58.11 -12.78 9.29
C ASP A 269 -56.90 -12.18 8.53
N PRO A 270 -55.89 -12.97 8.10
CA PRO A 270 -54.66 -12.40 7.57
C PRO A 270 -54.81 -12.08 6.08
N PRO A 271 -54.21 -10.97 5.59
CA PRO A 271 -54.18 -10.71 4.15
C PRO A 271 -53.41 -11.85 3.48
N PRO A 272 -53.60 -12.13 2.17
CA PRO A 272 -52.79 -13.18 1.54
C PRO A 272 -51.28 -12.89 1.58
N PRO A 273 -50.41 -13.94 1.53
CA PRO A 273 -48.96 -13.74 1.65
C PRO A 273 -48.41 -12.69 0.71
N TRP A 274 -48.83 -12.76 -0.55
CA TRP A 274 -48.29 -11.93 -1.59
C TRP A 274 -48.62 -10.46 -1.34
N GLN A 275 -49.70 -10.20 -0.58
CA GLN A 275 -50.07 -8.84 -0.23
C GLN A 275 -49.34 -8.44 1.06
N VAL A 276 -49.10 -9.42 1.96
CA VAL A 276 -48.32 -9.12 3.15
C VAL A 276 -46.90 -8.68 2.73
N TYR A 277 -46.38 -9.26 1.65
CA TYR A 277 -45.05 -8.95 1.15
C TYR A 277 -45.01 -7.93 0.00
N LEU A 278 -46.10 -7.15 -0.19
CA LEU A 278 -46.11 -6.10 -1.18
C LEU A 278 -45.86 -4.76 -0.47
N LEU A 279 -44.75 -4.11 -0.82
CA LEU A 279 -44.35 -2.88 -0.14
C LEU A 279 -45.43 -1.80 -0.31
N ALA A 280 -45.64 -0.98 0.73
CA ALA A 280 -46.40 0.27 0.62
C ALA A 280 -45.69 1.18 -0.37
N ASN A 281 -46.43 1.68 -1.36
CA ASN A 281 -45.89 2.58 -2.36
C ASN A 281 -45.50 3.89 -1.68
N LYS A 282 -44.25 4.36 -1.88
CA LYS A 282 -43.75 5.65 -1.41
C LYS A 282 -42.65 6.15 -2.34
N PRO A 283 -42.95 6.54 -3.60
CA PRO A 283 -41.92 7.00 -4.51
C PRO A 283 -41.43 8.40 -4.13
N GLY A 284 -40.19 8.71 -4.55
CA GLY A 284 -39.60 10.00 -4.30
C GLY A 284 -38.18 10.11 -4.83
N SER A 285 -37.41 10.94 -4.12
CA SER A 285 -35.98 11.16 -4.32
C SER A 285 -35.25 10.18 -3.43
N GLY A 286 -34.12 9.68 -3.92
CA GLY A 286 -33.24 8.88 -3.09
C GLY A 286 -32.10 8.30 -3.92
N ASN A 287 -31.18 7.60 -3.24
CA ASN A 287 -30.12 6.89 -3.95
C ASN A 287 -30.44 5.39 -4.04
N VAL A 288 -31.58 4.95 -3.49
CA VAL A 288 -32.11 3.62 -3.73
C VAL A 288 -33.56 3.68 -4.22
N HIS A 289 -33.87 2.94 -5.30
CA HIS A 289 -35.26 2.82 -5.74
C HIS A 289 -35.64 1.35 -5.92
N ILE A 290 -36.63 0.89 -5.14
CA ILE A 290 -37.08 -0.49 -5.24
C ILE A 290 -38.40 -0.48 -6.02
N VAL A 291 -38.42 -1.19 -7.14
CA VAL A 291 -39.63 -1.35 -7.94
C VAL A 291 -40.09 -2.80 -7.81
N GLN A 292 -41.29 -3.01 -7.26
CA GLN A 292 -41.81 -4.35 -7.00
C GLN A 292 -43.11 -4.58 -7.78
N LYS A 293 -43.21 -5.75 -8.43
CA LYS A 293 -44.41 -6.27 -9.07
C LYS A 293 -44.67 -7.68 -8.52
N VAL A 294 -45.94 -8.04 -8.39
CA VAL A 294 -46.35 -9.41 -8.14
C VAL A 294 -47.11 -9.91 -9.37
N PHE A 295 -46.77 -11.11 -9.84
CA PHE A 295 -47.47 -11.70 -10.98
C PHE A 295 -48.05 -13.07 -10.59
N GLU A 296 -49.16 -13.42 -11.26
CA GLU A 296 -49.73 -14.76 -11.18
C GLU A 296 -49.62 -15.38 -12.57
N GLY A 297 -48.92 -16.52 -12.69
CA GLY A 297 -48.65 -17.10 -13.99
C GLY A 297 -47.49 -16.40 -14.69
N ASP A 298 -47.42 -16.49 -16.03
CA ASP A 298 -46.27 -16.01 -16.78
C ASP A 298 -46.22 -14.49 -16.77
N PHE A 299 -45.04 -13.90 -17.02
CA PHE A 299 -44.95 -12.45 -16.96
C PHE A 299 -43.82 -11.97 -17.87
N GLU A 300 -43.83 -10.67 -18.17
CA GLU A 300 -42.66 -10.03 -18.76
C GLU A 300 -42.80 -8.55 -18.55
N PHE A 301 -41.65 -7.86 -18.48
CA PHE A 301 -41.63 -6.41 -18.45
C PHE A 301 -40.29 -5.97 -19.02
N ASP A 302 -40.21 -4.68 -19.38
CA ASP A 302 -39.01 -4.13 -19.99
C ASP A 302 -38.38 -3.11 -19.04
N ILE A 303 -37.08 -2.90 -19.19
CA ILE A 303 -36.40 -1.78 -18.55
C ILE A 303 -35.80 -0.97 -19.68
N LEU A 304 -36.12 0.33 -19.71
CA LEU A 304 -35.64 1.17 -20.80
C LEU A 304 -34.79 2.30 -20.23
N PHE A 305 -33.49 2.26 -20.55
CA PHE A 305 -32.58 3.28 -20.09
C PHE A 305 -32.31 4.23 -21.26
N SER A 306 -32.75 5.48 -21.10
CA SER A 306 -32.67 6.49 -22.14
C SER A 306 -31.68 7.58 -21.73
N SER A 307 -30.58 7.67 -22.47
CA SER A 307 -29.58 8.71 -22.25
C SER A 307 -30.09 10.02 -22.88
N GLU A 308 -30.24 11.08 -22.09
CA GLU A 308 -30.93 12.24 -22.63
C GLU A 308 -30.17 12.87 -23.79
N SER A 309 -28.83 12.87 -23.69
CA SER A 309 -27.96 13.44 -24.71
C SER A 309 -28.05 12.71 -26.06
N ALA A 310 -28.89 11.66 -26.19
CA ALA A 310 -28.95 10.89 -27.43
C ALA A 310 -30.20 11.23 -28.25
N GLY A 311 -31.04 12.13 -27.74
CA GLY A 311 -32.25 12.49 -28.44
C GLY A 311 -33.43 11.61 -28.02
N LYS A 312 -34.16 11.06 -29.00
CA LYS A 312 -35.42 10.39 -28.73
C LYS A 312 -35.17 9.20 -27.79
N GLU A 313 -36.10 9.01 -26.86
CA GLU A 313 -35.94 8.03 -25.80
C GLU A 313 -36.17 6.62 -26.35
N VAL A 314 -35.65 5.62 -25.64
CA VAL A 314 -35.73 4.22 -26.03
C VAL A 314 -37.15 3.70 -25.79
N THR A 315 -37.65 2.92 -26.74
CA THR A 315 -38.98 2.34 -26.60
C THR A 315 -38.83 0.83 -26.54
N SER A 316 -39.93 0.15 -26.18
CA SER A 316 -39.99 -1.30 -26.23
C SER A 316 -39.81 -1.80 -27.66
N LYS A 317 -40.33 -1.05 -28.64
CA LYS A 317 -40.18 -1.42 -30.05
C LYS A 317 -38.70 -1.37 -30.43
N ASP A 318 -37.99 -0.34 -29.96
CA ASP A 318 -36.56 -0.28 -30.19
C ASP A 318 -35.89 -1.55 -29.64
N LEU A 319 -36.37 -1.99 -28.46
CA LEU A 319 -35.72 -3.08 -27.75
C LEU A 319 -35.82 -4.34 -28.59
N GLU A 320 -37.03 -4.60 -29.12
CA GLU A 320 -37.32 -5.82 -29.85
C GLU A 320 -36.50 -5.87 -31.14
N ARG A 321 -36.34 -4.70 -31.78
CA ARG A 321 -35.64 -4.57 -33.05
C ARG A 321 -34.14 -4.73 -32.80
N GLU A 322 -33.65 -4.08 -31.74
CA GLU A 322 -32.22 -4.13 -31.47
C GLU A 322 -31.82 -5.54 -31.02
N VAL A 323 -32.72 -6.25 -30.31
CA VAL A 323 -32.45 -7.62 -29.91
C VAL A 323 -32.34 -8.52 -31.14
N LYS A 324 -33.29 -8.39 -32.09
CA LYS A 324 -33.25 -9.18 -33.32
C LYS A 324 -31.93 -8.94 -34.06
N GLN A 325 -31.46 -7.69 -34.04
CA GLN A 325 -30.29 -7.29 -34.81
C GLN A 325 -29.04 -7.91 -34.18
N ALA A 326 -28.94 -7.81 -32.85
CA ALA A 326 -27.79 -8.37 -32.13
C ALA A 326 -27.59 -9.85 -32.44
N THR A 327 -28.65 -10.66 -32.46
CA THR A 327 -28.58 -12.10 -32.75
C THR A 327 -28.01 -12.36 -34.14
N GLU A 328 -28.48 -11.61 -35.13
CA GLU A 328 -28.07 -11.79 -36.52
C GLU A 328 -26.57 -11.48 -36.62
N VAL A 329 -26.16 -10.36 -35.99
CA VAL A 329 -24.76 -9.97 -35.95
C VAL A 329 -23.90 -11.00 -35.21
N PHE A 330 -24.38 -11.49 -34.04
CA PHE A 330 -23.68 -12.53 -33.28
C PHE A 330 -23.45 -13.75 -34.17
N GLY A 331 -24.54 -14.22 -34.79
CA GLY A 331 -24.51 -15.39 -35.66
C GLY A 331 -23.44 -15.30 -36.74
N GLU A 332 -23.32 -14.11 -37.36
CA GLU A 332 -22.43 -13.90 -38.50
C GLU A 332 -20.97 -13.87 -38.02
N ARG A 333 -20.70 -13.20 -36.88
CA ARG A 333 -19.34 -13.13 -36.40
C ARG A 333 -18.88 -14.52 -35.92
N PHE A 334 -19.79 -15.27 -35.27
CA PHE A 334 -19.43 -16.60 -34.79
C PHE A 334 -18.94 -17.47 -35.93
N ALA A 335 -19.68 -17.50 -37.05
CA ALA A 335 -19.40 -18.40 -38.17
C ALA A 335 -18.04 -18.07 -38.79
N ARG A 336 -17.68 -16.78 -38.72
CA ARG A 336 -16.41 -16.29 -39.26
C ARG A 336 -15.28 -16.54 -38.28
N VAL A 337 -15.48 -16.19 -37.00
CA VAL A 337 -14.37 -16.18 -36.04
C VAL A 337 -14.15 -17.59 -35.48
N PHE A 338 -15.24 -18.34 -35.24
CA PHE A 338 -15.19 -19.68 -34.70
C PHE A 338 -15.76 -20.69 -35.70
N ASP A 339 -15.04 -20.83 -36.82
CA ASP A 339 -15.41 -21.76 -37.87
C ASP A 339 -14.94 -23.16 -37.46
N LEU A 340 -15.87 -23.97 -36.97
CA LEU A 340 -15.50 -25.26 -36.36
C LEU A 340 -15.06 -26.22 -37.44
N LYS A 341 -13.90 -26.85 -37.24
CA LYS A 341 -13.35 -27.83 -38.17
C LYS A 341 -13.82 -29.25 -37.83
N ALA A 342 -13.68 -30.13 -38.83
CA ALA A 342 -13.97 -31.55 -38.67
C ALA A 342 -13.21 -32.10 -37.46
N PRO A 343 -13.82 -33.06 -36.71
CA PRO A 343 -15.19 -33.52 -36.94
C PRO A 343 -16.26 -32.79 -36.13
N PHE A 344 -16.09 -31.47 -35.92
CA PHE A 344 -17.01 -30.74 -35.06
C PHE A 344 -17.79 -29.69 -35.84
N GLN A 345 -18.13 -29.99 -37.10
CA GLN A 345 -18.70 -28.97 -37.96
C GLN A 345 -20.21 -28.97 -37.80
N GLY A 346 -20.75 -30.05 -37.21
CA GLY A 346 -22.19 -30.25 -37.09
C GLY A 346 -22.84 -29.20 -36.17
N ASP A 347 -24.18 -29.12 -36.22
CA ASP A 347 -24.96 -28.09 -35.55
C ASP A 347 -24.93 -28.28 -34.03
N ASN A 348 -24.75 -29.51 -33.55
CA ASN A 348 -24.75 -29.81 -32.13
C ASN A 348 -23.51 -29.13 -31.52
N TYR A 349 -22.38 -29.27 -32.20
CA TYR A 349 -21.12 -28.68 -31.81
C TYR A 349 -21.14 -27.17 -31.92
N LYS A 350 -21.88 -26.66 -32.92
CA LYS A 350 -21.99 -25.22 -33.10
C LYS A 350 -22.70 -24.68 -31.86
N LYS A 351 -23.78 -25.35 -31.47
CA LYS A 351 -24.57 -24.85 -30.36
C LYS A 351 -23.72 -24.96 -29.09
N PHE A 352 -22.96 -26.05 -28.97
CA PHE A 352 -22.08 -26.27 -27.84
C PHE A 352 -21.07 -25.12 -27.79
N GLY A 353 -20.43 -24.84 -28.93
CA GLY A 353 -19.43 -23.79 -29.05
C GLY A 353 -19.98 -22.42 -28.66
N LYS A 354 -21.18 -22.10 -29.17
CA LYS A 354 -21.83 -20.82 -28.90
C LYS A 354 -22.13 -20.68 -27.41
N SER A 355 -22.49 -21.80 -26.77
CA SER A 355 -22.77 -21.79 -25.34
C SER A 355 -21.49 -21.56 -24.53
N MET A 356 -20.41 -22.26 -24.88
CA MET A 356 -19.15 -22.16 -24.14
C MET A 356 -18.58 -20.76 -24.32
N PHE A 357 -18.60 -20.28 -25.57
CA PHE A 357 -18.04 -18.96 -25.84
C PHE A 357 -18.85 -17.87 -25.14
N SER A 358 -20.18 -17.96 -25.25
CA SER A 358 -21.03 -16.89 -24.75
C SER A 358 -20.93 -16.75 -23.23
N ASN A 359 -20.78 -17.88 -22.53
CA ASN A 359 -20.66 -17.87 -21.07
C ASN A 359 -19.33 -17.25 -20.66
N LEU A 360 -18.29 -17.48 -21.46
CA LEU A 360 -16.98 -16.92 -21.17
C LEU A 360 -17.00 -15.40 -21.31
N ILE A 361 -17.46 -14.89 -22.45
CA ILE A 361 -17.35 -13.47 -22.70
C ILE A 361 -18.44 -12.77 -21.89
N GLY A 362 -19.59 -13.45 -21.70
CA GLY A 362 -20.66 -12.93 -20.86
C GLY A 362 -20.32 -12.84 -19.36
N GLY A 363 -19.22 -13.46 -18.91
CA GLY A 363 -18.81 -13.31 -17.53
C GLY A 363 -18.02 -12.01 -17.28
N ILE A 364 -17.80 -11.21 -18.33
CA ILE A 364 -17.05 -9.97 -18.15
C ILE A 364 -17.72 -9.10 -17.08
N GLY A 365 -16.91 -8.58 -16.16
CA GLY A 365 -17.45 -7.72 -15.13
C GLY A 365 -16.62 -6.45 -14.96
N TYR A 366 -17.25 -5.43 -14.35
CA TYR A 366 -16.59 -4.25 -13.83
C TYR A 366 -16.64 -4.26 -12.31
N PHE A 367 -15.46 -4.27 -11.70
CA PHE A 367 -15.30 -4.36 -10.25
C PHE A 367 -14.61 -3.07 -9.79
N TYR A 368 -14.96 -2.61 -8.57
CA TYR A 368 -14.48 -1.32 -8.08
C TYR A 368 -14.44 -1.33 -6.57
N GLY A 369 -13.32 -0.86 -5.99
CA GLY A 369 -13.27 -0.81 -4.54
C GLY A 369 -11.86 -1.00 -3.98
N HIS A 370 -11.76 -1.07 -2.65
CA HIS A 370 -10.50 -1.35 -1.98
C HIS A 370 -10.20 -2.86 -1.96
N SER A 371 -8.90 -3.22 -1.92
CA SER A 371 -8.36 -4.56 -1.70
C SER A 371 -7.64 -4.61 -0.36
N LEU A 372 -7.54 -5.84 0.18
CA LEU A 372 -6.83 -6.17 1.41
C LEU A 372 -5.41 -6.67 1.08
N VAL A 373 -4.38 -5.92 1.50
CA VAL A 373 -3.00 -6.22 1.14
C VAL A 373 -2.09 -6.09 2.37
N ASP A 374 -1.26 -7.11 2.59
CA ASP A 374 -0.24 -7.04 3.62
C ASP A 374 0.93 -6.30 3.01
N ARG A 375 1.17 -5.02 3.42
CA ARG A 375 2.28 -4.26 2.87
C ARG A 375 3.41 -4.17 3.90
N SER A 376 3.51 -5.15 4.81
CA SER A 376 4.60 -5.16 5.78
C SER A 376 5.96 -5.48 5.16
N TYR A 377 5.99 -6.11 3.98
CA TYR A 377 7.15 -6.81 3.46
C TYR A 377 7.94 -7.46 4.61
N ALA A 378 7.26 -8.20 5.51
CA ALA A 378 8.01 -8.82 6.59
C ALA A 378 9.18 -9.63 6.02
N PRO A 379 10.34 -9.69 6.72
CA PRO A 379 11.49 -10.44 6.21
C PRO A 379 11.25 -11.96 6.10
N GLU A 380 10.36 -12.50 6.92
CA GLU A 380 9.97 -13.90 6.85
C GLU A 380 9.42 -14.23 5.45
N TYR A 381 8.97 -13.21 4.71
CA TYR A 381 8.35 -13.46 3.40
C TYR A 381 9.45 -13.71 2.37
N ASP A 382 10.71 -13.57 2.78
CA ASP A 382 11.81 -13.74 1.85
C ASP A 382 12.07 -15.24 1.65
N GLU A 383 11.65 -16.02 2.65
CA GLU A 383 11.74 -17.48 2.60
C GLU A 383 13.18 -17.91 2.31
N GLU A 384 14.15 -17.47 3.14
CA GLU A 384 15.55 -17.72 2.82
C GLU A 384 16.10 -18.90 3.61
N ASN A 385 15.36 -19.27 4.66
CA ASN A 385 15.76 -20.33 5.56
C ASN A 385 14.92 -21.60 5.34
N GLU A 386 15.48 -22.72 5.84
CA GLU A 386 14.73 -23.96 6.01
C GLU A 386 13.57 -23.72 6.96
N GLY A 387 12.42 -24.34 6.69
CA GLY A 387 11.26 -24.18 7.56
C GLY A 387 10.53 -22.85 7.34
N PHE A 388 10.82 -22.19 6.21
CA PHE A 388 10.37 -20.83 5.96
C PHE A 388 8.86 -20.69 6.08
N TRP A 389 8.11 -21.79 5.95
CA TRP A 389 6.65 -21.67 5.91
C TRP A 389 6.11 -21.31 7.29
N GLU A 390 6.76 -21.81 8.35
CA GLU A 390 6.42 -21.47 9.73
C GLU A 390 6.71 -20.00 10.03
N ASP A 391 7.85 -19.48 9.58
CA ASP A 391 8.19 -18.09 9.72
C ASP A 391 7.16 -17.24 8.99
N ALA A 392 6.86 -17.56 7.73
CA ALA A 392 5.88 -16.83 6.96
C ALA A 392 4.50 -16.84 7.65
N ALA A 393 4.09 -18.00 8.21
CA ALA A 393 2.85 -18.12 8.96
C ALA A 393 2.83 -17.13 10.13
N GLU A 394 3.95 -17.04 10.86
CA GLU A 394 4.04 -16.15 12.01
C GLU A 394 3.87 -14.69 11.58
N ALA A 395 4.46 -14.32 10.44
CA ALA A 395 4.32 -12.94 9.94
C ALA A 395 2.86 -12.64 9.59
N ARG A 396 2.20 -13.57 8.90
CA ARG A 396 0.80 -13.43 8.55
C ARG A 396 -0.05 -13.26 9.82
N ALA A 397 0.33 -13.96 10.91
CA ALA A 397 -0.40 -13.83 12.15
C ALA A 397 -0.13 -12.49 12.84
N ARG A 398 0.69 -11.62 12.24
CA ARG A 398 0.83 -10.26 12.75
C ARG A 398 -0.36 -9.39 12.29
N HIS A 399 -1.06 -9.84 11.24
CA HIS A 399 -2.20 -9.18 10.60
C HIS A 399 -1.97 -7.69 10.36
N GLN A 400 -0.92 -7.36 9.62
CA GLN A 400 -0.60 -5.97 9.31
C GLN A 400 -1.37 -5.53 8.06
N GLU A 401 -2.12 -6.46 7.44
CA GLU A 401 -2.79 -6.12 6.19
C GLU A 401 -3.77 -4.98 6.45
N ALA A 402 -3.97 -4.11 5.45
CA ALA A 402 -4.92 -3.01 5.50
C ALA A 402 -5.56 -2.81 4.13
N LEU A 403 -6.75 -2.21 4.10
CA LEU A 403 -7.41 -1.91 2.85
C LEU A 403 -6.65 -0.82 2.11
N GLU A 404 -6.56 -0.94 0.80
CA GLU A 404 -5.96 0.11 0.00
C GLU A 404 -6.71 0.20 -1.32
N GLY A 405 -6.45 1.27 -2.08
CA GLY A 405 -7.11 1.54 -3.35
C GLY A 405 -7.72 2.94 -3.32
N PRO A 406 -8.92 3.18 -3.92
CA PRO A 406 -9.68 2.13 -4.59
C PRO A 406 -9.05 1.77 -5.92
N TYR A 407 -9.34 0.56 -6.39
CA TYR A 407 -8.92 0.11 -7.71
C TYR A 407 -10.15 -0.20 -8.56
N GLU A 408 -10.00 -0.25 -9.89
CA GLU A 408 -11.07 -0.79 -10.71
C GLU A 408 -10.47 -1.92 -11.55
N LEU A 409 -11.33 -2.86 -11.97
CA LEU A 409 -10.91 -3.87 -12.93
C LEU A 409 -12.10 -4.26 -13.81
N PHE A 410 -11.77 -4.39 -15.09
CA PHE A 410 -12.67 -4.85 -16.13
C PHE A 410 -12.08 -6.15 -16.65
N THR A 411 -12.74 -7.28 -16.37
CA THR A 411 -12.14 -8.58 -16.61
C THR A 411 -13.23 -9.63 -16.78
N SER A 412 -12.89 -10.71 -17.51
CA SER A 412 -13.69 -11.91 -17.46
C SER A 412 -13.32 -12.68 -16.18
N ILE A 413 -14.06 -13.74 -15.85
CA ILE A 413 -13.95 -14.39 -14.55
C ILE A 413 -14.02 -15.91 -14.74
N PRO A 414 -13.51 -16.70 -13.79
CA PRO A 414 -13.65 -18.15 -13.88
C PRO A 414 -15.05 -18.70 -13.63
N SER A 415 -15.80 -18.10 -12.70
CA SER A 415 -16.95 -18.77 -12.10
C SER A 415 -17.97 -17.78 -11.52
N ARG A 416 -19.13 -17.65 -12.18
CA ARG A 416 -20.17 -16.76 -11.68
C ARG A 416 -20.62 -17.20 -10.30
N PRO A 417 -20.98 -18.48 -10.05
CA PRO A 417 -21.49 -18.88 -8.74
C PRO A 417 -20.47 -18.96 -7.62
N PHE A 418 -19.19 -19.27 -7.92
CA PHE A 418 -18.25 -19.61 -6.86
C PHE A 418 -17.12 -18.58 -6.66
N PHE A 419 -16.57 -18.00 -7.71
CA PHE A 419 -15.53 -17.00 -7.49
C PHE A 419 -15.58 -15.98 -8.62
N PRO A 420 -16.62 -15.13 -8.60
CA PRO A 420 -16.86 -14.22 -9.72
C PRO A 420 -15.90 -13.04 -9.65
N ARG A 421 -14.63 -13.23 -9.97
CA ARG A 421 -13.67 -12.15 -9.81
C ARG A 421 -12.39 -12.46 -10.60
N GLY A 422 -11.53 -11.44 -10.75
CA GLY A 422 -10.36 -11.54 -11.61
C GLY A 422 -9.31 -12.45 -10.99
N PHE A 423 -8.80 -13.42 -11.79
CA PHE A 423 -7.65 -14.21 -11.40
C PHE A 423 -6.62 -14.10 -12.52
N LEU A 424 -5.36 -13.83 -12.14
CA LEU A 424 -4.33 -13.32 -13.04
C LEU A 424 -4.00 -14.34 -14.14
N TRP A 425 -3.56 -15.56 -13.78
CA TRP A 425 -3.21 -16.51 -14.85
C TRP A 425 -4.43 -17.06 -15.62
N ASP A 426 -5.62 -17.12 -14.96
CA ASP A 426 -6.84 -17.54 -15.66
C ASP A 426 -7.10 -16.58 -16.82
N GLU A 427 -6.92 -15.28 -16.55
CA GLU A 427 -7.35 -14.30 -17.53
C GLU A 427 -6.56 -14.43 -18.85
N GLY A 428 -5.30 -14.87 -18.75
CA GLY A 428 -4.54 -15.17 -19.95
C GLY A 428 -5.25 -16.20 -20.83
N PHE A 429 -5.85 -17.23 -20.21
CA PHE A 429 -6.56 -18.25 -20.98
C PHE A 429 -7.88 -17.70 -21.51
N HIS A 430 -8.61 -16.98 -20.64
CA HIS A 430 -9.89 -16.43 -21.01
C HIS A 430 -9.77 -15.58 -22.27
N LEU A 431 -8.67 -14.82 -22.42
CA LEU A 431 -8.66 -13.79 -23.46
C LEU A 431 -8.24 -14.39 -24.80
N LEU A 432 -7.72 -15.62 -24.77
CA LEU A 432 -7.35 -16.26 -26.02
C LEU A 432 -8.57 -16.37 -26.94
N PRO A 433 -9.73 -16.94 -26.55
CA PRO A 433 -10.90 -16.87 -27.43
C PRO A 433 -11.49 -15.47 -27.53
N ILE A 434 -11.42 -14.68 -26.45
CA ILE A 434 -12.08 -13.38 -26.49
C ILE A 434 -11.38 -12.48 -27.53
N ALA A 435 -10.05 -12.63 -27.65
CA ALA A 435 -9.20 -11.86 -28.56
C ALA A 435 -9.55 -12.20 -29.99
N ASP A 436 -9.80 -13.48 -30.24
CA ASP A 436 -10.25 -13.89 -31.57
C ASP A 436 -11.48 -13.08 -31.92
N TRP A 437 -12.39 -12.93 -30.95
CA TRP A 437 -13.69 -12.34 -31.22
C TRP A 437 -13.60 -10.83 -31.41
N ASP A 438 -12.71 -10.20 -30.64
CA ASP A 438 -12.72 -8.76 -30.42
C ASP A 438 -11.40 -8.39 -29.77
N ILE A 439 -10.36 -8.22 -30.60
CA ILE A 439 -9.01 -7.98 -30.12
C ILE A 439 -8.98 -6.70 -29.28
N ASP A 440 -9.75 -5.67 -29.69
CA ASP A 440 -9.72 -4.41 -28.97
C ASP A 440 -10.25 -4.61 -27.54
N LEU A 441 -11.26 -5.48 -27.42
CA LEU A 441 -11.82 -5.79 -26.13
C LEU A 441 -10.75 -6.46 -25.26
N ALA A 442 -10.03 -7.43 -25.82
CA ALA A 442 -9.01 -8.16 -25.07
C ALA A 442 -7.95 -7.20 -24.55
N LEU A 443 -7.52 -6.25 -25.41
CA LEU A 443 -6.47 -5.30 -25.09
C LEU A 443 -6.93 -4.35 -24.00
N GLU A 444 -8.21 -3.99 -24.07
CA GLU A 444 -8.89 -3.24 -23.03
C GLU A 444 -8.78 -3.97 -21.69
N ILE A 445 -8.89 -5.31 -21.71
CA ILE A 445 -8.86 -6.03 -20.45
C ILE A 445 -7.41 -6.16 -19.98
N ILE A 446 -6.51 -6.43 -20.92
CA ILE A 446 -5.08 -6.46 -20.59
C ILE A 446 -4.71 -5.14 -19.92
N LYS A 447 -5.12 -4.03 -20.55
CA LYS A 447 -4.77 -2.71 -20.03
C LYS A 447 -5.35 -2.58 -18.64
N SER A 448 -6.60 -2.99 -18.49
CA SER A 448 -7.17 -2.89 -17.17
C SER A 448 -6.30 -3.61 -16.14
N TRP A 449 -5.80 -4.80 -16.49
CA TRP A 449 -5.07 -5.57 -15.50
C TRP A 449 -3.73 -4.87 -15.24
N TYR A 450 -3.12 -4.37 -16.32
CA TYR A 450 -1.79 -3.80 -16.13
C TYR A 450 -1.88 -2.50 -15.33
N ASN A 451 -3.04 -1.85 -15.35
CA ASN A 451 -3.24 -0.64 -14.56
C ASN A 451 -3.25 -0.92 -13.05
N LEU A 452 -3.28 -2.20 -12.65
CA LEU A 452 -3.27 -2.49 -11.22
C LEU A 452 -1.83 -2.61 -10.72
N MET A 453 -0.86 -2.64 -11.65
CA MET A 453 0.49 -3.02 -11.23
C MET A 453 1.08 -1.93 -10.34
N ASP A 454 1.69 -2.32 -9.22
CA ASP A 454 2.28 -1.38 -8.28
C ASP A 454 3.67 -0.95 -8.77
N GLU A 455 4.37 -0.17 -7.93
CA GLU A 455 5.63 0.46 -8.32
C GLU A 455 6.73 -0.58 -8.57
N ASP A 456 6.65 -1.73 -7.86
CA ASP A 456 7.64 -2.80 -7.87
C ASP A 456 7.50 -3.75 -9.07
N GLY A 457 6.32 -3.75 -9.72
CA GLY A 457 5.98 -4.68 -10.79
C GLY A 457 5.00 -5.79 -10.35
N TRP A 458 4.34 -5.66 -9.19
CA TRP A 458 3.42 -6.68 -8.70
C TRP A 458 1.95 -6.35 -9.04
N ILE A 459 1.22 -7.37 -9.51
CA ILE A 459 -0.24 -7.40 -9.63
C ILE A 459 -0.71 -8.54 -8.74
N ALA A 460 -1.68 -8.27 -7.86
CA ALA A 460 -2.19 -9.34 -7.00
C ALA A 460 -2.84 -10.38 -7.89
N ARG A 461 -2.63 -11.66 -7.57
CA ARG A 461 -3.07 -12.72 -8.47
C ARG A 461 -4.59 -12.92 -8.39
N GLU A 462 -5.23 -12.40 -7.33
CA GLU A 462 -6.66 -12.55 -7.08
C GLU A 462 -7.19 -11.16 -6.69
N GLN A 463 -8.09 -10.59 -7.50
CA GLN A 463 -8.54 -9.23 -7.31
C GLN A 463 -9.94 -9.22 -6.70
N ILE A 464 -10.01 -8.89 -5.41
CA ILE A 464 -11.19 -8.78 -4.57
C ILE A 464 -11.40 -7.30 -4.23
N LEU A 465 -12.15 -6.62 -5.11
CA LEU A 465 -12.28 -5.17 -5.15
C LEU A 465 -13.62 -4.74 -4.57
N GLY A 466 -13.63 -4.17 -3.35
CA GLY A 466 -14.84 -3.61 -2.77
C GLY A 466 -15.58 -4.58 -1.85
N ALA A 467 -16.42 -4.02 -0.97
CA ALA A 467 -17.20 -4.75 0.01
C ALA A 467 -18.05 -5.81 -0.69
N GLU A 468 -18.60 -5.47 -1.86
CA GLU A 468 -19.49 -6.41 -2.53
C GLU A 468 -18.68 -7.66 -2.91
N ALA A 469 -17.50 -7.48 -3.50
CA ALA A 469 -16.63 -8.60 -3.87
C ALA A 469 -16.17 -9.39 -2.63
N ARG A 470 -15.78 -8.67 -1.57
CA ARG A 470 -15.33 -9.28 -0.32
C ARG A 470 -16.42 -10.14 0.31
N SER A 471 -17.70 -9.79 0.10
CA SER A 471 -18.80 -10.51 0.74
C SER A 471 -18.78 -12.00 0.38
N LYS A 472 -18.23 -12.36 -0.79
CA LYS A 472 -18.20 -13.74 -1.29
C LYS A 472 -16.91 -14.47 -0.87
N VAL A 473 -16.11 -13.93 0.07
CA VAL A 473 -14.75 -14.45 0.33
C VAL A 473 -14.44 -14.46 1.83
N PRO A 474 -14.11 -15.61 2.44
CA PRO A 474 -13.78 -15.61 3.86
C PRO A 474 -12.57 -14.69 4.09
N LYS A 475 -12.55 -13.99 5.24
CA LYS A 475 -11.62 -12.91 5.49
C LYS A 475 -10.18 -13.44 5.54
N GLU A 476 -10.01 -14.68 6.00
CA GLU A 476 -8.71 -15.35 6.02
C GLU A 476 -8.12 -15.45 4.60
N PHE A 477 -8.96 -15.36 3.56
CA PHE A 477 -8.49 -15.62 2.22
C PHE A 477 -8.50 -14.36 1.37
N GLN A 478 -8.79 -13.19 1.98
CA GLN A 478 -8.85 -11.98 1.16
C GLN A 478 -7.45 -11.39 0.96
N THR A 479 -6.57 -11.57 1.95
CA THR A 479 -5.33 -10.83 1.97
C THR A 479 -4.43 -11.21 0.80
N GLN A 480 -4.01 -10.22 0.01
CA GLN A 480 -3.01 -10.48 -1.02
C GLN A 480 -1.62 -10.14 -0.48
N TYR A 481 -0.62 -10.83 -1.04
CA TYR A 481 0.77 -10.75 -0.61
C TYR A 481 1.65 -10.28 -1.78
N PRO A 482 2.40 -9.17 -1.62
CA PRO A 482 3.17 -8.61 -2.72
C PRO A 482 4.34 -9.48 -3.18
N HIS A 483 4.65 -10.56 -2.45
CA HIS A 483 5.64 -11.49 -2.95
C HIS A 483 5.03 -12.68 -3.71
N TYR A 484 3.68 -12.77 -3.83
CA TYR A 484 3.05 -13.91 -4.52
C TYR A 484 2.88 -13.64 -6.01
N ALA A 485 3.51 -14.46 -6.86
CA ALA A 485 3.38 -14.32 -8.31
C ALA A 485 2.21 -15.20 -8.75
N ASN A 486 2.02 -15.30 -10.06
CA ASN A 486 1.09 -16.22 -10.72
C ASN A 486 1.56 -16.28 -12.18
N PRO A 487 1.33 -17.36 -12.95
CA PRO A 487 1.81 -17.39 -14.32
C PRO A 487 1.44 -16.18 -15.18
N PRO A 488 2.42 -15.64 -15.93
CA PRO A 488 2.20 -14.50 -16.82
C PRO A 488 1.52 -14.85 -18.15
N THR A 489 0.40 -15.58 -18.05
CA THR A 489 -0.32 -16.04 -19.24
C THR A 489 -0.87 -14.87 -20.04
N LEU A 490 -0.98 -13.68 -19.45
CA LEU A 490 -1.43 -12.59 -20.28
C LEU A 490 -0.44 -12.33 -21.44
N PHE A 491 0.83 -12.72 -21.29
CA PHE A 491 1.78 -12.59 -22.40
C PHE A 491 1.35 -13.38 -23.65
N LEU A 492 0.75 -14.56 -23.43
CA LEU A 492 0.28 -15.39 -24.54
C LEU A 492 -0.68 -14.59 -25.41
N VAL A 493 -1.59 -13.84 -24.78
CA VAL A 493 -2.58 -13.03 -25.51
C VAL A 493 -1.84 -11.97 -26.32
N LEU A 494 -0.83 -11.38 -25.65
CA LEU A 494 0.01 -10.36 -26.24
C LEU A 494 0.68 -10.89 -27.49
N ASP A 495 1.16 -12.15 -27.44
CA ASP A 495 1.86 -12.81 -28.54
C ASP A 495 0.95 -12.99 -29.74
N ASN A 496 -0.34 -13.27 -29.50
CA ASN A 496 -1.29 -13.50 -30.57
C ASN A 496 -1.56 -12.16 -31.27
N PHE A 497 -1.63 -11.11 -30.45
CA PHE A 497 -1.87 -9.77 -30.91
C PHE A 497 -0.72 -9.37 -31.83
N VAL A 498 0.52 -9.61 -31.38
CA VAL A 498 1.73 -9.27 -32.11
C VAL A 498 1.76 -9.95 -33.48
N GLU A 499 1.54 -11.28 -33.56
CA GLU A 499 1.50 -11.95 -34.85
C GLU A 499 0.37 -11.37 -35.71
N ARG A 500 -0.72 -10.91 -35.08
CA ARG A 500 -1.81 -10.38 -35.89
C ARG A 500 -1.43 -8.99 -36.41
N LEU A 501 -0.69 -8.23 -35.60
CA LEU A 501 -0.22 -6.90 -35.97
C LEU A 501 0.74 -7.01 -37.15
N ARG A 502 1.57 -8.08 -37.18
CA ARG A 502 2.52 -8.29 -38.27
C ARG A 502 1.77 -8.64 -39.56
N LYS A 503 1.00 -9.74 -39.57
CA LYS A 503 0.21 -10.15 -40.72
C LYS A 503 -1.07 -9.30 -40.83
N LEU A 517 -19.89 -0.23 -37.22
CA LEU A 517 -18.94 0.56 -36.39
C LEU A 517 -18.36 -0.31 -35.28
N ASP A 518 -19.23 -1.12 -34.66
CA ASP A 518 -18.80 -2.07 -33.65
C ASP A 518 -17.93 -3.13 -34.33
N GLU A 519 -18.31 -3.52 -35.56
CA GLU A 519 -17.49 -4.39 -36.38
C GLU A 519 -16.09 -3.80 -36.49
N THR A 520 -16.02 -2.52 -36.87
CA THR A 520 -14.77 -1.84 -37.17
C THR A 520 -13.94 -1.65 -35.90
N LEU A 521 -14.62 -1.30 -34.81
CA LEU A 521 -13.98 -1.00 -33.52
C LEU A 521 -13.29 -2.24 -32.97
N SER A 522 -13.91 -3.41 -33.20
CA SER A 522 -13.44 -4.66 -32.63
C SER A 522 -12.03 -5.00 -33.09
N THR A 523 -11.60 -4.49 -34.26
CA THR A 523 -10.29 -4.81 -34.79
C THR A 523 -9.46 -3.58 -35.10
N ALA A 524 -9.85 -2.43 -34.56
CA ALA A 524 -9.15 -1.18 -34.86
C ALA A 524 -7.66 -1.27 -34.59
N SER A 525 -7.28 -1.97 -33.50
CA SER A 525 -5.91 -1.90 -33.00
C SER A 525 -5.01 -2.84 -33.81
N VAL A 526 -5.58 -3.64 -34.72
CA VAL A 526 -4.74 -4.41 -35.63
C VAL A 526 -4.83 -3.84 -37.05
N ASP A 527 -5.99 -3.26 -37.39
CA ASP A 527 -6.24 -2.75 -38.73
C ASP A 527 -5.44 -1.47 -38.97
N ASN A 528 -5.24 -0.70 -37.90
CA ASN A 528 -4.51 0.56 -37.92
C ASN A 528 -3.19 0.34 -37.18
N PRO A 529 -2.09 -0.04 -37.89
CA PRO A 529 -0.87 -0.52 -37.22
C PRO A 529 -0.24 0.51 -36.29
N GLU A 530 -0.49 1.80 -36.57
CA GLU A 530 0.00 2.92 -35.79
C GLU A 530 -0.59 2.83 -34.38
N VAL A 531 -1.90 2.57 -34.35
CA VAL A 531 -2.69 2.38 -33.15
C VAL A 531 -2.12 1.23 -32.32
N GLY A 532 -1.99 0.05 -32.95
CA GLY A 532 -1.51 -1.16 -32.31
C GLY A 532 -0.16 -0.96 -31.63
N LEU A 533 0.74 -0.28 -32.37
CA LEU A 533 2.11 -0.08 -31.93
C LEU A 533 2.15 0.86 -30.73
N GLU A 534 1.31 1.89 -30.76
CA GLU A 534 1.24 2.87 -29.68
C GLU A 534 0.75 2.17 -28.42
N TYR A 535 -0.23 1.26 -28.57
CA TYR A 535 -0.70 0.52 -27.41
C TYR A 535 0.48 -0.24 -26.79
N LEU A 536 1.26 -0.90 -27.64
CA LEU A 536 2.43 -1.62 -27.16
C LEU A 536 3.43 -0.68 -26.50
N ARG A 537 3.67 0.50 -27.08
CA ARG A 537 4.65 1.45 -26.56
C ARG A 537 4.34 1.78 -25.09
N ARG A 538 3.05 2.07 -24.82
CA ARG A 538 2.60 2.45 -23.49
C ARG A 538 2.62 1.26 -22.53
N LEU A 539 2.35 0.05 -23.03
CA LEU A 539 2.26 -1.11 -22.13
C LEU A 539 3.65 -1.66 -21.83
N TYR A 540 4.53 -1.55 -22.83
CA TYR A 540 5.84 -2.19 -22.84
C TYR A 540 6.60 -2.00 -21.52
N PRO A 541 6.74 -0.78 -20.96
CA PRO A 541 7.43 -0.60 -19.67
C PRO A 541 6.84 -1.43 -18.52
N LEU A 542 5.53 -1.67 -18.54
CA LEU A 542 4.95 -2.41 -17.42
C LEU A 542 5.30 -3.89 -17.60
N LEU A 543 5.30 -4.35 -18.85
CA LEU A 543 5.72 -5.71 -19.11
C LEU A 543 7.16 -5.91 -18.62
N ARG A 544 8.01 -4.91 -18.91
CA ARG A 544 9.42 -4.97 -18.56
C ARG A 544 9.56 -4.94 -17.03
N ARG A 545 8.74 -4.10 -16.38
CA ARG A 545 8.74 -4.01 -14.94
C ARG A 545 8.33 -5.36 -14.34
N GLN A 546 7.36 -6.02 -14.98
CA GLN A 546 6.90 -7.27 -14.39
C GLN A 546 7.98 -8.33 -14.56
N PHE A 547 8.63 -8.33 -15.74
CA PHE A 547 9.73 -9.27 -16.00
C PHE A 547 10.78 -9.12 -14.90
N ASP A 548 11.14 -7.85 -14.62
CA ASP A 548 12.18 -7.55 -13.63
C ASP A 548 11.73 -7.98 -12.24
N TRP A 549 10.44 -7.73 -11.94
CA TRP A 549 9.88 -8.08 -10.65
C TRP A 549 10.01 -9.59 -10.42
N PHE A 550 9.71 -10.40 -11.44
CA PHE A 550 9.85 -11.84 -11.36
C PHE A 550 11.29 -12.21 -11.00
N ARG A 551 12.27 -11.56 -11.66
CA ARG A 551 13.67 -11.92 -11.47
C ARG A 551 14.20 -11.46 -10.10
N LYS A 552 13.69 -10.33 -9.60
CA LYS A 552 14.06 -9.93 -8.24
C LYS A 552 13.33 -10.79 -7.21
N THR A 553 12.02 -11.06 -7.38
CA THR A 553 11.28 -11.61 -6.23
C THR A 553 11.18 -13.13 -6.26
N GLN A 554 11.23 -13.74 -7.44
CA GLN A 554 11.02 -15.17 -7.57
C GLN A 554 12.35 -15.85 -7.92
N ALA A 555 13.48 -15.21 -7.57
CA ALA A 555 14.81 -15.71 -7.83
C ALA A 555 15.06 -17.04 -7.10
N GLY A 556 15.69 -17.98 -7.81
CA GLY A 556 16.26 -19.13 -7.15
C GLY A 556 17.76 -18.99 -6.92
N ASP A 557 18.33 -19.95 -6.17
CA ASP A 557 19.70 -19.91 -5.70
C ASP A 557 20.58 -20.97 -6.38
N ILE A 558 21.42 -20.54 -7.33
CA ILE A 558 22.48 -21.36 -7.90
C ILE A 558 23.77 -21.28 -7.06
N LYS A 559 24.31 -20.05 -6.86
CA LYS A 559 25.66 -19.80 -6.35
C LYS A 559 25.92 -20.36 -4.95
N SER A 560 24.87 -20.57 -4.16
CA SER A 560 25.04 -20.89 -2.75
C SER A 560 25.26 -22.39 -2.51
N TYR A 561 25.12 -23.20 -3.58
CA TYR A 561 25.16 -24.65 -3.41
C TYR A 561 26.20 -25.21 -4.37
N ASP A 562 26.41 -26.54 -4.36
CA ASP A 562 27.24 -27.16 -5.40
C ASP A 562 26.45 -27.30 -6.71
N ARG A 563 26.21 -26.17 -7.41
CA ARG A 563 25.35 -26.15 -8.58
C ARG A 563 26.11 -25.63 -9.79
N GLU A 564 26.29 -26.50 -10.78
CA GLU A 564 26.98 -26.18 -12.02
C GLU A 564 25.93 -25.97 -13.11
N ALA A 565 26.04 -24.86 -13.84
CA ALA A 565 25.13 -24.56 -14.93
C ALA A 565 25.76 -23.53 -15.85
N TYR A 566 25.29 -23.50 -17.09
CA TYR A 566 25.76 -22.58 -18.10
C TYR A 566 25.65 -21.13 -17.65
N SER A 567 24.56 -20.80 -16.95
CA SER A 567 24.38 -19.43 -16.49
C SER A 567 24.32 -19.42 -14.97
N THR A 568 24.91 -18.37 -14.36
CA THR A 568 24.92 -18.24 -12.91
C THR A 568 23.65 -17.55 -12.43
N LYS A 569 22.85 -17.00 -13.35
CA LYS A 569 21.73 -16.13 -13.03
C LYS A 569 20.36 -16.84 -13.15
N GLU A 570 20.18 -17.66 -14.21
CA GLU A 570 18.86 -18.19 -14.58
C GLU A 570 18.46 -19.37 -13.69
N ALA A 571 17.64 -19.10 -12.67
CA ALA A 571 17.12 -20.06 -11.69
C ALA A 571 15.94 -19.40 -10.97
N TYR A 572 14.84 -20.14 -10.77
CA TYR A 572 13.61 -19.56 -10.25
C TYR A 572 12.90 -20.47 -9.27
N ARG A 573 12.32 -19.87 -8.22
CA ARG A 573 11.56 -20.59 -7.22
C ARG A 573 10.34 -19.74 -6.83
N TRP A 574 9.13 -20.29 -7.06
CA TRP A 574 7.85 -19.72 -6.65
C TRP A 574 7.88 -19.43 -5.15
N ARG A 575 7.66 -18.17 -4.76
CA ARG A 575 7.44 -17.84 -3.35
C ARG A 575 6.04 -18.29 -2.95
N GLY A 576 5.86 -18.64 -1.67
CA GLY A 576 4.54 -18.80 -1.07
C GLY A 576 4.13 -20.26 -0.87
N ARG A 577 5.11 -21.17 -0.88
CA ARG A 577 4.71 -22.56 -0.82
C ARG A 577 4.57 -23.03 0.62
N THR A 578 3.61 -23.95 0.83
CA THR A 578 3.41 -24.59 2.11
C THR A 578 3.76 -26.07 1.93
N VAL A 579 3.66 -26.85 3.00
CA VAL A 579 4.12 -28.23 2.98
C VAL A 579 3.46 -28.97 1.81
N SER A 580 2.15 -28.72 1.59
CA SER A 580 1.40 -29.53 0.63
C SER A 580 1.01 -28.75 -0.63
N HIS A 581 1.35 -27.46 -0.70
CA HIS A 581 0.78 -26.61 -1.73
C HIS A 581 1.84 -25.72 -2.37
N CYS A 582 1.55 -25.31 -3.61
CA CYS A 582 2.16 -24.16 -4.24
C CYS A 582 1.13 -23.37 -5.03
N LEU A 583 0.36 -22.50 -4.34
CA LEU A 583 -0.85 -21.89 -4.90
C LEU A 583 -0.48 -20.91 -6.01
N THR A 584 0.67 -20.25 -5.84
CA THR A 584 1.14 -19.19 -6.73
C THR A 584 1.42 -19.75 -8.12
N SER A 585 1.84 -21.02 -8.21
CA SER A 585 2.11 -21.61 -9.52
C SER A 585 0.83 -21.84 -10.32
N GLY A 586 -0.32 -21.89 -9.63
CA GLY A 586 -1.58 -22.17 -10.31
C GLY A 586 -1.94 -23.66 -10.20
N LEU A 587 -0.95 -24.52 -9.90
CA LEU A 587 -1.23 -25.94 -9.77
C LEU A 587 -1.20 -26.32 -8.30
N ASP A 588 -2.32 -26.07 -7.63
CA ASP A 588 -2.36 -25.91 -6.18
C ASP A 588 -1.54 -27.00 -5.48
N ASP A 589 -1.88 -28.28 -5.73
CA ASP A 589 -1.34 -29.37 -4.93
C ASP A 589 -0.54 -30.34 -5.81
N TYR A 590 -0.11 -29.90 -7.00
CA TYR A 590 0.81 -30.75 -7.74
C TYR A 590 2.00 -31.02 -6.84
N PRO A 591 2.50 -32.27 -6.76
CA PRO A 591 3.58 -32.61 -5.82
C PRO A 591 4.87 -31.86 -6.18
N ARG A 592 5.57 -31.41 -5.14
CA ARG A 592 6.75 -30.58 -5.25
C ARG A 592 7.79 -31.18 -4.30
N PRO A 593 9.08 -30.78 -4.33
CA PRO A 593 10.07 -31.37 -3.43
C PRO A 593 9.56 -31.31 -1.99
N GLN A 594 9.77 -32.41 -1.27
CA GLN A 594 9.48 -32.47 0.16
C GLN A 594 10.80 -32.60 0.91
N PRO A 595 11.04 -31.76 1.94
CA PRO A 595 10.12 -30.69 2.29
C PRO A 595 10.41 -29.45 1.43
N PRO A 596 9.57 -28.40 1.47
CA PRO A 596 9.87 -27.18 0.72
C PRO A 596 11.19 -26.65 1.30
N HIS A 597 11.89 -25.84 0.51
CA HIS A 597 13.28 -25.59 0.80
C HIS A 597 13.73 -24.37 -0.01
N PRO A 598 14.54 -23.47 0.60
CA PRO A 598 14.98 -22.25 -0.08
C PRO A 598 15.77 -22.54 -1.34
N GLY A 599 16.25 -23.79 -1.46
CA GLY A 599 17.05 -24.24 -2.59
C GLY A 599 16.22 -24.86 -3.71
N GLU A 600 14.89 -24.91 -3.54
CA GLU A 600 14.03 -25.42 -4.60
C GLU A 600 14.23 -24.61 -5.86
N LEU A 601 14.08 -25.26 -7.01
CA LEU A 601 13.96 -24.60 -8.31
C LEU A 601 12.76 -25.23 -9.00
N HIS A 602 11.95 -24.42 -9.69
CA HIS A 602 10.70 -24.89 -10.28
C HIS A 602 10.76 -24.65 -11.78
N VAL A 603 10.56 -25.73 -12.55
CA VAL A 603 10.86 -25.68 -13.97
C VAL A 603 9.73 -24.93 -14.67
N ASP A 604 8.53 -25.09 -14.13
CA ASP A 604 7.42 -24.36 -14.71
C ASP A 604 7.69 -22.87 -14.65
N LEU A 605 8.16 -22.37 -13.51
CA LEU A 605 8.41 -20.94 -13.34
C LEU A 605 9.51 -20.46 -14.29
N MET A 606 10.61 -21.23 -14.39
CA MET A 606 11.64 -20.85 -15.34
C MET A 606 11.07 -20.75 -16.75
N SER A 607 10.22 -21.74 -17.11
CA SER A 607 9.58 -21.73 -18.42
C SER A 607 8.71 -20.49 -18.60
N TRP A 608 8.02 -20.07 -17.53
CA TRP A 608 7.19 -18.86 -17.71
C TRP A 608 8.07 -17.63 -18.01
N VAL A 609 9.26 -17.59 -17.41
CA VAL A 609 10.16 -16.46 -17.64
C VAL A 609 10.65 -16.49 -19.10
N GLY A 610 10.84 -17.70 -19.62
CA GLY A 610 11.14 -17.89 -21.03
C GLY A 610 10.03 -17.37 -21.93
N VAL A 611 8.78 -17.63 -21.54
CA VAL A 611 7.65 -17.07 -22.28
C VAL A 611 7.78 -15.54 -22.32
N MET A 612 7.97 -14.95 -21.14
CA MET A 612 8.01 -13.50 -21.00
C MET A 612 9.12 -12.90 -21.87
N VAL A 613 10.32 -13.48 -21.78
CA VAL A 613 11.43 -12.84 -22.48
C VAL A 613 11.23 -12.93 -23.99
N LYS A 614 10.60 -14.01 -24.45
CA LYS A 614 10.40 -14.15 -25.89
C LYS A 614 9.43 -13.07 -26.36
N SER A 615 8.43 -12.76 -25.53
CA SER A 615 7.43 -11.77 -25.89
C SER A 615 8.11 -10.40 -25.90
N LEU A 616 8.99 -10.19 -24.93
CA LEU A 616 9.73 -8.94 -24.83
C LEU A 616 10.64 -8.74 -26.03
N ILE A 617 11.39 -9.78 -26.45
CA ILE A 617 12.09 -9.74 -27.72
C ILE A 617 11.16 -9.24 -28.83
N SER A 618 9.98 -9.88 -29.01
CA SER A 618 9.08 -9.48 -30.08
C SER A 618 8.69 -8.01 -29.96
N ILE A 619 8.34 -7.58 -28.74
CA ILE A 619 7.69 -6.28 -28.60
C ILE A 619 8.77 -5.20 -28.62
N GLY A 620 9.83 -5.41 -27.84
CA GLY A 620 11.04 -4.61 -27.93
C GLY A 620 11.45 -4.36 -29.38
N SER A 621 11.61 -5.44 -30.17
CA SER A 621 11.99 -5.32 -31.57
C SER A 621 11.08 -4.31 -32.26
N LEU A 622 9.75 -4.45 -32.07
CA LEU A 622 8.79 -3.65 -32.80
C LEU A 622 8.96 -2.17 -32.47
N LEU A 623 9.44 -1.91 -31.26
CA LEU A 623 9.51 -0.56 -30.74
C LEU A 623 10.94 -0.04 -30.89
N GLY A 624 11.82 -0.87 -31.45
CA GLY A 624 13.23 -0.60 -31.66
C GLY A 624 13.97 -0.36 -30.35
N ALA A 625 13.72 -1.18 -29.32
CA ALA A 625 14.46 -1.03 -28.07
C ALA A 625 15.66 -1.98 -28.05
N THR A 626 16.67 -1.62 -28.86
CA THR A 626 17.81 -2.44 -29.22
C THR A 626 18.62 -2.85 -28.00
N GLU A 627 18.83 -1.92 -27.05
CA GLU A 627 19.53 -2.19 -25.80
C GLU A 627 18.82 -3.31 -25.03
N ASP A 628 17.48 -3.20 -24.95
CA ASP A 628 16.61 -4.17 -24.31
C ASP A 628 16.65 -5.52 -25.01
N VAL A 629 16.54 -5.53 -26.35
CA VAL A 629 16.46 -6.76 -27.12
C VAL A 629 17.70 -7.64 -26.93
N GLU A 630 18.87 -7.01 -26.77
CA GLU A 630 20.11 -7.76 -26.68
C GLU A 630 20.24 -8.37 -25.28
N PHE A 631 19.73 -7.64 -24.27
CA PHE A 631 19.69 -8.22 -22.93
C PHE A 631 18.75 -9.43 -22.90
N TYR A 632 17.56 -9.25 -23.48
CA TYR A 632 16.59 -10.32 -23.53
C TYR A 632 17.20 -11.53 -24.25
N THR A 633 17.87 -11.28 -25.40
CA THR A 633 18.46 -12.33 -26.21
C THR A 633 19.41 -13.19 -25.36
N LYS A 634 20.22 -12.54 -24.50
CA LYS A 634 21.19 -13.25 -23.67
C LYS A 634 20.47 -14.02 -22.55
N VAL A 635 19.40 -13.42 -22.01
CA VAL A 635 18.63 -14.11 -20.99
C VAL A 635 17.98 -15.38 -21.55
N LEU A 636 17.37 -15.29 -22.75
CA LEU A 636 16.73 -16.45 -23.35
C LEU A 636 17.74 -17.60 -23.56
N ASP A 637 18.84 -17.28 -24.26
CA ASP A 637 19.92 -18.22 -24.45
C ASP A 637 20.26 -18.90 -23.13
N ALA A 638 20.30 -18.11 -22.04
CA ALA A 638 20.71 -18.66 -20.75
C ALA A 638 19.65 -19.62 -20.18
N ILE A 639 18.36 -19.26 -20.31
CA ILE A 639 17.30 -20.12 -19.80
C ILE A 639 17.31 -21.44 -20.58
N GLU A 640 17.50 -21.34 -21.90
CA GLU A 640 17.57 -22.53 -22.75
C GLU A 640 18.58 -23.54 -22.18
N HIS A 641 19.79 -23.06 -21.81
CA HIS A 641 20.81 -23.97 -21.32
C HIS A 641 20.49 -24.45 -19.91
N ASN A 642 20.02 -23.53 -19.07
CA ASN A 642 19.82 -23.83 -17.66
C ASN A 642 18.60 -24.73 -17.47
N LEU A 643 17.63 -24.67 -18.41
CA LEU A 643 16.51 -25.62 -18.37
C LEU A 643 17.07 -27.05 -18.36
N ASP A 644 17.97 -27.32 -19.32
CA ASP A 644 18.68 -28.59 -19.38
C ASP A 644 19.55 -28.81 -18.14
N ASP A 645 20.41 -27.84 -17.78
CA ASP A 645 21.48 -28.10 -16.81
C ASP A 645 20.90 -28.31 -15.42
N LEU A 646 19.75 -27.69 -15.12
CA LEU A 646 19.22 -27.77 -13.76
C LEU A 646 18.01 -28.68 -13.68
N HIS A 647 17.34 -28.92 -14.80
CA HIS A 647 15.98 -29.47 -14.73
C HIS A 647 15.79 -30.73 -15.57
N TRP A 648 16.64 -30.97 -16.59
CA TRP A 648 16.51 -32.18 -17.39
C TRP A 648 16.97 -33.43 -16.63
N SER A 649 16.10 -34.44 -16.58
CA SER A 649 16.45 -35.78 -16.12
C SER A 649 16.59 -36.74 -17.30
N GLU A 650 17.83 -37.18 -17.55
CA GLU A 650 18.09 -38.19 -18.56
C GLU A 650 17.50 -39.53 -18.12
N LYS A 651 17.70 -39.90 -16.85
CA LYS A 651 17.18 -41.12 -16.26
C LYS A 651 15.66 -41.18 -16.47
N GLU A 652 14.97 -40.05 -16.25
CA GLU A 652 13.51 -40.09 -16.25
C GLU A 652 12.93 -39.77 -17.62
N GLY A 653 13.72 -39.16 -18.51
CA GLY A 653 13.24 -38.72 -19.81
C GLY A 653 12.24 -37.54 -19.78
N CYS A 654 12.42 -36.60 -18.84
N CYS A 654 12.42 -36.60 -18.84
CA CYS A 654 11.57 -35.40 -18.74
CA CYS A 654 11.56 -35.41 -18.74
C CYS A 654 12.21 -34.36 -17.84
C CYS A 654 12.21 -34.36 -17.84
N TYR A 655 11.63 -33.15 -17.80
CA TYR A 655 12.02 -32.10 -16.87
C TYR A 655 11.47 -32.40 -15.48
N CYS A 656 12.25 -32.00 -14.47
CA CYS A 656 11.88 -32.14 -13.08
C CYS A 656 12.18 -30.82 -12.36
N ASP A 657 11.37 -30.47 -11.35
CA ASP A 657 11.80 -29.51 -10.35
C ASP A 657 13.05 -30.08 -9.66
N ALA A 658 13.77 -29.21 -8.96
CA ALA A 658 15.01 -29.54 -8.29
C ALA A 658 14.93 -29.04 -6.86
N THR A 659 15.74 -29.64 -5.99
CA THR A 659 15.83 -29.19 -4.61
C THR A 659 17.27 -29.34 -4.15
N ILE A 660 17.47 -29.23 -2.83
CA ILE A 660 18.77 -29.44 -2.25
C ILE A 660 18.59 -30.49 -1.16
N ASP A 661 19.31 -31.61 -1.35
CA ASP A 661 19.61 -32.72 -0.45
C ASP A 661 19.81 -32.33 1.01
N GLU A 662 19.68 -33.36 1.88
CA GLU A 662 20.17 -33.39 3.25
C GLU A 662 21.69 -33.26 3.26
N PHE A 663 22.34 -33.50 2.11
CA PHE A 663 23.79 -33.41 2.04
C PHE A 663 24.21 -32.12 1.33
N GLU A 664 23.26 -31.19 1.14
CA GLU A 664 23.50 -29.89 0.52
C GLU A 664 23.82 -30.01 -0.99
N GLU A 665 23.43 -31.14 -1.61
CA GLU A 665 23.67 -31.33 -3.04
C GLU A 665 22.35 -31.18 -3.83
N HIS A 666 22.48 -30.62 -5.04
CA HIS A 666 21.43 -30.57 -6.04
C HIS A 666 20.80 -31.95 -6.29
N LYS A 667 19.46 -31.99 -6.28
CA LYS A 667 18.73 -33.22 -6.54
C LYS A 667 17.51 -32.88 -7.40
N LEU A 668 17.22 -33.74 -8.38
CA LEU A 668 15.98 -33.66 -9.12
C LEU A 668 14.93 -34.46 -8.36
N VAL A 669 13.70 -33.96 -8.42
CA VAL A 669 12.54 -34.60 -7.80
C VAL A 669 11.50 -34.69 -8.91
N CYS A 670 11.40 -35.89 -9.49
CA CYS A 670 10.58 -36.05 -10.69
C CYS A 670 9.19 -36.55 -10.32
N HIS A 671 8.18 -35.84 -10.82
CA HIS A 671 6.82 -36.32 -10.67
C HIS A 671 6.15 -36.11 -12.01
N LYS A 672 6.00 -37.21 -12.75
CA LYS A 672 5.64 -37.09 -14.16
C LYS A 672 4.21 -36.56 -14.27
N GLY A 673 4.06 -35.47 -15.01
CA GLY A 673 2.78 -34.81 -15.15
C GLY A 673 2.97 -33.50 -15.87
N TYR A 674 2.00 -32.59 -15.74
CA TYR A 674 2.04 -31.32 -16.43
C TYR A 674 3.39 -30.61 -16.22
N ILE A 675 3.87 -30.58 -14.97
CA ILE A 675 5.08 -29.81 -14.63
C ILE A 675 6.21 -30.28 -15.55
N SER A 676 6.28 -31.61 -15.75
CA SER A 676 7.37 -32.31 -16.45
C SER A 676 7.50 -31.86 -17.89
N LEU A 677 6.38 -31.38 -18.48
CA LEU A 677 6.25 -31.02 -19.88
C LEU A 677 6.44 -29.52 -20.11
N PHE A 678 6.69 -28.74 -19.03
CA PHE A 678 6.58 -27.28 -19.13
C PHE A 678 7.35 -26.64 -20.28
N PRO A 679 8.66 -26.93 -20.50
CA PRO A 679 9.38 -26.26 -21.60
C PRO A 679 8.71 -26.47 -22.97
N PHE A 680 8.10 -27.64 -23.16
CA PHE A 680 7.29 -27.95 -24.33
C PHE A 680 5.96 -27.18 -24.32
N LEU A 681 5.24 -27.14 -23.20
CA LEU A 681 3.95 -26.47 -23.17
C LEU A 681 4.13 -24.99 -23.46
N THR A 682 5.24 -24.41 -23.00
CA THR A 682 5.46 -22.97 -23.11
C THR A 682 6.18 -22.59 -24.41
N GLY A 683 6.47 -23.59 -25.27
CA GLY A 683 7.01 -23.37 -26.61
C GLY A 683 8.50 -23.04 -26.65
N LEU A 684 9.29 -23.58 -25.71
CA LEU A 684 10.70 -23.21 -25.59
C LEU A 684 11.62 -24.22 -26.28
N LEU A 685 11.07 -25.36 -26.78
CA LEU A 685 11.91 -26.39 -27.37
C LEU A 685 11.90 -26.29 -28.90
N LYS A 686 13.05 -26.64 -29.48
CA LYS A 686 13.20 -26.72 -30.91
C LYS A 686 12.48 -27.96 -31.44
N PRO A 687 11.85 -27.86 -32.63
CA PRO A 687 11.10 -28.99 -33.20
C PRO A 687 11.89 -30.27 -33.47
N ASP A 688 13.23 -30.17 -33.42
CA ASP A 688 14.13 -31.27 -33.75
C ASP A 688 14.69 -31.84 -32.46
N SER A 689 14.35 -31.20 -31.33
CA SER A 689 14.99 -31.50 -30.07
C SER A 689 14.71 -32.95 -29.67
N PRO A 690 15.75 -33.75 -29.34
CA PRO A 690 15.54 -35.09 -28.82
C PRO A 690 14.82 -35.14 -27.47
N LYS A 691 14.89 -34.02 -26.74
CA LYS A 691 14.24 -34.02 -25.43
C LYS A 691 12.74 -33.93 -25.66
N LEU A 692 12.34 -33.10 -26.64
CA LEU A 692 10.97 -33.02 -27.12
C LEU A 692 10.43 -34.40 -27.51
N GLY A 693 11.20 -35.19 -28.28
CA GLY A 693 10.74 -36.50 -28.69
C GLY A 693 10.44 -37.40 -27.49
N LYS A 694 11.28 -37.29 -26.46
CA LYS A 694 11.07 -38.00 -25.21
C LYS A 694 9.79 -37.51 -24.52
N LEU A 695 9.52 -36.20 -24.60
CA LEU A 695 8.33 -35.64 -24.00
C LEU A 695 7.09 -36.12 -24.74
N LEU A 696 7.19 -36.26 -26.07
CA LEU A 696 6.07 -36.74 -26.86
C LEU A 696 5.76 -38.19 -26.46
N ALA A 697 6.80 -38.95 -26.12
CA ALA A 697 6.60 -40.33 -25.74
C ALA A 697 5.87 -40.39 -24.40
N LEU A 698 6.23 -39.49 -23.49
CA LEU A 698 5.55 -39.43 -22.21
C LEU A 698 4.11 -38.97 -22.43
N ILE A 699 3.92 -37.97 -23.30
CA ILE A 699 2.60 -37.39 -23.47
C ILE A 699 1.64 -38.47 -23.98
N GLY A 700 2.11 -39.31 -24.92
CA GLY A 700 1.25 -40.27 -25.58
C GLY A 700 1.08 -41.59 -24.83
N ASP A 701 1.83 -41.79 -23.74
CA ASP A 701 1.90 -43.05 -23.02
C ASP A 701 0.70 -43.21 -22.08
N GLU A 702 -0.14 -44.21 -22.36
CA GLU A 702 -1.43 -44.35 -21.72
C GLU A 702 -1.21 -44.72 -20.25
N SER A 703 -0.05 -45.31 -19.95
CA SER A 703 0.15 -45.80 -18.59
C SER A 703 0.69 -44.66 -17.73
N GLU A 704 1.05 -43.53 -18.36
CA GLU A 704 1.46 -42.32 -17.63
C GLU A 704 0.38 -41.25 -17.68
N LEU A 705 0.39 -40.42 -18.75
CA LEU A 705 -0.42 -39.21 -18.85
C LEU A 705 -1.64 -39.34 -19.75
N TRP A 706 -1.66 -40.28 -20.71
CA TRP A 706 -2.66 -40.18 -21.79
C TRP A 706 -3.92 -40.92 -21.38
N SER A 707 -5.03 -40.21 -21.12
CA SER A 707 -6.26 -40.91 -20.81
C SER A 707 -7.18 -40.78 -22.02
N PRO A 708 -8.27 -41.54 -22.12
CA PRO A 708 -9.20 -41.34 -23.23
C PRO A 708 -9.81 -39.94 -23.23
N TYR A 709 -9.64 -39.18 -22.12
CA TYR A 709 -10.41 -37.96 -21.95
C TYR A 709 -9.52 -36.72 -21.98
N GLY A 710 -8.22 -36.92 -22.23
CA GLY A 710 -7.24 -35.85 -22.22
C GLY A 710 -6.00 -36.25 -21.43
N LEU A 711 -5.05 -35.31 -21.29
CA LEU A 711 -3.88 -35.61 -20.49
C LEU A 711 -4.16 -35.44 -19.00
N ARG A 712 -3.79 -36.44 -18.21
CA ARG A 712 -3.79 -36.42 -16.76
C ARG A 712 -2.80 -35.38 -16.23
N SER A 713 -3.22 -34.65 -15.17
CA SER A 713 -2.38 -33.67 -14.50
C SER A 713 -1.12 -34.32 -13.91
N LEU A 714 -1.26 -35.55 -13.39
CA LEU A 714 -0.19 -36.37 -12.80
C LEU A 714 -0.27 -37.78 -13.40
N SER A 715 0.89 -38.46 -13.53
CA SER A 715 0.95 -39.84 -14.02
C SER A 715 0.34 -40.81 -13.02
N LYS A 716 -0.33 -41.84 -13.56
CA LYS A 716 -0.90 -42.95 -12.80
C LYS A 716 0.20 -43.69 -12.04
N LYS A 717 1.43 -43.57 -12.53
CA LYS A 717 2.58 -44.25 -11.96
C LYS A 717 3.19 -43.44 -10.81
N ASP A 718 2.84 -42.14 -10.69
CA ASP A 718 3.40 -41.32 -9.64
C ASP A 718 2.84 -41.75 -8.28
N GLU A 719 3.72 -41.81 -7.28
CA GLU A 719 3.30 -42.13 -5.93
C GLU A 719 2.19 -41.20 -5.41
N PHE A 720 2.04 -39.98 -5.96
CA PHE A 720 1.02 -39.09 -5.43
C PHE A 720 -0.27 -39.12 -6.24
N TYR A 721 -0.36 -40.02 -7.23
CA TYR A 721 -1.58 -40.14 -8.05
C TYR A 721 -2.84 -40.31 -7.20
N GLY A 722 -3.81 -39.42 -7.41
CA GLY A 722 -5.09 -39.53 -6.72
C GLY A 722 -4.97 -39.57 -5.18
N THR A 723 -4.03 -38.82 -4.60
CA THR A 723 -3.97 -38.70 -3.15
C THR A 723 -4.47 -37.32 -2.68
N ALA A 724 -4.78 -37.23 -1.38
CA ALA A 724 -5.15 -35.99 -0.69
C ALA A 724 -6.38 -35.40 -1.36
N GLU A 725 -6.30 -34.12 -1.74
CA GLU A 725 -7.43 -33.43 -2.35
C GLU A 725 -7.46 -33.75 -3.83
N ASN A 726 -6.36 -34.26 -4.37
CA ASN A 726 -6.41 -34.80 -5.72
C ASN A 726 -6.94 -33.74 -6.69
N TYR A 727 -6.46 -32.51 -6.53
CA TYR A 727 -6.87 -31.35 -7.34
C TYR A 727 -6.08 -31.35 -8.64
N TRP A 728 -4.76 -31.38 -8.53
CA TRP A 728 -3.87 -31.40 -9.69
C TRP A 728 -3.02 -32.68 -9.67
N ARG A 729 -3.60 -33.75 -9.15
CA ARG A 729 -2.87 -35.01 -8.99
C ARG A 729 -3.52 -36.14 -9.77
N SER A 730 -4.20 -35.81 -10.88
CA SER A 730 -4.80 -36.82 -11.76
C SER A 730 -5.83 -36.20 -12.70
N PRO A 731 -6.71 -35.28 -12.28
CA PRO A 731 -7.78 -34.83 -13.18
C PRO A 731 -7.25 -34.13 -14.42
N VAL A 732 -8.08 -34.11 -15.46
CA VAL A 732 -7.76 -33.51 -16.74
C VAL A 732 -8.21 -32.06 -16.68
N TRP A 733 -7.29 -31.12 -16.96
CA TRP A 733 -7.56 -29.69 -16.91
C TRP A 733 -7.42 -29.14 -18.32
N ILE A 734 -8.43 -28.35 -18.71
CA ILE A 734 -8.52 -27.94 -20.10
C ILE A 734 -7.42 -26.93 -20.45
N ASN A 735 -7.00 -26.07 -19.49
CA ASN A 735 -6.05 -25.00 -19.82
C ASN A 735 -4.70 -25.58 -20.26
N ILE A 736 -4.20 -26.56 -19.52
CA ILE A 736 -2.93 -27.20 -19.84
C ILE A 736 -3.05 -28.12 -21.08
N ASN A 737 -4.20 -28.80 -21.23
CA ASN A 737 -4.46 -29.58 -22.44
C ASN A 737 -4.46 -28.68 -23.69
N TYR A 738 -5.00 -27.45 -23.56
CA TYR A 738 -4.98 -26.44 -24.62
C TYR A 738 -3.55 -26.09 -25.02
N LEU A 739 -2.68 -25.86 -24.04
CA LEU A 739 -1.29 -25.56 -24.37
C LEU A 739 -0.69 -26.74 -25.12
N ALA A 740 -0.90 -27.96 -24.63
CA ALA A 740 -0.38 -29.15 -25.28
C ALA A 740 -0.89 -29.21 -26.72
N ILE A 741 -2.19 -28.94 -26.89
CA ILE A 741 -2.79 -29.11 -28.21
C ILE A 741 -2.15 -28.15 -29.22
N VAL A 742 -1.94 -26.90 -28.79
CA VAL A 742 -1.37 -25.83 -29.59
C VAL A 742 0.08 -26.18 -29.94
N GLN A 743 0.81 -26.72 -28.97
CA GLN A 743 2.19 -27.05 -29.28
C GLN A 743 2.28 -28.31 -30.14
N LEU A 744 1.36 -29.26 -29.97
CA LEU A 744 1.43 -30.42 -30.83
C LEU A 744 1.22 -30.00 -32.29
N TYR A 745 0.27 -29.07 -32.49
CA TYR A 745 -0.14 -28.60 -33.80
C TYR A 745 1.02 -27.83 -34.46
N ASN A 746 1.78 -27.10 -33.65
CA ASN A 746 2.93 -26.34 -34.13
C ASN A 746 3.92 -27.29 -34.78
N ILE A 747 4.28 -28.36 -34.07
CA ILE A 747 5.22 -29.36 -34.53
C ILE A 747 4.61 -30.13 -35.68
N ALA A 748 3.28 -30.29 -35.69
CA ALA A 748 2.67 -31.09 -36.75
C ALA A 748 2.65 -30.33 -38.08
N THR A 749 2.77 -29.00 -38.05
CA THR A 749 2.66 -28.26 -39.29
C THR A 749 4.01 -27.67 -39.69
N GLN A 750 5.07 -28.46 -39.49
CA GLN A 750 6.44 -28.04 -39.73
C GLN A 750 7.29 -29.28 -39.99
N ASP A 751 8.33 -29.10 -40.81
CA ASP A 751 9.27 -30.18 -41.11
C ASP A 751 10.02 -30.50 -39.84
N GLY A 752 10.27 -31.80 -39.63
CA GLY A 752 11.08 -32.28 -38.52
C GLY A 752 10.86 -33.77 -38.26
N PRO A 753 11.70 -34.42 -37.42
CA PRO A 753 11.54 -35.83 -37.10
C PRO A 753 10.22 -36.22 -36.41
N TYR A 754 9.51 -35.24 -35.84
CA TYR A 754 8.36 -35.60 -35.00
C TYR A 754 7.05 -35.12 -35.61
N LYS A 755 7.11 -34.60 -36.84
CA LYS A 755 5.93 -34.11 -37.56
C LYS A 755 4.73 -35.07 -37.43
N GLU A 756 4.90 -36.34 -37.85
CA GLU A 756 3.82 -37.30 -37.93
C GLU A 756 3.30 -37.71 -36.54
N THR A 757 4.22 -38.02 -35.61
CA THR A 757 3.84 -38.30 -34.22
C THR A 757 2.98 -37.17 -33.67
N ALA A 758 3.48 -35.94 -33.75
CA ALA A 758 2.75 -34.77 -33.25
C ALA A 758 1.41 -34.66 -33.97
N ARG A 759 1.40 -34.91 -35.29
CA ARG A 759 0.16 -34.82 -36.05
C ARG A 759 -0.87 -35.79 -35.47
N ASP A 760 -0.42 -37.01 -35.12
CA ASP A 760 -1.33 -38.03 -34.63
C ASP A 760 -1.85 -37.66 -33.22
N LEU A 761 -0.94 -37.21 -32.34
CA LEU A 761 -1.28 -36.79 -30.98
C LEU A 761 -2.20 -35.56 -30.99
N TYR A 762 -1.94 -34.59 -31.90
CA TYR A 762 -2.80 -33.43 -32.07
C TYR A 762 -4.23 -33.86 -32.37
N THR A 763 -4.36 -34.73 -33.39
CA THR A 763 -5.65 -35.20 -33.89
C THR A 763 -6.45 -35.82 -32.74
N ARG A 764 -5.80 -36.72 -32.00
CA ARG A 764 -6.45 -37.48 -30.96
C ARG A 764 -6.74 -36.60 -29.73
N LEU A 765 -5.78 -35.79 -29.29
CA LEU A 765 -5.97 -35.04 -28.06
C LEU A 765 -7.07 -33.98 -28.27
N ARG A 766 -7.07 -33.31 -29.44
CA ARG A 766 -8.10 -32.33 -29.79
C ARG A 766 -9.49 -32.98 -29.69
N LYS A 767 -9.59 -34.16 -30.30
CA LYS A 767 -10.85 -34.89 -30.30
C LYS A 767 -11.24 -35.29 -28.88
N ASN A 768 -10.27 -35.86 -28.13
CA ASN A 768 -10.56 -36.36 -26.77
C ASN A 768 -11.05 -35.22 -25.87
N ILE A 769 -10.30 -34.10 -25.86
CA ILE A 769 -10.63 -32.95 -25.03
C ILE A 769 -11.98 -32.40 -25.45
N VAL A 770 -12.16 -32.21 -26.76
CA VAL A 770 -13.40 -31.61 -27.20
C VAL A 770 -14.60 -32.48 -26.81
N GLU A 771 -14.51 -33.76 -27.12
CA GLU A 771 -15.64 -34.67 -26.91
C GLU A 771 -15.99 -34.80 -25.42
N THR A 772 -14.96 -34.82 -24.56
CA THR A 772 -15.20 -34.92 -23.13
C THR A 772 -15.99 -33.70 -22.62
N VAL A 773 -15.59 -32.53 -23.08
CA VAL A 773 -16.23 -31.32 -22.59
C VAL A 773 -17.63 -31.24 -23.17
N TYR A 774 -17.79 -31.61 -24.44
CA TYR A 774 -19.09 -31.64 -25.09
C TYR A 774 -20.05 -32.64 -24.45
N ARG A 775 -19.62 -33.90 -24.32
CA ARG A 775 -20.45 -34.96 -23.75
C ARG A 775 -20.97 -34.50 -22.37
N ASN A 776 -20.10 -33.87 -21.56
CA ASN A 776 -20.51 -33.41 -20.25
C ASN A 776 -21.49 -32.23 -20.35
N TRP A 777 -21.26 -31.29 -21.28
CA TRP A 777 -22.19 -30.20 -21.50
C TRP A 777 -23.56 -30.75 -21.91
N GLU A 778 -23.53 -31.75 -22.81
CA GLU A 778 -24.76 -32.34 -23.31
C GLU A 778 -25.60 -32.88 -22.15
N GLU A 779 -24.95 -33.64 -21.25
CA GLU A 779 -25.66 -34.39 -20.24
C GLU A 779 -26.04 -33.49 -19.06
N THR A 780 -25.22 -32.45 -18.75
CA THR A 780 -25.39 -31.71 -17.50
C THR A 780 -25.73 -30.23 -17.75
N GLY A 781 -25.45 -29.73 -18.95
CA GLY A 781 -25.58 -28.31 -19.27
C GLY A 781 -24.40 -27.45 -18.80
N PHE A 782 -23.35 -28.08 -18.29
CA PHE A 782 -22.31 -27.27 -17.65
C PHE A 782 -20.95 -27.52 -18.27
N ALA A 783 -20.15 -26.45 -18.27
CA ALA A 783 -18.70 -26.51 -18.27
C ALA A 783 -18.25 -26.85 -16.87
N TRP A 784 -17.29 -27.78 -16.75
CA TRP A 784 -16.72 -28.14 -15.47
C TRP A 784 -15.27 -27.68 -15.38
N GLU A 785 -14.80 -27.53 -14.14
CA GLU A 785 -13.48 -27.06 -13.75
C GLU A 785 -12.42 -28.05 -14.20
N GLN A 786 -12.76 -29.35 -14.15
CA GLN A 786 -11.82 -30.41 -14.51
C GLN A 786 -12.63 -31.67 -14.80
N TYR A 787 -11.97 -32.68 -15.38
CA TYR A 787 -12.63 -33.90 -15.84
C TYR A 787 -11.90 -35.14 -15.33
N ASN A 788 -12.70 -36.15 -14.94
CA ASN A 788 -12.20 -37.37 -14.36
C ASN A 788 -11.57 -38.22 -15.46
N PRO A 789 -10.29 -38.60 -15.35
CA PRO A 789 -9.65 -39.38 -16.42
C PRO A 789 -10.01 -40.86 -16.47
N GLU A 790 -10.67 -41.38 -15.43
CA GLU A 790 -11.18 -42.75 -15.40
C GLU A 790 -12.56 -42.82 -16.03
N THR A 791 -13.43 -41.86 -15.67
CA THR A 791 -14.83 -41.93 -16.04
C THR A 791 -15.17 -40.89 -17.09
N GLY A 792 -14.34 -39.85 -17.28
CA GLY A 792 -14.67 -38.78 -18.21
C GLY A 792 -15.67 -37.76 -17.64
N LYS A 793 -16.09 -37.93 -16.39
CA LYS A 793 -17.11 -37.07 -15.80
C LYS A 793 -16.54 -35.71 -15.39
N GLY A 794 -17.31 -34.66 -15.68
CA GLY A 794 -17.01 -33.38 -15.06
C GLY A 794 -17.10 -33.48 -13.54
N GLN A 795 -16.16 -32.81 -12.85
CA GLN A 795 -16.11 -32.81 -11.39
C GLN A 795 -15.55 -31.46 -10.92
N ARG A 796 -15.56 -31.22 -9.60
CA ARG A 796 -15.29 -29.92 -9.00
C ARG A 796 -16.41 -29.00 -9.45
N THR A 797 -16.14 -27.71 -9.66
CA THR A 797 -17.25 -26.77 -9.83
C THR A 797 -17.81 -26.73 -11.25
N GLN A 798 -19.13 -26.53 -11.33
CA GLN A 798 -19.84 -26.25 -12.57
C GLN A 798 -19.72 -24.77 -12.92
N HIS A 799 -20.17 -24.38 -14.11
CA HIS A 799 -20.16 -22.98 -14.56
C HIS A 799 -18.73 -22.45 -14.68
N PHE A 800 -17.77 -23.31 -15.00
CA PHE A 800 -16.39 -22.87 -15.08
C PHE A 800 -16.10 -22.36 -16.50
N THR A 801 -16.54 -21.14 -16.78
CA THR A 801 -16.26 -20.46 -18.05
C THR A 801 -15.67 -19.07 -17.79
N GLY A 802 -14.39 -18.98 -17.38
CA GLY A 802 -13.54 -20.13 -17.04
C GLY A 802 -12.82 -20.69 -18.26
N TRP A 803 -11.61 -21.24 -18.05
CA TRP A 803 -10.75 -21.63 -19.17
C TRP A 803 -11.26 -22.88 -19.89
N THR A 804 -12.23 -23.59 -19.27
CA THR A 804 -12.81 -24.72 -19.98
C THR A 804 -13.33 -24.30 -21.36
N SER A 805 -13.77 -23.03 -21.48
CA SER A 805 -14.31 -22.48 -22.71
C SER A 805 -13.29 -22.44 -23.85
N LEU A 806 -12.02 -22.76 -23.58
CA LEU A 806 -11.00 -22.73 -24.62
C LEU A 806 -11.37 -23.72 -25.72
N VAL A 807 -12.23 -24.66 -25.35
CA VAL A 807 -12.65 -25.74 -26.21
CA VAL A 807 -12.65 -25.74 -26.21
C VAL A 807 -13.17 -25.16 -27.54
N VAL A 808 -13.75 -23.96 -27.49
CA VAL A 808 -14.25 -23.35 -28.70
C VAL A 808 -13.10 -22.99 -29.64
N LYS A 809 -11.96 -22.57 -29.10
CA LYS A 809 -10.80 -22.28 -29.92
C LYS A 809 -10.15 -23.57 -30.40
N ILE A 810 -10.18 -24.62 -29.56
CA ILE A 810 -9.66 -25.92 -29.97
C ILE A 810 -10.44 -26.42 -31.20
N MET A 811 -11.76 -26.27 -31.20
CA MET A 811 -12.56 -26.78 -32.29
C MET A 811 -12.25 -25.98 -33.57
N SER A 812 -11.96 -24.68 -33.41
CA SER A 812 -11.74 -23.72 -34.48
C SER A 812 -10.46 -24.01 -35.25
N GLY A 813 -9.43 -24.48 -34.54
CA GLY A 813 -8.18 -24.98 -35.12
C GLY A 813 -7.36 -23.86 -35.77
N HIS A 814 -6.55 -24.25 -36.78
CA HIS A 814 -5.69 -23.35 -37.55
C HIS A 814 -4.99 -22.35 -36.61
N HIS A 815 -4.09 -22.84 -35.75
CA HIS A 815 -3.41 -22.00 -34.77
C HIS A 815 -2.36 -21.07 -35.44
N GLU B 35 25.57 3.53 39.08
CA GLU B 35 26.17 2.61 40.12
C GLU B 35 26.52 3.37 41.42
N SER B 36 27.03 4.62 41.35
CA SER B 36 27.00 5.45 42.55
C SER B 36 25.56 5.73 42.98
N ILE B 37 25.33 5.85 44.29
CA ILE B 37 24.02 6.20 44.82
C ILE B 37 23.51 7.49 44.17
N LEU B 38 24.39 8.50 44.03
CA LEU B 38 23.89 9.77 43.55
C LEU B 38 23.56 9.69 42.07
N HIS B 39 24.42 9.03 41.28
CA HIS B 39 24.17 8.96 39.85
C HIS B 39 22.86 8.23 39.60
N SER B 40 22.69 7.09 40.29
CA SER B 40 21.44 6.33 40.27
C SER B 40 20.25 7.27 40.51
N GLU B 41 20.37 8.08 41.57
CA GLU B 41 19.22 8.84 42.08
C GLU B 41 18.83 9.88 41.03
N ILE B 42 19.85 10.53 40.45
CA ILE B 42 19.59 11.53 39.45
C ILE B 42 19.01 10.87 38.20
N GLY B 43 19.51 9.69 37.83
CA GLY B 43 18.92 8.96 36.71
C GLY B 43 17.43 8.72 36.97
N ARG B 44 17.10 8.30 38.21
CA ARG B 44 15.73 8.04 38.60
C ARG B 44 14.89 9.31 38.50
N LEU B 45 15.46 10.47 38.87
CA LEU B 45 14.72 11.72 38.90
C LEU B 45 14.49 12.23 37.47
N ASN B 46 15.49 12.07 36.61
CA ASN B 46 15.33 12.40 35.20
C ASN B 46 14.25 11.53 34.58
N ASN B 47 14.29 10.25 34.90
CA ASN B 47 13.40 9.24 34.35
C ASN B 47 11.96 9.63 34.72
N GLN B 48 11.71 9.93 35.99
CA GLN B 48 10.37 10.34 36.41
C GLN B 48 10.00 11.67 35.76
N SER B 49 10.99 12.55 35.65
CA SER B 49 10.69 13.88 35.13
C SER B 49 10.24 13.79 33.68
N LEU B 50 10.86 12.86 32.90
CA LEU B 50 10.77 12.89 31.44
C LEU B 50 9.79 11.81 30.91
N LEU B 51 9.25 10.99 31.81
CA LEU B 51 8.50 9.82 31.44
C LEU B 51 7.34 10.16 30.49
N TRP B 52 6.55 11.17 30.82
CA TRP B 52 5.40 11.46 29.97
C TRP B 52 5.73 12.54 28.96
N GLY B 53 5.18 12.44 27.75
CA GLY B 53 5.14 13.64 26.95
C GLY B 53 4.29 13.39 25.72
N PRO B 54 4.23 14.35 24.78
CA PRO B 54 3.57 14.12 23.49
C PRO B 54 4.58 13.47 22.54
N TYR B 55 5.11 12.33 22.96
CA TYR B 55 6.30 11.76 22.37
C TYR B 55 5.95 10.94 21.12
N ARG B 56 5.01 11.45 20.31
CA ARG B 56 4.48 10.80 19.13
C ARG B 56 4.51 11.82 18.00
N PRO B 57 5.71 12.28 17.57
CA PRO B 57 5.79 13.39 16.62
C PRO B 57 5.27 13.04 15.22
N ASN B 58 5.11 11.75 14.94
CA ASN B 58 4.60 11.30 13.65
C ASN B 58 3.14 11.70 13.43
N ILE B 59 2.38 11.94 14.52
CA ILE B 59 1.00 12.42 14.39
C ILE B 59 0.83 13.87 14.87
N TYR B 60 -0.22 14.57 14.41
CA TYR B 60 -0.53 15.92 14.86
C TYR B 60 -0.56 16.03 16.39
N PHE B 61 -1.24 15.12 17.08
CA PHE B 61 -1.28 15.21 18.53
C PHE B 61 -1.61 13.88 19.21
N GLY B 62 -0.78 13.53 20.18
CA GLY B 62 -0.96 12.30 20.92
C GLY B 62 0.09 12.22 22.02
N THR B 63 -0.09 11.29 22.96
CA THR B 63 0.90 11.19 24.01
C THR B 63 1.28 9.73 24.18
N ARG B 64 2.43 9.50 24.82
CA ARG B 64 2.79 8.19 25.32
C ARG B 64 3.90 8.36 26.36
N PRO B 65 4.07 7.43 27.31
CA PRO B 65 5.23 7.49 28.19
C PRO B 65 6.40 6.78 27.52
N ARG B 66 7.59 6.99 28.06
CA ARG B 66 8.79 6.30 27.63
C ARG B 66 8.77 4.85 28.12
N ILE B 67 7.76 4.09 27.68
CA ILE B 67 7.62 2.67 28.00
C ILE B 67 7.12 1.98 26.73
N GLY B 68 7.79 0.88 26.37
CA GLY B 68 7.52 0.19 25.13
C GLY B 68 6.05 -0.15 24.97
N LYS B 69 5.51 -0.80 26.01
CA LYS B 69 4.16 -1.33 25.97
C LYS B 69 3.34 -0.66 27.06
N SER B 70 2.52 0.31 26.69
CA SER B 70 1.84 1.08 27.72
C SER B 70 0.69 1.88 27.08
N LEU B 71 0.32 2.96 27.74
CA LEU B 71 -0.88 3.67 27.34
C LEU B 71 -0.51 4.72 26.31
N MET B 72 -1.23 4.80 25.19
CA MET B 72 -0.95 5.82 24.17
C MET B 72 -2.22 6.56 23.78
N THR B 73 -2.10 7.84 23.38
CA THR B 73 -3.29 8.54 22.93
C THR B 73 -3.02 9.17 21.58
N GLY B 74 -4.10 9.56 20.89
CA GLY B 74 -4.00 10.29 19.64
C GLY B 74 -5.32 10.97 19.26
N LEU B 75 -5.20 12.12 18.60
CA LEU B 75 -6.29 12.99 18.20
C LEU B 75 -6.55 12.90 16.70
N MET B 76 -7.83 12.83 16.33
CA MET B 76 -8.17 12.97 14.92
C MET B 76 -9.36 13.93 14.83
N TRP B 77 -9.48 14.60 13.67
CA TRP B 77 -10.58 15.51 13.43
C TRP B 77 -10.79 15.59 11.93
N GLY B 78 -12.01 15.96 11.53
CA GLY B 78 -12.28 16.24 10.12
C GLY B 78 -13.71 16.75 9.97
N LYS B 79 -13.94 17.64 9.00
CA LYS B 79 -15.29 18.08 8.68
C LYS B 79 -16.04 16.93 8.03
N ILE B 80 -17.38 16.96 8.16
CA ILE B 80 -18.20 16.02 7.44
C ILE B 80 -19.36 16.74 6.77
N GLU B 81 -19.50 16.54 5.46
CA GLU B 81 -20.54 17.19 4.69
C GLU B 81 -21.36 16.17 3.89
N SER B 82 -20.87 14.93 3.77
CA SER B 82 -21.50 13.95 2.88
C SER B 82 -21.31 12.56 3.46
N TYR B 83 -21.81 11.56 2.73
CA TYR B 83 -21.75 10.20 3.23
C TYR B 83 -20.38 9.59 2.99
N THR B 84 -19.52 10.28 2.23
CA THR B 84 -18.28 9.70 1.72
C THR B 84 -17.05 10.63 1.81
N ASP B 85 -17.19 11.84 2.39
CA ASP B 85 -16.10 12.81 2.41
C ASP B 85 -15.13 12.58 3.58
N PHE B 86 -15.62 12.05 4.70
CA PHE B 86 -14.89 12.08 5.96
C PHE B 86 -13.57 11.29 5.86
N GLN B 87 -13.56 10.21 5.08
CA GLN B 87 -12.38 9.41 4.80
C GLN B 87 -11.28 10.29 4.16
N HIS B 88 -11.66 11.40 3.52
CA HIS B 88 -10.73 12.26 2.83
C HIS B 88 -10.29 13.46 3.69
N THR B 89 -11.11 13.83 4.69
CA THR B 89 -10.90 15.07 5.42
C THR B 89 -10.21 14.78 6.75
N VAL B 90 -10.36 13.54 7.24
CA VAL B 90 -9.88 13.22 8.58
C VAL B 90 -8.36 13.40 8.67
N ARG B 91 -7.92 13.96 9.81
CA ARG B 91 -6.51 14.16 10.13
C ARG B 91 -6.08 13.21 11.23
N TYR B 92 -4.88 12.65 11.08
CA TYR B 92 -4.27 11.85 12.14
C TYR B 92 -2.74 12.00 12.05
N THR B 93 -2.17 11.42 10.97
CA THR B 93 -0.76 11.36 10.66
C THR B 93 -0.30 12.70 10.08
N CYS B 94 0.85 13.21 10.55
CA CYS B 94 1.38 14.46 10.03
C CYS B 94 1.68 14.34 8.53
N GLU B 95 1.21 15.32 7.74
CA GLU B 95 1.56 15.45 6.32
C GLU B 95 1.90 16.91 6.00
N GLN B 96 2.29 17.20 4.75
CA GLN B 96 2.37 18.61 4.34
C GLN B 96 2.01 18.68 2.86
N ASN B 97 0.96 19.46 2.56
CA ASN B 97 0.38 19.60 1.23
C ASN B 97 -0.44 20.89 1.23
N GLU B 98 -0.95 21.29 0.05
CA GLU B 98 -1.84 22.42 -0.23
C GLU B 98 -2.93 22.55 0.86
N GLY B 99 -3.51 21.42 1.31
CA GLY B 99 -4.62 21.42 2.24
C GLY B 99 -4.25 21.85 3.66
N MET B 100 -2.94 21.92 3.94
CA MET B 100 -2.48 22.34 5.27
C MET B 100 -1.64 23.61 5.15
N LYS B 101 -2.03 24.65 5.89
CA LYS B 101 -1.28 25.90 5.84
C LYS B 101 0.06 25.69 6.55
N GLY B 102 0.01 25.18 7.78
CA GLY B 102 1.17 24.97 8.63
C GLY B 102 0.73 24.39 9.98
N TYR B 103 1.72 24.03 10.81
CA TYR B 103 1.54 23.56 12.18
C TYR B 103 2.92 23.41 12.81
N GLY B 104 2.93 23.45 14.13
CA GLY B 104 4.17 23.34 14.89
C GLY B 104 3.94 23.79 16.32
N TRP B 105 4.97 23.65 17.15
CA TRP B 105 4.90 24.07 18.54
C TRP B 105 5.29 25.54 18.65
N ASP B 106 4.50 26.33 19.39
CA ASP B 106 4.79 27.75 19.55
C ASP B 106 5.85 27.86 20.65
N GLU B 107 5.76 26.91 21.58
CA GLU B 107 6.59 26.82 22.77
C GLU B 107 6.55 25.38 23.23
N TYR B 108 7.69 24.91 23.73
CA TYR B 108 7.74 23.57 24.21
C TYR B 108 8.97 23.35 25.07
N ASP B 109 8.74 22.61 26.13
CA ASP B 109 9.76 22.10 27.01
C ASP B 109 9.28 20.72 27.44
N PRO B 110 10.09 19.67 27.16
CA PRO B 110 9.74 18.30 27.51
C PRO B 110 9.44 18.09 28.99
N ARG B 111 10.03 18.89 29.89
CA ARG B 111 9.72 18.73 31.30
C ARG B 111 8.37 19.35 31.66
N ARG B 112 7.88 20.30 30.87
CA ARG B 112 6.82 21.15 31.40
C ARG B 112 5.58 21.06 30.50
N GLY B 113 5.84 20.99 29.18
CA GLY B 113 4.76 21.01 28.22
C GLY B 113 4.93 22.15 27.22
N GLY B 114 3.85 22.46 26.51
CA GLY B 114 3.93 23.40 25.41
C GLY B 114 2.56 23.64 24.80
N ILE B 115 2.56 24.37 23.70
CA ILE B 115 1.35 24.69 22.96
C ILE B 115 1.69 24.54 21.49
N GLN B 116 0.83 23.82 20.77
CA GLN B 116 1.01 23.58 19.35
C GLN B 116 -0.16 24.23 18.61
N SER B 117 0.11 24.80 17.44
CA SER B 117 -0.93 25.42 16.63
C SER B 117 -1.03 24.64 15.32
N ILE B 118 -2.27 24.39 14.84
CA ILE B 118 -2.45 23.68 13.59
C ILE B 118 -3.36 24.52 12.68
N HIS B 119 -2.87 24.90 11.49
CA HIS B 119 -3.67 25.66 10.54
C HIS B 119 -4.11 24.77 9.38
N ASP B 120 -5.33 24.25 9.51
CA ASP B 120 -5.86 23.28 8.58
C ASP B 120 -6.82 23.97 7.61
N ILE B 121 -6.43 24.07 6.34
CA ILE B 121 -7.23 24.73 5.31
C ILE B 121 -8.38 23.83 4.88
N GLN B 122 -8.09 22.56 4.58
CA GLN B 122 -9.13 21.66 4.07
C GLN B 122 -10.30 21.64 5.05
N ASN B 123 -10.01 21.63 6.36
CA ASN B 123 -11.05 21.45 7.36
C ASN B 123 -11.51 22.80 7.91
N GLY B 124 -10.86 23.89 7.46
CA GLY B 124 -11.32 25.26 7.75
C GLY B 124 -11.18 25.62 9.22
N LEU B 125 -10.16 25.01 9.88
CA LEU B 125 -10.03 25.03 11.33
C LEU B 125 -8.62 25.50 11.73
N ASP B 126 -8.56 26.27 12.82
CA ASP B 126 -7.32 26.62 13.50
C ASP B 126 -7.37 25.98 14.87
N ILE B 127 -6.41 25.11 15.18
CA ILE B 127 -6.50 24.28 16.36
C ILE B 127 -5.29 24.57 17.24
N THR B 128 -5.50 24.57 18.56
CA THR B 128 -4.37 24.63 19.44
C THR B 128 -4.46 23.41 20.34
N THR B 129 -3.31 22.78 20.58
CA THR B 129 -3.26 21.66 21.51
C THR B 129 -2.27 22.09 22.57
N SER B 130 -2.75 22.34 23.79
N SER B 130 -2.78 22.33 23.78
CA SER B 130 -1.88 22.70 24.89
CA SER B 130 -1.94 22.66 24.92
C SER B 130 -1.69 21.47 25.79
C SER B 130 -1.67 21.38 25.70
N PHE B 131 -0.44 21.22 26.18
CA PHE B 131 -0.12 20.04 26.95
C PHE B 131 0.71 20.49 28.15
N VAL B 132 0.43 19.95 29.34
CA VAL B 132 1.17 20.34 30.53
C VAL B 132 1.39 19.10 31.37
N LYS B 133 2.52 19.08 32.10
CA LYS B 133 2.81 17.98 32.99
C LYS B 133 2.70 18.47 34.44
N ILE B 134 2.31 17.57 35.35
CA ILE B 134 2.05 17.92 36.73
C ILE B 134 2.69 16.83 37.56
N PRO B 135 3.82 17.16 38.20
CA PRO B 135 4.59 16.15 38.93
C PRO B 135 3.83 15.73 40.19
N GLY B 136 4.14 14.52 40.66
CA GLY B 136 3.46 13.91 41.78
C GLY B 136 3.47 12.39 41.69
N GLY B 137 3.69 11.75 42.84
CA GLY B 137 3.61 10.30 42.95
C GLY B 137 4.86 9.63 42.38
N ALA B 138 4.75 8.31 42.17
CA ALA B 138 5.89 7.46 41.88
C ALA B 138 5.87 6.95 40.43
N HIS B 139 5.04 7.50 39.56
CA HIS B 139 4.88 6.89 38.25
C HIS B 139 4.98 7.92 37.13
N GLY B 140 5.78 8.97 37.37
CA GLY B 140 6.03 9.94 36.32
C GLY B 140 4.96 11.03 36.24
N GLY B 141 4.08 11.05 37.25
CA GLY B 141 3.18 12.19 37.50
C GLY B 141 1.99 12.20 36.54
N SER B 142 1.34 13.37 36.42
CA SER B 142 0.06 13.56 35.76
C SER B 142 0.24 14.47 34.55
N TRP B 143 -0.80 14.58 33.72
CA TRP B 143 -0.74 15.51 32.60
C TRP B 143 -2.14 15.91 32.17
N ALA B 144 -2.25 16.97 31.38
CA ALA B 144 -3.51 17.42 30.84
C ALA B 144 -3.25 18.08 29.50
N ALA B 145 -4.30 18.19 28.68
CA ALA B 145 -4.29 18.79 27.36
C ALA B 145 -5.62 19.49 27.14
N ARG B 146 -5.57 20.65 26.48
CA ARG B 146 -6.76 21.31 26.00
C ARG B 146 -6.67 21.30 24.49
N ILE B 147 -7.76 20.85 23.85
CA ILE B 147 -7.93 20.82 22.42
C ILE B 147 -8.94 21.90 22.03
N LYS B 148 -8.53 22.87 21.21
CA LYS B 148 -9.42 23.95 20.90
C LYS B 148 -9.46 24.21 19.39
N GLY B 149 -10.68 24.20 18.82
CA GLY B 149 -10.85 24.45 17.39
C GLY B 149 -11.71 25.68 17.13
N THR B 150 -11.22 26.54 16.23
CA THR B 150 -11.86 27.77 15.83
C THR B 150 -11.93 27.78 14.33
N LEU B 151 -13.16 27.83 13.78
CA LEU B 151 -13.37 27.87 12.34
C LEU B 151 -12.78 29.18 11.84
N ASN B 152 -12.08 29.11 10.70
CA ASN B 152 -11.54 30.27 10.01
C ASN B 152 -12.69 31.00 9.31
N ASP B 153 -12.40 32.19 8.75
CA ASP B 153 -13.43 33.03 8.18
C ASP B 153 -14.12 32.39 6.97
N ASP B 154 -13.40 31.49 6.26
CA ASP B 154 -13.83 30.94 4.98
C ASP B 154 -14.75 29.73 5.15
N ALA B 155 -14.85 29.17 6.37
CA ALA B 155 -15.57 27.93 6.63
C ALA B 155 -17.05 28.22 6.83
N PRO B 156 -17.99 27.30 6.47
CA PRO B 156 -19.39 27.52 6.80
C PRO B 156 -19.56 27.54 8.32
N LYS B 157 -20.21 28.58 8.84
CA LYS B 157 -20.29 28.82 10.26
C LYS B 157 -20.98 27.65 10.97
N ASP B 158 -21.78 26.87 10.23
CA ASP B 158 -22.47 25.71 10.82
C ASP B 158 -21.73 24.40 10.50
N GLN B 159 -20.45 24.47 10.10
CA GLN B 159 -19.69 23.28 9.75
C GLN B 159 -19.77 22.22 10.85
N LYS B 160 -19.97 20.97 10.47
CA LYS B 160 -19.90 19.92 11.50
C LYS B 160 -18.51 19.30 11.46
N THR B 161 -17.84 19.27 12.63
CA THR B 161 -16.52 18.67 12.76
C THR B 161 -16.61 17.45 13.68
N ILE B 162 -16.10 16.30 13.21
CA ILE B 162 -15.93 15.14 14.06
C ILE B 162 -14.57 15.25 14.74
N VAL B 163 -14.54 14.90 16.02
CA VAL B 163 -13.28 14.84 16.73
C VAL B 163 -13.19 13.51 17.45
N VAL B 164 -12.05 12.82 17.29
CA VAL B 164 -11.86 11.57 18.00
C VAL B 164 -10.62 11.67 18.90
N PHE B 165 -10.79 11.17 20.14
CA PHE B 165 -9.67 10.88 21.02
C PHE B 165 -9.56 9.36 21.17
N TYR B 166 -8.48 8.81 20.62
CA TYR B 166 -8.20 7.38 20.58
C TYR B 166 -7.23 7.02 21.69
N VAL B 167 -7.59 6.00 22.49
CA VAL B 167 -6.73 5.59 23.58
C VAL B 167 -6.45 4.11 23.43
N SER B 168 -5.18 3.70 23.54
CA SER B 168 -4.87 2.28 23.55
C SER B 168 -3.91 1.95 24.70
N GLN B 169 -3.90 0.67 25.09
CA GLN B 169 -2.97 0.18 26.11
C GLN B 169 -2.51 -1.24 25.81
N GLU B 170 -1.18 -1.38 25.70
CA GLU B 170 -0.50 -2.62 25.41
C GLU B 170 0.23 -3.07 26.68
N GLY B 171 0.40 -4.39 26.83
CA GLY B 171 1.23 -4.90 27.90
C GLY B 171 0.46 -5.84 28.83
N GLU B 172 1.16 -6.85 29.33
CA GLU B 172 0.65 -7.83 30.29
C GLU B 172 0.21 -7.12 31.57
N ASN B 173 -0.79 -7.70 32.24
CA ASN B 173 -1.23 -7.33 33.58
C ASN B 173 -1.62 -5.86 33.64
N SER B 174 -2.59 -5.49 32.78
CA SER B 174 -2.98 -4.11 32.61
C SER B 174 -4.47 -4.03 32.25
N GLU B 175 -5.15 -3.00 32.76
CA GLU B 175 -6.60 -2.92 32.60
C GLU B 175 -6.95 -1.51 32.14
N LEU B 176 -8.03 -1.39 31.38
CA LEU B 176 -8.53 -0.08 31.07
C LEU B 176 -10.02 -0.21 30.77
N GLU B 177 -10.81 0.71 31.32
CA GLU B 177 -12.25 0.54 31.36
C GLU B 177 -12.91 1.91 31.34
N ALA B 178 -13.82 2.13 30.39
CA ALA B 178 -14.66 3.33 30.36
C ALA B 178 -15.85 3.15 31.32
N VAL B 179 -16.03 4.13 32.22
CA VAL B 179 -17.19 4.14 33.10
C VAL B 179 -18.45 4.43 32.28
N PRO B 180 -19.52 3.59 32.34
CA PRO B 180 -20.78 3.86 31.61
C PRO B 180 -21.34 5.25 31.92
N SER B 181 -21.98 5.86 30.92
CA SER B 181 -22.74 7.05 31.24
C SER B 181 -24.03 6.65 31.95
N GLU B 182 -24.74 7.65 32.47
CA GLU B 182 -26.02 7.44 33.13
C GLU B 182 -27.12 7.91 32.18
N ASN B 183 -26.92 7.73 30.86
CA ASN B 183 -27.85 8.19 29.83
C ASN B 183 -27.92 7.17 28.71
N GLU B 184 -28.92 7.33 27.82
CA GLU B 184 -29.33 6.22 26.99
C GLU B 184 -28.28 5.93 25.91
N PHE B 185 -27.97 6.95 25.10
CA PHE B 185 -27.26 6.72 23.86
C PHE B 185 -25.83 7.26 23.93
N GLY B 186 -25.34 7.59 25.12
CA GLY B 186 -24.02 8.17 25.25
C GLY B 186 -23.96 9.13 26.43
N TYR B 187 -23.09 10.16 26.31
CA TYR B 187 -22.66 10.91 27.47
C TYR B 187 -23.09 12.36 27.32
N GLU B 188 -23.74 12.86 28.37
CA GLU B 188 -24.04 14.28 28.52
C GLU B 188 -22.83 15.03 29.08
N GLY B 189 -22.01 14.35 29.91
CA GLY B 189 -20.93 14.97 30.68
C GLY B 189 -19.54 14.47 30.25
N ASP B 190 -18.68 14.22 31.24
CA ASP B 190 -17.31 13.80 31.01
C ASP B 190 -17.27 12.30 30.73
N VAL B 191 -16.30 11.85 29.92
CA VAL B 191 -16.00 10.42 29.84
C VAL B 191 -14.80 10.17 30.74
N ILE B 192 -14.92 9.15 31.60
CA ILE B 192 -13.88 8.73 32.52
C ILE B 192 -13.41 7.33 32.14
N LEU B 193 -12.10 7.18 31.88
CA LEU B 193 -11.44 5.89 31.75
C LEU B 193 -10.66 5.65 33.05
N LYS B 194 -10.81 4.45 33.64
CA LYS B 194 -10.00 4.01 34.77
C LYS B 194 -9.15 2.81 34.35
N GLY B 195 -7.86 2.88 34.67
CA GLY B 195 -6.93 1.84 34.28
C GLY B 195 -5.83 1.63 35.31
N ARG B 196 -4.99 0.62 35.02
CA ARG B 196 -4.00 0.11 35.95
C ARG B 196 -2.97 -0.61 35.09
N SER B 197 -1.68 -0.39 35.36
CA SER B 197 -0.63 -1.26 34.84
C SER B 197 0.49 -1.28 35.86
N GLU B 198 1.49 -2.14 35.65
CA GLU B 198 2.56 -2.18 36.61
C GLU B 198 3.36 -0.88 36.51
N ALA B 199 3.59 -0.44 35.27
CA ALA B 199 4.40 0.74 35.07
C ALA B 199 3.69 2.01 35.53
N LEU B 200 2.36 2.07 35.37
CA LEU B 200 1.69 3.35 35.64
C LEU B 200 0.95 3.38 36.98
N GLY B 201 0.82 2.24 37.67
CA GLY B 201 -0.10 2.11 38.82
C GLY B 201 -1.55 2.36 38.38
N ASN B 202 -2.39 2.84 39.29
CA ASN B 202 -3.74 3.23 38.92
C ASN B 202 -3.71 4.64 38.38
N TYR B 203 -4.61 4.88 37.42
CA TYR B 203 -4.75 6.22 36.90
C TYR B 203 -6.18 6.37 36.40
N LYS B 204 -6.51 7.63 36.11
CA LYS B 204 -7.81 8.04 35.59
C LYS B 204 -7.49 8.88 34.35
N LEU B 205 -8.19 8.65 33.24
CA LEU B 205 -8.03 9.52 32.07
C LEU B 205 -9.41 10.05 31.71
N VAL B 206 -9.56 11.39 31.74
CA VAL B 206 -10.86 11.98 31.54
C VAL B 206 -10.91 12.77 30.24
N VAL B 207 -11.98 12.58 29.44
CA VAL B 207 -12.23 13.47 28.33
C VAL B 207 -13.43 14.34 28.69
N THR B 208 -13.21 15.65 28.85
CA THR B 208 -14.25 16.46 29.44
C THR B 208 -15.36 16.71 28.42
N LYS B 209 -16.53 17.13 28.94
CA LYS B 209 -17.72 17.46 28.17
C LYS B 209 -17.36 18.38 27.00
N GLY B 210 -16.69 19.48 27.35
CA GLY B 210 -16.24 20.47 26.40
C GLY B 210 -17.22 21.63 26.24
N LYS B 211 -16.92 22.51 25.28
CA LYS B 211 -17.71 23.67 24.99
C LYS B 211 -17.90 23.69 23.48
N GLY B 212 -19.11 24.05 23.08
CA GLY B 212 -19.51 24.28 21.71
C GLY B 212 -20.83 23.56 21.44
N VAL B 213 -21.49 23.95 20.34
CA VAL B 213 -22.76 23.41 19.94
C VAL B 213 -22.61 21.95 19.52
N ILE B 214 -23.44 21.08 20.11
CA ILE B 214 -23.59 19.70 19.68
C ILE B 214 -24.81 19.61 18.74
N PRO B 215 -24.67 19.31 17.43
CA PRO B 215 -25.84 19.29 16.53
C PRO B 215 -26.79 18.18 16.96
N GLN B 216 -28.10 18.40 16.76
CA GLN B 216 -29.10 17.47 17.21
C GLN B 216 -29.84 16.96 15.99
N SER B 217 -30.21 15.68 15.98
CA SER B 217 -30.93 15.16 14.84
C SER B 217 -32.38 14.80 15.20
N ASP B 218 -33.31 15.18 14.32
CA ASP B 218 -34.68 14.75 14.52
C ASP B 218 -35.07 13.73 13.45
N HIS B 219 -34.07 13.15 12.78
CA HIS B 219 -34.28 11.93 12.01
C HIS B 219 -34.73 10.79 12.91
N ASP B 220 -35.50 9.88 12.33
CA ASP B 220 -35.97 8.66 12.99
C ASP B 220 -34.80 7.79 13.46
N LEU B 221 -33.62 7.92 12.84
CA LEU B 221 -32.46 7.15 13.30
C LEU B 221 -32.12 7.48 14.76
N SER B 222 -32.56 8.67 15.23
CA SER B 222 -32.29 9.14 16.59
C SER B 222 -32.88 8.21 17.64
N ARG B 223 -33.89 7.40 17.26
CA ARG B 223 -34.57 6.49 18.16
C ARG B 223 -33.63 5.34 18.52
N LEU B 224 -32.68 5.08 17.62
CA LEU B 224 -31.78 3.95 17.83
C LEU B 224 -30.43 4.46 18.32
N ARG B 225 -30.10 5.71 17.98
CA ARG B 225 -28.74 6.21 18.01
C ARG B 225 -28.66 7.53 18.79
N GLY B 226 -29.79 7.92 19.40
CA GLY B 226 -29.90 9.15 20.16
C GLY B 226 -29.85 10.36 19.25
N PRO B 227 -30.21 11.58 19.75
CA PRO B 227 -30.29 12.76 18.90
C PRO B 227 -28.91 13.33 18.57
N GLY B 228 -27.88 12.82 19.25
CA GLY B 228 -26.51 13.28 19.05
C GLY B 228 -25.82 13.59 20.38
N GLN B 229 -24.65 12.98 20.58
CA GLN B 229 -24.00 13.03 21.89
C GLN B 229 -22.61 12.42 21.81
N THR B 230 -21.81 12.68 22.84
CA THR B 230 -20.49 12.08 23.01
C THR B 230 -20.72 10.59 23.17
N VAL B 231 -19.89 9.77 22.50
CA VAL B 231 -19.99 8.31 22.60
C VAL B 231 -18.59 7.74 22.83
N VAL B 232 -18.55 6.53 23.39
CA VAL B 232 -17.33 5.78 23.58
C VAL B 232 -17.55 4.36 23.04
N GLN B 233 -16.54 3.81 22.33
CA GLN B 233 -16.52 2.38 22.10
C GLN B 233 -15.27 1.80 22.75
N SER B 234 -15.46 0.76 23.55
CA SER B 234 -14.35 0.04 24.15
C SER B 234 -14.23 -1.31 23.46
N LEU B 235 -13.01 -1.60 22.99
CA LEU B 235 -12.76 -2.68 22.04
C LEU B 235 -11.47 -3.40 22.42
N THR B 236 -11.35 -4.65 21.95
CA THR B 236 -10.13 -5.42 22.14
C THR B 236 -9.59 -5.79 20.76
N TYR B 237 -8.35 -5.38 20.49
CA TYR B 237 -7.68 -5.72 19.25
C TYR B 237 -6.40 -6.49 19.58
N PRO B 238 -5.74 -7.16 18.61
CA PRO B 238 -4.41 -7.73 18.84
C PRO B 238 -3.40 -6.61 19.10
N ASP B 239 -2.42 -6.84 19.99
CA ASP B 239 -1.39 -5.86 20.31
C ASP B 239 -0.70 -5.31 19.07
N GLU B 240 -0.50 -6.13 18.03
CA GLU B 240 0.30 -5.75 16.86
C GLU B 240 -0.42 -4.71 16.01
N VAL B 241 -1.68 -4.43 16.33
CA VAL B 241 -2.45 -3.60 15.44
C VAL B 241 -2.90 -2.33 16.16
N LEU B 242 -2.53 -2.18 17.46
CA LEU B 242 -2.98 -1.03 18.24
C LEU B 242 -2.56 0.30 17.59
N TRP B 243 -1.44 0.31 16.83
CA TRP B 243 -0.94 1.54 16.25
C TRP B 243 -1.82 2.00 15.08
N GLN B 244 -2.50 1.04 14.42
CA GLN B 244 -3.24 1.31 13.19
C GLN B 244 -4.57 1.99 13.56
N ALA B 245 -4.47 3.14 14.24
CA ALA B 245 -5.60 3.83 14.85
C ALA B 245 -6.66 4.22 13.82
N LYS B 246 -6.21 4.77 12.69
CA LYS B 246 -7.14 5.27 11.70
C LYS B 246 -7.85 4.11 11.00
N PRO B 247 -7.15 3.05 10.58
CA PRO B 247 -7.86 1.87 10.07
C PRO B 247 -8.85 1.27 11.07
N ILE B 248 -8.57 1.41 12.37
CA ILE B 248 -9.48 0.87 13.37
C ILE B 248 -10.73 1.74 13.47
N LEU B 249 -10.56 3.08 13.40
CA LEU B 249 -11.71 3.94 13.44
C LEU B 249 -12.57 3.66 12.23
N PHE B 250 -11.94 3.46 11.05
CA PHE B 250 -12.71 3.29 9.83
C PHE B 250 -13.47 1.98 9.82
N GLN B 251 -12.91 0.97 10.49
CA GLN B 251 -13.55 -0.32 10.64
C GLN B 251 -14.82 -0.15 11.46
N GLN B 252 -14.73 0.64 12.53
CA GLN B 252 -15.85 0.87 13.41
C GLN B 252 -16.91 1.68 12.67
N LEU B 253 -16.48 2.69 11.88
CA LEU B 253 -17.49 3.54 11.27
C LEU B 253 -18.25 2.73 10.21
N LYS B 254 -17.51 1.93 9.43
CA LYS B 254 -18.06 1.01 8.43
C LYS B 254 -19.03 0.02 9.06
N ALA B 255 -18.65 -0.56 10.21
CA ALA B 255 -19.51 -1.50 10.91
C ALA B 255 -20.82 -0.79 11.26
N GLY B 256 -20.71 0.47 11.74
CA GLY B 256 -21.84 1.26 12.21
C GLY B 256 -22.75 1.66 11.05
N ILE B 257 -22.23 1.58 9.83
CA ILE B 257 -23.00 1.86 8.63
C ILE B 257 -23.65 0.58 8.10
N ASP B 258 -22.94 -0.55 8.14
CA ASP B 258 -23.49 -1.85 7.78
C ASP B 258 -24.71 -2.18 8.61
N TRP B 259 -24.66 -1.77 9.89
CA TRP B 259 -25.68 -1.99 10.90
C TRP B 259 -27.01 -1.33 10.49
N LEU B 260 -26.95 -0.32 9.62
CA LEU B 260 -28.14 0.44 9.22
C LEU B 260 -29.13 -0.41 8.43
N VAL B 261 -28.63 -1.36 7.63
CA VAL B 261 -29.47 -2.09 6.70
C VAL B 261 -30.09 -3.31 7.40
N GLU B 262 -29.75 -3.50 8.67
CA GLU B 262 -30.21 -4.65 9.45
C GLU B 262 -31.09 -4.18 10.59
N ASN B 263 -31.37 -2.87 10.66
CA ASN B 263 -32.05 -2.31 11.81
C ASN B 263 -33.19 -1.39 11.38
N LYS B 264 -34.20 -1.29 12.25
CA LYS B 264 -35.51 -0.75 11.93
C LYS B 264 -35.56 0.75 12.21
N TYR B 265 -35.54 1.55 11.14
CA TYR B 265 -35.78 2.99 11.25
C TYR B 265 -36.14 3.44 9.84
N ASP B 266 -36.68 4.64 9.72
CA ASP B 266 -37.29 5.10 8.49
C ASP B 266 -36.20 5.66 7.60
N VAL B 267 -36.18 5.23 6.32
CA VAL B 267 -35.08 5.52 5.42
C VAL B 267 -35.55 6.30 4.21
N ALA B 268 -36.73 6.93 4.31
CA ALA B 268 -37.27 7.77 3.25
C ALA B 268 -36.49 9.09 3.15
N ASP B 269 -36.07 9.66 4.28
CA ASP B 269 -35.35 10.93 4.24
C ASP B 269 -33.86 10.70 4.54
N PRO B 270 -32.95 11.35 3.79
CA PRO B 270 -31.51 11.27 4.06
C PRO B 270 -31.24 11.64 5.51
N PRO B 271 -30.55 10.79 6.29
CA PRO B 271 -30.17 11.13 7.67
C PRO B 271 -28.98 12.09 7.61
N PRO B 272 -28.67 12.88 8.66
CA PRO B 272 -27.51 13.79 8.62
C PRO B 272 -26.21 12.99 8.50
N PRO B 273 -25.24 13.38 7.63
CA PRO B 273 -23.97 12.66 7.55
C PRO B 273 -23.25 12.48 8.89
N TRP B 274 -23.30 13.52 9.74
CA TRP B 274 -22.60 13.40 11.02
C TRP B 274 -23.21 12.31 11.86
N GLN B 275 -24.52 12.06 11.70
CA GLN B 275 -25.18 11.08 12.55
C GLN B 275 -24.87 9.66 12.08
N VAL B 276 -24.78 9.44 10.77
CA VAL B 276 -24.48 8.09 10.31
C VAL B 276 -23.01 7.77 10.60
N TYR B 277 -22.17 8.82 10.73
CA TYR B 277 -20.78 8.68 11.14
C TYR B 277 -20.60 8.75 12.66
N LEU B 278 -21.70 8.78 13.41
CA LEU B 278 -21.56 8.82 14.86
C LEU B 278 -21.65 7.41 15.42
N LEU B 279 -20.57 6.94 16.06
CA LEU B 279 -20.49 5.55 16.51
C LEU B 279 -21.55 5.29 17.56
N ALA B 280 -21.96 4.02 17.66
CA ALA B 280 -22.86 3.56 18.71
C ALA B 280 -22.06 3.45 19.98
N ASN B 281 -22.65 3.95 21.06
CA ASN B 281 -22.04 3.97 22.38
C ASN B 281 -21.97 2.55 22.93
N LYS B 282 -20.75 2.05 23.18
CA LYS B 282 -20.54 0.74 23.79
C LYS B 282 -19.35 0.80 24.74
N PRO B 283 -19.42 1.58 25.84
CA PRO B 283 -18.32 1.68 26.81
C PRO B 283 -18.16 0.35 27.52
N GLY B 284 -16.95 0.11 28.04
CA GLY B 284 -16.61 -1.08 28.81
C GLY B 284 -15.10 -1.24 28.92
N SER B 285 -14.71 -2.49 29.16
CA SER B 285 -13.31 -2.86 29.26
C SER B 285 -12.80 -3.08 27.84
N GLY B 286 -11.51 -2.80 27.61
CA GLY B 286 -10.84 -3.05 26.34
C GLY B 286 -9.41 -2.49 26.35
N ASN B 287 -8.69 -2.65 25.23
CA ASN B 287 -7.34 -2.13 25.07
C ASN B 287 -7.34 -1.01 24.04
N VAL B 288 -8.53 -0.73 23.50
CA VAL B 288 -8.78 0.41 22.63
C VAL B 288 -10.08 1.05 23.11
N HIS B 289 -10.05 2.38 23.24
CA HIS B 289 -11.21 3.20 23.53
C HIS B 289 -11.26 4.34 22.53
N ILE B 290 -12.40 4.43 21.83
CA ILE B 290 -12.59 5.51 20.89
C ILE B 290 -13.63 6.44 21.52
N VAL B 291 -13.19 7.68 21.79
CA VAL B 291 -14.09 8.69 22.32
C VAL B 291 -14.38 9.66 21.19
N GLN B 292 -15.66 9.83 20.87
CA GLN B 292 -15.98 10.60 19.69
C GLN B 292 -16.99 11.69 20.06
N LYS B 293 -16.83 12.87 19.45
CA LYS B 293 -17.69 14.01 19.66
C LYS B 293 -17.95 14.62 18.30
N VAL B 294 -19.11 15.26 18.15
CA VAL B 294 -19.36 16.04 16.95
C VAL B 294 -19.70 17.44 17.44
N PHE B 295 -19.08 18.44 16.82
CA PHE B 295 -19.37 19.81 17.16
C PHE B 295 -19.89 20.54 15.93
N GLU B 296 -20.74 21.55 16.21
CA GLU B 296 -21.16 22.51 15.21
C GLU B 296 -20.54 23.86 15.57
N GLY B 297 -19.79 24.45 14.63
CA GLY B 297 -19.01 25.65 14.93
C GLY B 297 -17.77 25.32 15.77
N ASP B 298 -17.35 26.31 16.58
CA ASP B 298 -16.13 26.29 17.38
C ASP B 298 -16.28 25.30 18.54
N PHE B 299 -15.16 24.75 19.01
CA PHE B 299 -15.22 23.80 20.11
C PHE B 299 -13.93 23.86 20.92
N GLU B 300 -14.04 23.35 22.15
CA GLU B 300 -12.88 22.95 22.91
C GLU B 300 -13.30 21.80 23.82
N PHE B 301 -12.30 21.01 24.25
CA PHE B 301 -12.48 20.10 25.37
C PHE B 301 -11.11 19.80 25.97
N ASP B 302 -11.11 19.11 27.11
CA ASP B 302 -9.90 18.82 27.85
C ASP B 302 -9.70 17.32 28.01
N ILE B 303 -8.43 16.91 28.13
CA ILE B 303 -8.06 15.57 28.52
C ILE B 303 -7.30 15.68 29.84
N LEU B 304 -7.75 14.97 30.87
CA LEU B 304 -7.17 15.08 32.20
C LEU B 304 -6.65 13.71 32.59
N PHE B 305 -5.34 13.57 32.76
CA PHE B 305 -4.77 12.29 33.19
C PHE B 305 -4.24 12.48 34.60
N SER B 306 -4.72 11.65 35.52
CA SER B 306 -4.39 11.70 36.94
C SER B 306 -3.72 10.40 37.40
N SER B 307 -2.47 10.52 37.82
CA SER B 307 -1.74 9.42 38.41
C SER B 307 -2.29 9.24 39.83
N GLU B 308 -2.67 8.02 40.18
CA GLU B 308 -3.27 7.88 41.51
C GLU B 308 -2.24 8.25 42.57
N SER B 309 -0.99 7.83 42.33
CA SER B 309 0.25 8.14 43.05
C SER B 309 0.28 9.57 43.56
N ALA B 310 -0.12 10.53 42.70
CA ALA B 310 0.00 11.94 42.98
C ALA B 310 -1.00 12.39 44.04
N GLY B 311 -1.91 11.48 44.41
CA GLY B 311 -2.91 11.66 45.47
C GLY B 311 -3.76 12.91 45.26
N LYS B 312 -3.82 13.40 44.02
CA LYS B 312 -4.52 14.62 43.67
C LYS B 312 -4.97 14.54 42.21
N GLU B 313 -6.28 14.61 42.00
CA GLU B 313 -6.86 14.53 40.67
C GLU B 313 -6.65 15.86 39.95
N VAL B 314 -6.19 15.81 38.70
CA VAL B 314 -5.99 17.01 37.88
C VAL B 314 -7.35 17.55 37.45
N THR B 315 -7.50 18.88 37.49
CA THR B 315 -8.76 19.49 37.09
C THR B 315 -8.48 20.41 35.92
N SER B 316 -9.57 20.82 35.28
CA SER B 316 -9.44 21.80 34.21
C SER B 316 -8.82 23.11 34.71
N LYS B 317 -9.00 23.43 36.01
CA LYS B 317 -8.43 24.67 36.52
C LYS B 317 -6.91 24.51 36.65
N ASP B 318 -6.48 23.36 37.20
CA ASP B 318 -5.09 22.91 37.18
C ASP B 318 -4.46 23.02 35.78
N LEU B 319 -5.13 22.47 34.75
CA LEU B 319 -4.69 22.61 33.37
C LEU B 319 -4.39 24.08 33.02
N GLU B 320 -5.33 24.99 33.31
CA GLU B 320 -5.20 26.38 32.85
C GLU B 320 -4.11 27.11 33.62
N ARG B 321 -4.02 26.86 34.93
CA ARG B 321 -3.00 27.51 35.75
C ARG B 321 -1.61 27.06 35.29
N GLU B 322 -1.40 25.74 35.11
CA GLU B 322 -0.09 25.19 34.76
C GLU B 322 0.32 25.60 33.35
N VAL B 323 -0.64 25.74 32.44
CA VAL B 323 -0.36 26.22 31.10
C VAL B 323 0.26 27.62 31.17
N LYS B 324 -0.36 28.52 31.94
CA LYS B 324 0.07 29.92 32.00
C LYS B 324 1.45 30.01 32.65
N GLN B 325 1.69 29.19 33.67
CA GLN B 325 2.94 29.08 34.40
C GLN B 325 4.07 28.60 33.47
N ALA B 326 3.84 27.49 32.74
CA ALA B 326 4.82 26.97 31.78
C ALA B 326 5.19 28.00 30.72
N THR B 327 4.21 28.77 30.22
CA THR B 327 4.48 29.81 29.24
C THR B 327 5.42 30.87 29.83
N GLU B 328 5.21 31.25 31.10
CA GLU B 328 6.06 32.27 31.73
C GLU B 328 7.49 31.75 31.87
N VAL B 329 7.64 30.55 32.43
CA VAL B 329 8.95 29.94 32.65
C VAL B 329 9.68 29.77 31.31
N PHE B 330 8.94 29.45 30.25
CA PHE B 330 9.53 29.21 28.94
C PHE B 330 10.17 30.50 28.42
N GLY B 331 9.44 31.62 28.52
CA GLY B 331 9.88 32.94 28.06
C GLY B 331 11.12 33.42 28.81
N GLU B 332 11.12 33.22 30.14
CA GLU B 332 12.26 33.58 30.97
C GLU B 332 13.46 32.77 30.50
N ARG B 333 13.29 31.43 30.45
CA ARG B 333 14.36 30.51 30.09
C ARG B 333 14.95 30.83 28.70
N PHE B 334 14.09 31.13 27.73
CA PHE B 334 14.53 31.42 26.39
C PHE B 334 15.42 32.67 26.35
N ALA B 335 15.01 33.71 27.12
CA ALA B 335 15.79 34.93 27.29
C ALA B 335 17.21 34.69 27.80
N ARG B 336 17.38 33.83 28.81
CA ARG B 336 18.69 33.48 29.37
C ARG B 336 19.46 32.55 28.41
N VAL B 337 18.82 31.55 27.81
CA VAL B 337 19.58 30.49 27.13
C VAL B 337 19.92 30.90 25.70
N PHE B 338 18.98 31.56 25.01
CA PHE B 338 19.25 31.99 23.64
C PHE B 338 19.12 33.52 23.60
N ASP B 339 20.13 34.22 24.17
CA ASP B 339 20.22 35.67 24.18
C ASP B 339 20.60 36.14 22.77
N LEU B 340 19.59 36.48 21.96
CA LEU B 340 19.86 36.82 20.58
C LEU B 340 20.77 38.05 20.54
N LYS B 341 21.80 38.03 19.69
CA LYS B 341 22.71 39.16 19.65
C LYS B 341 22.39 40.04 18.43
N ALA B 342 22.93 41.27 18.43
CA ALA B 342 22.82 42.21 17.32
C ALA B 342 23.23 41.52 16.02
N PRO B 343 22.52 41.74 14.89
CA PRO B 343 21.39 42.66 14.83
C PRO B 343 20.02 41.98 14.88
N PHE B 344 19.89 40.92 15.68
CA PHE B 344 18.66 40.14 15.65
C PHE B 344 17.99 40.21 17.01
N GLN B 345 18.10 41.38 17.65
CA GLN B 345 17.55 41.57 18.99
C GLN B 345 16.06 41.90 18.92
N GLY B 346 15.53 42.08 17.68
CA GLY B 346 14.13 42.40 17.43
C GLY B 346 13.13 41.33 17.90
N ASP B 347 11.92 41.79 18.25
CA ASP B 347 10.81 40.95 18.67
C ASP B 347 10.50 39.92 17.58
N ASN B 348 10.64 40.32 16.31
CA ASN B 348 10.38 39.46 15.17
C ASN B 348 11.36 38.27 15.14
N TYR B 349 12.60 38.52 15.58
CA TYR B 349 13.64 37.49 15.57
C TYR B 349 13.47 36.60 16.79
N LYS B 350 13.13 37.21 17.93
CA LYS B 350 12.72 36.48 19.12
C LYS B 350 11.65 35.45 18.77
N LYS B 351 10.61 35.88 18.03
CA LYS B 351 9.47 35.03 17.71
C LYS B 351 9.94 33.90 16.80
N PHE B 352 10.77 34.26 15.82
CA PHE B 352 11.36 33.30 14.90
C PHE B 352 12.19 32.28 15.67
N GLY B 353 12.96 32.75 16.66
CA GLY B 353 13.82 31.84 17.39
C GLY B 353 13.02 30.85 18.22
N LYS B 354 11.97 31.35 18.86
CA LYS B 354 11.14 30.54 19.73
C LYS B 354 10.47 29.44 18.92
N SER B 355 10.12 29.78 17.69
CA SER B 355 9.45 28.84 16.79
C SER B 355 10.42 27.75 16.35
N MET B 356 11.57 28.16 15.81
CA MET B 356 12.60 27.23 15.33
C MET B 356 13.03 26.25 16.43
N PHE B 357 13.24 26.79 17.62
CA PHE B 357 13.67 26.00 18.77
C PHE B 357 12.53 25.11 19.28
N SER B 358 11.36 25.69 19.51
CA SER B 358 10.26 24.87 20.01
C SER B 358 9.93 23.71 19.06
N ASN B 359 9.96 23.96 17.74
CA ASN B 359 9.71 22.89 16.79
C ASN B 359 10.78 21.82 16.93
N LEU B 360 12.03 22.21 17.19
CA LEU B 360 13.11 21.21 17.26
C LEU B 360 12.90 20.31 18.49
N ILE B 361 12.78 20.91 19.66
CA ILE B 361 12.73 20.14 20.89
C ILE B 361 11.37 19.45 20.97
N GLY B 362 10.36 20.03 20.31
CA GLY B 362 9.02 19.48 20.32
C GLY B 362 8.88 18.22 19.45
N GLY B 363 9.83 18.01 18.53
CA GLY B 363 9.84 16.81 17.72
C GLY B 363 10.34 15.58 18.50
N ILE B 364 10.73 15.74 19.76
CA ILE B 364 11.28 14.57 20.45
C ILE B 364 10.25 13.43 20.44
N GLY B 365 10.65 12.24 20.03
CA GLY B 365 9.74 11.11 20.11
C GLY B 365 10.29 9.98 20.98
N TYR B 366 9.42 9.14 21.52
CA TYR B 366 9.86 7.87 22.09
C TYR B 366 9.48 6.74 21.15
N PHE B 367 10.47 5.94 20.69
CA PHE B 367 10.21 4.91 19.68
C PHE B 367 10.56 3.56 20.29
N TYR B 368 9.78 2.53 19.94
CA TYR B 368 10.02 1.22 20.50
C TYR B 368 9.62 0.12 19.53
N GLY B 369 10.48 -0.92 19.42
CA GLY B 369 10.12 -2.10 18.64
C GLY B 369 11.36 -2.76 18.05
N HIS B 370 11.16 -3.60 17.02
CA HIS B 370 12.28 -4.30 16.42
C HIS B 370 12.84 -3.48 15.26
N SER B 371 14.09 -3.77 14.93
CA SER B 371 14.84 -3.11 13.86
C SER B 371 15.18 -4.18 12.83
N LEU B 372 15.29 -3.82 11.54
CA LEU B 372 15.66 -4.73 10.47
C LEU B 372 17.16 -4.64 10.16
N VAL B 373 17.88 -5.72 10.44
CA VAL B 373 19.32 -5.77 10.27
C VAL B 373 19.77 -7.04 9.56
N ASP B 374 20.63 -6.84 8.55
CA ASP B 374 21.41 -7.89 7.89
C ASP B 374 22.62 -8.24 8.76
N ARG B 375 22.57 -9.39 9.41
CA ARG B 375 23.64 -9.81 10.32
C ARG B 375 24.47 -10.90 9.66
N SER B 376 24.47 -10.97 8.32
CA SER B 376 25.23 -12.03 7.66
C SER B 376 26.74 -11.78 7.70
N TYR B 377 27.15 -10.50 7.69
CA TYR B 377 28.57 -10.14 7.58
C TYR B 377 29.19 -10.77 6.32
N ALA B 378 28.37 -10.82 5.25
CA ALA B 378 28.78 -11.36 3.97
C ALA B 378 30.17 -10.83 3.57
N PRO B 379 31.07 -11.68 3.02
CA PRO B 379 32.39 -11.24 2.57
C PRO B 379 32.33 -10.13 1.52
N GLU B 380 31.23 -10.06 0.74
CA GLU B 380 31.00 -8.97 -0.18
C GLU B 380 31.05 -7.61 0.53
N TYR B 381 30.67 -7.58 1.81
CA TYR B 381 30.51 -6.34 2.53
C TYR B 381 31.88 -5.73 2.91
N ASP B 382 32.97 -6.54 2.79
CA ASP B 382 34.34 -6.07 2.98
C ASP B 382 34.75 -5.06 1.90
N GLU B 383 34.05 -5.07 0.75
CA GLU B 383 34.30 -4.12 -0.34
C GLU B 383 35.78 -4.15 -0.77
N GLU B 384 36.37 -5.36 -0.85
CA GLU B 384 37.77 -5.53 -1.24
C GLU B 384 37.99 -5.27 -2.73
N ASN B 385 37.02 -5.58 -3.60
CA ASN B 385 37.26 -5.66 -5.03
C ASN B 385 36.73 -4.43 -5.75
N GLU B 386 37.27 -4.19 -6.95
CA GLU B 386 36.67 -3.29 -7.92
C GLU B 386 35.25 -3.78 -8.21
N GLY B 387 34.33 -2.83 -8.50
CA GLY B 387 32.91 -3.14 -8.62
C GLY B 387 32.30 -3.82 -7.37
N PHE B 388 32.78 -3.47 -6.16
CA PHE B 388 32.23 -3.96 -4.91
C PHE B 388 30.72 -3.70 -4.81
N TRP B 389 30.23 -2.65 -5.48
CA TRP B 389 28.82 -2.32 -5.34
C TRP B 389 27.95 -3.44 -5.92
N GLU B 390 28.41 -4.05 -7.01
CA GLU B 390 27.73 -5.19 -7.63
C GLU B 390 27.78 -6.38 -6.66
N ASP B 391 28.92 -6.60 -6.03
CA ASP B 391 29.02 -7.69 -5.08
C ASP B 391 28.04 -7.51 -3.92
N ALA B 392 27.84 -6.24 -3.49
CA ALA B 392 27.00 -5.89 -2.36
C ALA B 392 25.55 -6.17 -2.72
N ALA B 393 25.15 -5.74 -3.95
CA ALA B 393 23.80 -5.95 -4.48
C ALA B 393 23.46 -7.44 -4.49
N GLU B 394 24.45 -8.28 -4.82
CA GLU B 394 24.24 -9.72 -4.81
C GLU B 394 24.16 -10.29 -3.39
N ALA B 395 24.96 -9.77 -2.45
CA ALA B 395 24.83 -10.19 -1.07
C ALA B 395 23.45 -9.81 -0.53
N ARG B 396 22.93 -8.62 -0.89
CA ARG B 396 21.61 -8.16 -0.46
C ARG B 396 20.53 -9.10 -1.00
N ALA B 397 20.72 -9.54 -2.25
CA ALA B 397 19.77 -10.40 -2.94
C ALA B 397 19.64 -11.76 -2.24
N ARG B 398 20.51 -12.09 -1.28
CA ARG B 398 20.35 -13.32 -0.50
C ARG B 398 19.44 -13.12 0.71
N HIS B 399 18.99 -11.87 0.94
CA HIS B 399 18.00 -11.52 1.96
C HIS B 399 18.21 -12.23 3.30
N GLN B 400 19.37 -12.00 3.93
CA GLN B 400 19.65 -12.56 5.25
C GLN B 400 19.06 -11.70 6.37
N GLU B 401 18.55 -10.51 6.05
CA GLU B 401 18.14 -9.61 7.13
C GLU B 401 16.98 -10.22 7.93
N ALA B 402 16.99 -9.97 9.25
CA ALA B 402 15.92 -10.35 10.15
C ALA B 402 15.64 -9.19 11.09
N LEU B 403 14.45 -9.21 11.69
CA LEU B 403 14.04 -8.26 12.71
C LEU B 403 14.76 -8.64 13.99
N GLU B 404 15.27 -7.63 14.70
CA GLU B 404 15.93 -7.90 15.97
C GLU B 404 15.56 -6.79 16.94
N GLY B 405 15.79 -7.07 18.24
CA GLY B 405 15.38 -6.19 19.30
C GLY B 405 14.50 -6.98 20.24
N PRO B 406 13.44 -6.38 20.84
CA PRO B 406 13.04 -5.00 20.52
C PRO B 406 13.97 -3.95 21.13
N TYR B 407 13.97 -2.73 20.58
CA TYR B 407 14.81 -1.66 21.10
C TYR B 407 13.95 -0.43 21.39
N GLU B 408 14.49 0.49 22.18
CA GLU B 408 13.82 1.77 22.39
C GLU B 408 14.74 2.91 21.96
N LEU B 409 14.15 4.06 21.60
CA LEU B 409 14.97 5.23 21.32
C LEU B 409 14.18 6.46 21.73
N PHE B 410 14.82 7.28 22.56
CA PHE B 410 14.29 8.61 22.89
C PHE B 410 15.16 9.63 22.16
N THR B 411 14.60 10.39 21.21
CA THR B 411 15.45 11.16 20.31
C THR B 411 14.63 12.28 19.68
N SER B 412 15.30 13.38 19.31
CA SER B 412 14.83 14.39 18.38
C SER B 412 14.73 13.77 16.98
N ILE B 413 14.09 14.50 16.03
CA ILE B 413 13.90 13.96 14.68
C ILE B 413 14.06 15.09 13.68
N PRO B 414 14.39 14.75 12.41
CA PRO B 414 14.45 15.74 11.33
C PRO B 414 13.14 16.38 10.87
N SER B 415 12.05 15.59 10.79
CA SER B 415 10.87 16.03 10.06
C SER B 415 9.64 15.24 10.53
N ARG B 416 8.65 15.92 11.11
CA ARG B 416 7.45 15.21 11.54
C ARG B 416 6.75 14.52 10.36
N PRO B 417 6.38 15.24 9.27
CA PRO B 417 5.65 14.63 8.16
C PRO B 417 6.45 13.65 7.31
N PHE B 418 7.77 13.86 7.20
CA PHE B 418 8.54 13.14 6.20
C PHE B 418 9.45 12.05 6.77
N PHE B 419 10.21 12.34 7.84
CA PHE B 419 11.07 11.32 8.42
C PHE B 419 11.06 11.41 9.95
N PRO B 420 9.96 11.00 10.58
CA PRO B 420 9.81 11.15 12.03
C PRO B 420 10.52 9.96 12.69
N ARG B 421 11.87 9.96 12.68
CA ARG B 421 12.63 8.88 13.31
C ARG B 421 14.06 9.34 13.55
N GLY B 422 14.86 8.51 14.24
CA GLY B 422 16.20 8.93 14.58
C GLY B 422 17.17 8.76 13.40
N PHE B 423 17.92 9.82 13.08
CA PHE B 423 19.07 9.75 12.18
C PHE B 423 20.32 10.14 12.95
N LEU B 424 21.39 9.33 12.79
CA LEU B 424 22.56 9.34 13.67
C LEU B 424 23.34 10.67 13.61
N TRP B 425 23.81 11.12 12.44
CA TRP B 425 24.52 12.40 12.37
C TRP B 425 23.59 13.61 12.53
N ASP B 426 22.28 13.49 12.16
CA ASP B 426 21.34 14.59 12.39
C ASP B 426 21.30 14.93 13.88
N GLU B 427 21.38 13.88 14.70
CA GLU B 427 21.12 14.05 16.12
C GLU B 427 22.21 14.89 16.79
N GLY B 428 23.47 14.71 16.37
CA GLY B 428 24.55 15.53 16.86
C GLY B 428 24.24 17.01 16.66
N PHE B 429 23.61 17.37 15.54
CA PHE B 429 23.26 18.75 15.28
C PHE B 429 22.04 19.16 16.11
N HIS B 430 21.02 18.29 16.17
CA HIS B 430 19.79 18.54 16.94
C HIS B 430 20.10 18.91 18.38
N LEU B 431 21.03 18.17 19.01
CA LEU B 431 21.29 18.28 20.42
C LEU B 431 22.13 19.52 20.78
N LEU B 432 22.68 20.21 19.77
CA LEU B 432 23.49 21.39 20.07
C LEU B 432 22.61 22.47 20.71
N PRO B 433 21.49 22.90 20.10
CA PRO B 433 20.56 23.83 20.76
C PRO B 433 19.86 23.17 21.96
N ILE B 434 19.54 21.88 21.84
CA ILE B 434 18.83 21.24 22.93
C ILE B 434 19.71 21.20 24.19
N ALA B 435 21.03 20.99 24.02
CA ALA B 435 21.93 20.87 25.18
C ALA B 435 22.07 22.22 25.91
N ASP B 436 22.06 23.34 25.16
CA ASP B 436 22.01 24.68 25.71
C ASP B 436 20.76 24.79 26.59
N TRP B 437 19.64 24.21 26.13
CA TRP B 437 18.40 24.34 26.88
C TRP B 437 18.43 23.52 28.15
N ASP B 438 18.93 22.28 28.05
CA ASP B 438 18.66 21.26 29.05
C ASP B 438 19.69 20.16 28.89
N ILE B 439 20.84 20.34 29.56
CA ILE B 439 21.96 19.47 29.29
C ILE B 439 21.55 18.05 29.66
N ASP B 440 20.78 17.91 30.73
CA ASP B 440 20.46 16.58 31.23
C ASP B 440 19.56 15.85 30.22
N LEU B 441 18.71 16.62 29.51
CA LEU B 441 17.87 16.04 28.47
C LEU B 441 18.76 15.50 27.35
N ALA B 442 19.71 16.33 26.92
CA ALA B 442 20.62 15.94 25.84
C ALA B 442 21.37 14.67 26.23
N LEU B 443 21.80 14.62 27.49
CA LEU B 443 22.61 13.49 27.95
C LEU B 443 21.77 12.20 27.90
N GLU B 444 20.47 12.36 28.19
CA GLU B 444 19.52 11.26 28.17
C GLU B 444 19.33 10.71 26.75
N ILE B 445 19.29 11.60 25.77
CA ILE B 445 19.13 11.21 24.38
C ILE B 445 20.44 10.56 23.90
N ILE B 446 21.58 11.13 24.30
CA ILE B 446 22.87 10.55 23.96
C ILE B 446 22.96 9.13 24.52
N LYS B 447 22.47 8.94 25.74
CA LYS B 447 22.52 7.66 26.41
C LYS B 447 21.62 6.67 25.67
N SER B 448 20.47 7.15 25.19
CA SER B 448 19.52 6.33 24.45
C SER B 448 20.19 5.84 23.17
N TRP B 449 20.78 6.74 22.40
CA TRP B 449 21.46 6.34 21.18
C TRP B 449 22.56 5.31 21.46
N TYR B 450 23.46 5.61 22.41
CA TYR B 450 24.62 4.74 22.63
C TYR B 450 24.18 3.39 23.16
N ASN B 451 22.98 3.35 23.74
CA ASN B 451 22.39 2.08 24.17
C ASN B 451 22.03 1.17 23.00
N LEU B 452 21.97 1.71 21.78
CA LEU B 452 21.69 0.92 20.60
C LEU B 452 22.99 0.36 20.03
N MET B 453 24.14 0.69 20.63
CA MET B 453 25.39 0.24 20.00
C MET B 453 25.56 -1.27 20.22
N ASP B 454 25.90 -1.99 19.16
CA ASP B 454 26.09 -3.44 19.28
C ASP B 454 27.47 -3.71 19.89
N GLU B 455 27.89 -4.98 19.92
CA GLU B 455 29.10 -5.32 20.65
C GLU B 455 30.34 -4.97 19.83
N ASP B 456 30.19 -4.67 18.53
CA ASP B 456 31.37 -4.30 17.74
C ASP B 456 31.62 -2.80 17.75
N GLY B 457 30.58 -2.00 18.14
CA GLY B 457 30.68 -0.54 18.11
C GLY B 457 29.84 0.13 17.03
N TRP B 458 28.84 -0.60 16.50
CA TRP B 458 27.98 -0.15 15.42
C TRP B 458 26.63 0.30 15.97
N ILE B 459 26.21 1.49 15.55
CA ILE B 459 24.85 2.01 15.74
C ILE B 459 24.34 2.25 14.33
N ALA B 460 23.17 1.67 14.00
CA ALA B 460 22.60 1.93 12.68
C ALA B 460 22.30 3.41 12.56
N ARG B 461 22.59 3.93 11.38
CA ARG B 461 22.50 5.34 11.06
C ARG B 461 21.04 5.81 10.98
N GLU B 462 20.10 4.87 10.81
CA GLU B 462 18.67 5.21 10.70
C GLU B 462 17.90 4.24 11.58
N GLN B 463 17.16 4.76 12.57
CA GLN B 463 16.56 3.91 13.58
C GLN B 463 15.06 3.84 13.33
N ILE B 464 14.63 2.73 12.74
CA ILE B 464 13.24 2.48 12.39
C ILE B 464 12.75 1.42 13.38
N LEU B 465 12.15 1.83 14.50
CA LEU B 465 11.85 0.90 15.59
C LEU B 465 10.34 0.66 15.68
N GLY B 466 9.90 -0.54 15.28
CA GLY B 466 8.50 -0.92 15.39
C GLY B 466 7.71 -0.75 14.09
N ALA B 467 6.57 -1.46 14.05
CA ALA B 467 5.72 -1.53 12.86
C ALA B 467 5.20 -0.14 12.54
N GLU B 468 4.88 0.63 13.59
CA GLU B 468 4.40 1.98 13.39
C GLU B 468 5.46 2.80 12.63
N ALA B 469 6.73 2.71 13.04
CA ALA B 469 7.78 3.49 12.39
C ALA B 469 7.98 2.95 10.98
N ARG B 470 7.92 1.61 10.84
CA ARG B 470 8.08 0.96 9.55
C ARG B 470 7.05 1.42 8.50
N SER B 471 5.86 1.79 8.97
CA SER B 471 4.76 2.13 8.06
C SER B 471 5.14 3.32 7.18
N LYS B 472 6.15 4.09 7.57
CA LYS B 472 6.45 5.34 6.86
C LYS B 472 7.57 5.11 5.84
N VAL B 473 8.15 3.91 5.86
CA VAL B 473 9.45 3.65 5.23
C VAL B 473 9.30 2.54 4.19
N PRO B 474 9.50 2.88 2.90
CA PRO B 474 9.48 1.87 1.82
C PRO B 474 10.53 0.84 2.20
N LYS B 475 10.21 -0.43 1.93
CA LYS B 475 10.99 -1.59 2.35
C LYS B 475 12.45 -1.50 1.90
N GLU B 476 12.67 -0.98 0.70
CA GLU B 476 13.98 -0.76 0.10
C GLU B 476 14.92 -0.02 1.08
N PHE B 477 14.36 0.84 1.94
CA PHE B 477 15.19 1.58 2.86
C PHE B 477 15.22 1.01 4.27
N GLN B 478 14.55 -0.12 4.55
CA GLN B 478 14.39 -0.51 5.96
C GLN B 478 15.63 -1.20 6.50
N THR B 479 16.27 -2.07 5.71
CA THR B 479 17.32 -2.92 6.27
C THR B 479 18.55 -2.07 6.62
N GLN B 480 19.17 -2.30 7.76
CA GLN B 480 20.37 -1.56 8.17
C GLN B 480 21.57 -2.52 8.07
N TYR B 481 22.75 -1.97 7.75
CA TYR B 481 23.93 -2.80 7.50
C TYR B 481 25.02 -2.44 8.50
N PRO B 482 25.50 -3.44 9.24
CA PRO B 482 26.54 -3.23 10.24
C PRO B 482 27.91 -2.70 9.76
N HIS B 483 28.11 -2.55 8.45
CA HIS B 483 29.34 -1.94 7.94
C HIS B 483 29.11 -0.48 7.51
N TYR B 484 27.89 0.03 7.75
CA TYR B 484 27.50 1.34 7.26
C TYR B 484 27.61 2.37 8.39
N ALA B 485 28.46 3.38 8.21
CA ALA B 485 28.70 4.37 9.26
C ALA B 485 27.82 5.58 9.00
N ASN B 486 27.96 6.60 9.88
CA ASN B 486 27.38 7.92 9.68
C ASN B 486 28.30 8.89 10.43
N PRO B 487 28.41 10.20 10.10
CA PRO B 487 29.21 11.11 10.91
C PRO B 487 28.93 11.03 12.41
N PRO B 488 30.00 10.93 13.23
CA PRO B 488 29.86 10.93 14.70
C PRO B 488 29.69 12.35 15.29
N THR B 489 28.66 13.04 14.82
CA THR B 489 28.39 14.39 15.26
C THR B 489 27.98 14.42 16.73
N LEU B 490 27.53 13.28 17.26
CA LEU B 490 27.15 13.35 18.67
C LEU B 490 28.38 13.71 19.54
N PHE B 491 29.62 13.48 19.08
CA PHE B 491 30.80 13.89 19.85
C PHE B 491 30.88 15.43 19.99
N LEU B 492 30.35 16.16 19.01
CA LEU B 492 30.37 17.61 19.13
C LEU B 492 29.53 18.02 20.35
N VAL B 493 28.45 17.29 20.63
CA VAL B 493 27.63 17.65 21.78
C VAL B 493 28.40 17.35 23.06
N LEU B 494 29.13 16.22 23.05
CA LEU B 494 29.87 15.84 24.23
C LEU B 494 30.95 16.87 24.47
N ASP B 495 31.58 17.37 23.40
CA ASP B 495 32.60 18.40 23.52
C ASP B 495 32.03 19.63 24.26
N ASN B 496 30.82 20.07 23.90
CA ASN B 496 30.20 21.18 24.62
C ASN B 496 29.97 20.83 26.09
N PHE B 497 29.46 19.62 26.34
CA PHE B 497 29.30 19.10 27.68
C PHE B 497 30.62 19.15 28.47
N VAL B 498 31.71 18.64 27.88
CA VAL B 498 33.01 18.59 28.56
C VAL B 498 33.39 19.99 29.01
N GLU B 499 33.32 20.95 28.07
CA GLU B 499 33.55 22.37 28.30
C GLU B 499 32.83 22.83 29.57
N ARG B 500 31.52 22.57 29.64
CA ARG B 500 30.69 23.04 30.73
C ARG B 500 31.07 22.35 32.03
N LEU B 501 31.57 21.12 31.93
CA LEU B 501 31.99 20.38 33.10
C LEU B 501 33.27 21.01 33.66
N ARG B 502 34.15 21.52 32.79
CA ARG B 502 35.36 22.21 33.19
C ARG B 502 35.03 23.49 33.95
N LYS B 503 34.22 24.37 33.34
CA LYS B 503 33.87 25.68 33.90
C LYS B 503 33.26 25.58 35.32
N ASP B 518 15.38 29.58 37.90
CA ASP B 518 16.32 28.98 38.89
C ASP B 518 17.10 27.84 38.21
N GLU B 519 17.71 26.95 39.02
CA GLU B 519 18.35 25.72 38.54
C GLU B 519 17.65 24.45 39.07
N THR B 520 17.48 23.45 38.17
CA THR B 520 16.52 22.37 38.22
C THR B 520 17.19 21.05 37.80
N LEU B 521 16.38 20.01 37.56
CA LEU B 521 16.88 18.75 37.04
C LEU B 521 17.63 18.97 35.73
N SER B 522 17.31 20.06 35.05
CA SER B 522 17.81 20.22 33.70
C SER B 522 19.32 20.45 33.67
N THR B 523 19.95 20.85 34.79
CA THR B 523 21.42 20.99 34.81
C THR B 523 22.04 20.24 35.99
N ALA B 524 21.34 19.26 36.55
CA ALA B 524 21.84 18.55 37.72
C ALA B 524 23.20 17.89 37.46
N SER B 525 23.50 17.58 36.18
CA SER B 525 24.74 16.91 35.81
C SER B 525 25.94 17.85 35.70
N VAL B 526 25.69 19.15 35.58
CA VAL B 526 26.73 20.16 35.55
C VAL B 526 26.87 20.77 36.94
N ASP B 527 25.73 21.05 37.58
CA ASP B 527 25.72 21.76 38.85
C ASP B 527 26.57 20.99 39.88
N ASN B 528 26.47 19.66 39.89
CA ASN B 528 27.41 18.82 40.61
C ASN B 528 28.27 18.08 39.57
N PRO B 529 29.48 18.60 39.26
CA PRO B 529 30.25 18.10 38.11
C PRO B 529 30.67 16.63 38.30
N GLU B 530 30.62 16.12 39.53
CA GLU B 530 30.95 14.73 39.79
C GLU B 530 29.88 13.82 39.17
N VAL B 531 28.67 14.35 39.01
CA VAL B 531 27.59 13.60 38.38
C VAL B 531 27.89 13.43 36.89
N GLY B 532 28.18 14.55 36.22
CA GLY B 532 28.58 14.58 34.83
C GLY B 532 29.80 13.67 34.59
N LEU B 533 30.76 13.74 35.53
CA LEU B 533 32.01 13.00 35.37
C LEU B 533 31.74 11.51 35.44
N GLU B 534 30.81 11.10 36.32
CA GLU B 534 30.43 9.70 36.37
C GLU B 534 29.72 9.28 35.08
N TYR B 535 28.82 10.14 34.58
CA TYR B 535 28.16 9.86 33.31
C TYR B 535 29.19 9.61 32.22
N LEU B 536 30.20 10.49 32.13
CA LEU B 536 31.23 10.32 31.11
C LEU B 536 31.99 9.02 31.34
N ARG B 537 32.24 8.66 32.61
CA ARG B 537 33.03 7.49 32.93
C ARG B 537 32.30 6.27 32.38
N ARG B 538 30.97 6.29 32.49
CA ARG B 538 30.11 5.23 31.98
C ARG B 538 30.01 5.21 30.45
N LEU B 539 30.01 6.39 29.79
CA LEU B 539 29.80 6.43 28.34
C LEU B 539 31.11 6.15 27.60
N TYR B 540 32.26 6.49 28.23
CA TYR B 540 33.58 6.51 27.61
C TYR B 540 33.93 5.19 26.91
N PRO B 541 33.72 4.00 27.53
CA PRO B 541 34.06 2.74 26.86
C PRO B 541 33.31 2.55 25.54
N LEU B 542 32.05 3.03 25.45
CA LEU B 542 31.27 2.94 24.23
C LEU B 542 31.81 3.91 23.17
N LEU B 543 32.27 5.10 23.61
CA LEU B 543 32.90 6.05 22.72
C LEU B 543 34.18 5.45 22.15
N ARG B 544 35.00 4.82 23.02
CA ARG B 544 36.21 4.14 22.55
C ARG B 544 35.86 2.98 21.61
N ARG B 545 34.78 2.25 21.92
CA ARG B 545 34.39 1.14 21.07
C ARG B 545 34.04 1.66 19.67
N GLN B 546 33.33 2.78 19.60
CA GLN B 546 32.86 3.26 18.31
C GLN B 546 34.07 3.74 17.51
N PHE B 547 35.02 4.35 18.24
CA PHE B 547 36.22 4.89 17.63
C PHE B 547 37.01 3.76 16.99
N ASP B 548 37.22 2.69 17.77
CA ASP B 548 37.84 1.47 17.30
C ASP B 548 37.07 0.92 16.08
N TRP B 549 35.74 0.88 16.17
CA TRP B 549 34.90 0.34 15.10
C TRP B 549 35.14 1.15 13.83
N PHE B 550 35.27 2.49 13.94
CA PHE B 550 35.52 3.29 12.74
C PHE B 550 36.87 2.92 12.11
N ARG B 551 37.92 2.82 12.95
CA ARG B 551 39.26 2.63 12.43
C ARG B 551 39.39 1.23 11.82
N LYS B 552 38.63 0.27 12.35
CA LYS B 552 38.65 -1.08 11.84
C LYS B 552 37.79 -1.22 10.57
N THR B 553 36.54 -0.74 10.58
CA THR B 553 35.61 -1.12 9.51
C THR B 553 35.62 -0.11 8.36
N GLN B 554 36.10 1.12 8.61
CA GLN B 554 36.12 2.15 7.57
C GLN B 554 37.58 2.46 7.15
N ALA B 555 38.47 1.50 7.39
CA ALA B 555 39.88 1.65 7.01
C ALA B 555 39.97 1.88 5.51
N GLY B 556 40.81 2.87 5.13
CA GLY B 556 41.33 3.00 3.78
C GLY B 556 42.66 2.24 3.59
N ASP B 557 43.13 2.20 2.33
CA ASP B 557 44.25 1.35 1.95
C ASP B 557 45.42 2.20 1.44
N ILE B 558 46.51 2.25 2.22
CA ILE B 558 47.76 2.87 1.78
C ILE B 558 48.72 1.78 1.26
N LYS B 559 48.89 0.69 2.04
CA LYS B 559 49.97 -0.28 1.90
C LYS B 559 49.97 -0.94 0.52
N SER B 560 48.79 -1.35 0.06
CA SER B 560 48.70 -2.21 -1.11
C SER B 560 48.83 -1.43 -2.43
N TYR B 561 49.12 -0.12 -2.36
CA TYR B 561 49.24 0.69 -3.57
C TYR B 561 50.51 1.54 -3.55
N ASP B 562 50.71 2.29 -4.64
CA ASP B 562 51.81 3.22 -4.75
C ASP B 562 51.46 4.53 -4.04
N ARG B 563 51.54 4.52 -2.70
CA ARG B 563 51.08 5.65 -1.90
C ARG B 563 52.10 5.93 -0.82
N GLU B 564 52.59 7.17 -0.80
CA GLU B 564 53.51 7.62 0.23
C GLU B 564 52.74 8.58 1.16
N ALA B 565 52.98 8.41 2.47
CA ALA B 565 52.32 9.23 3.47
C ALA B 565 53.11 9.12 4.76
N TYR B 566 52.97 10.14 5.62
CA TYR B 566 53.65 10.20 6.91
C TYR B 566 53.31 8.98 7.75
N SER B 567 52.04 8.54 7.71
CA SER B 567 51.58 7.35 8.41
C SER B 567 50.96 6.39 7.40
N THR B 568 51.21 5.10 7.61
CA THR B 568 50.70 4.07 6.72
C THR B 568 49.36 3.56 7.26
N LYS B 569 48.91 4.14 8.38
CA LYS B 569 47.76 3.62 9.11
C LYS B 569 46.53 4.52 8.91
N GLU B 570 46.74 5.85 8.89
CA GLU B 570 45.64 6.81 8.98
C GLU B 570 45.12 7.11 7.58
N ALA B 571 44.03 6.44 7.21
CA ALA B 571 43.43 6.54 5.89
C ALA B 571 42.06 5.88 5.97
N TYR B 572 41.06 6.46 5.30
CA TYR B 572 39.68 6.08 5.58
C TYR B 572 38.85 6.12 4.31
N ARG B 573 37.89 5.18 4.24
CA ARG B 573 37.02 5.04 3.08
C ARG B 573 35.59 4.69 3.55
N TRP B 574 34.60 5.52 3.22
CA TRP B 574 33.21 5.24 3.61
C TRP B 574 32.79 3.93 2.94
N ARG B 575 32.44 2.94 3.76
CA ARG B 575 31.73 1.80 3.18
C ARG B 575 30.37 2.24 2.64
N GLY B 576 29.82 1.48 1.67
CA GLY B 576 28.41 1.60 1.33
C GLY B 576 28.14 2.53 0.16
N ARG B 577 29.18 2.83 -0.64
CA ARG B 577 28.89 3.72 -1.74
C ARG B 577 28.33 2.98 -2.95
N THR B 578 27.56 3.69 -3.77
CA THR B 578 27.17 3.17 -5.07
C THR B 578 27.68 4.16 -6.12
N VAL B 579 27.23 4.01 -7.38
CA VAL B 579 27.92 4.67 -8.47
C VAL B 579 27.76 6.19 -8.38
N SER B 580 26.62 6.67 -7.88
CA SER B 580 26.37 8.11 -7.89
C SER B 580 26.08 8.67 -6.49
N HIS B 581 26.50 7.95 -5.45
CA HIS B 581 26.04 8.28 -4.11
C HIS B 581 27.02 7.81 -3.05
N CYS B 582 26.95 8.46 -1.91
CA CYS B 582 27.57 7.95 -0.71
C CYS B 582 26.68 8.34 0.47
N LEU B 583 25.66 7.51 0.73
CA LEU B 583 24.63 7.81 1.73
C LEU B 583 25.19 7.83 3.16
N THR B 584 26.16 6.95 3.45
CA THR B 584 26.72 6.86 4.78
C THR B 584 27.42 8.17 5.21
N SER B 585 27.97 8.92 4.25
CA SER B 585 28.68 10.14 4.59
C SER B 585 27.71 11.23 5.04
N GLY B 586 26.44 11.09 4.65
CA GLY B 586 25.45 12.12 4.91
C GLY B 586 25.30 13.10 3.76
N LEU B 587 26.25 13.19 2.83
CA LEU B 587 26.06 14.12 1.73
C LEU B 587 25.76 13.29 0.48
N ASP B 588 24.52 12.79 0.42
CA ASP B 588 24.09 11.66 -0.40
C ASP B 588 24.74 11.63 -1.78
N ASP B 589 24.67 12.74 -2.53
CA ASP B 589 25.01 12.74 -3.95
C ASP B 589 26.17 13.72 -4.22
N TYR B 590 26.89 14.13 -3.17
CA TYR B 590 28.09 14.92 -3.39
C TYR B 590 29.01 14.14 -4.33
N PRO B 591 29.52 14.79 -5.40
CA PRO B 591 30.36 14.08 -6.38
C PRO B 591 31.58 13.46 -5.69
N ARG B 592 31.80 12.18 -5.98
CA ARG B 592 32.92 11.41 -5.44
C ARG B 592 33.72 10.85 -6.61
N PRO B 593 34.84 10.12 -6.37
CA PRO B 593 35.64 9.58 -7.47
C PRO B 593 34.79 8.63 -8.31
N GLN B 594 34.92 8.73 -9.65
CA GLN B 594 34.26 7.83 -10.58
C GLN B 594 35.32 6.90 -11.19
N PRO B 595 35.16 5.56 -11.17
CA PRO B 595 34.04 4.91 -10.49
C PRO B 595 34.37 4.86 -9.00
N PRO B 596 33.47 4.35 -8.13
CA PRO B 596 33.85 3.97 -6.77
C PRO B 596 34.89 2.86 -6.88
N HIS B 597 35.75 2.75 -5.86
CA HIS B 597 36.95 1.92 -5.97
C HIS B 597 37.42 1.64 -4.56
N PRO B 598 37.90 0.41 -4.27
CA PRO B 598 38.45 0.07 -2.95
C PRO B 598 39.66 0.94 -2.54
N GLY B 599 40.25 1.63 -3.52
CA GLY B 599 41.37 2.52 -3.27
C GLY B 599 40.97 3.96 -2.96
N GLU B 600 39.65 4.25 -2.84
CA GLU B 600 39.15 5.59 -2.55
C GLU B 600 39.58 5.97 -1.14
N LEU B 601 39.77 7.28 -0.95
CA LEU B 601 40.00 7.84 0.36
C LEU B 601 39.08 9.05 0.47
N HIS B 602 38.31 9.11 1.57
CA HIS B 602 37.39 10.23 1.73
C HIS B 602 37.90 11.16 2.81
N VAL B 603 38.04 12.45 2.48
CA VAL B 603 38.69 13.40 3.38
C VAL B 603 37.73 13.79 4.52
N ASP B 604 36.41 13.80 4.27
CA ASP B 604 35.41 14.12 5.30
C ASP B 604 35.44 13.05 6.40
N LEU B 605 35.64 11.79 6.02
CA LEU B 605 35.64 10.68 6.98
C LEU B 605 36.89 10.80 7.86
N MET B 606 38.03 11.08 7.20
CA MET B 606 39.25 11.22 7.98
C MET B 606 39.07 12.40 8.93
N SER B 607 38.45 13.48 8.44
CA SER B 607 38.17 14.60 9.33
C SER B 607 37.36 14.16 10.58
N TRP B 608 36.32 13.33 10.38
CA TRP B 608 35.47 12.88 11.47
C TRP B 608 36.29 12.03 12.44
N VAL B 609 37.22 11.21 11.91
CA VAL B 609 38.03 10.43 12.85
C VAL B 609 38.87 11.39 13.68
N GLY B 610 39.28 12.51 13.03
CA GLY B 610 39.96 13.60 13.71
C GLY B 610 39.14 14.16 14.87
N VAL B 611 37.85 14.47 14.61
CA VAL B 611 36.95 14.97 15.65
C VAL B 611 36.91 14.01 16.84
N MET B 612 36.76 12.73 16.53
CA MET B 612 36.54 11.75 17.60
C MET B 612 37.77 11.69 18.49
N VAL B 613 38.95 11.67 17.85
CA VAL B 613 40.19 11.49 18.58
C VAL B 613 40.40 12.72 19.48
N LYS B 614 40.07 13.91 18.96
CA LYS B 614 40.16 15.09 19.81
C LYS B 614 39.18 15.01 20.99
N SER B 615 37.94 14.52 20.76
CA SER B 615 37.02 14.38 21.89
C SER B 615 37.56 13.38 22.91
N LEU B 616 38.21 12.31 22.42
CA LEU B 616 38.61 11.25 23.34
C LEU B 616 39.82 11.69 24.15
N ILE B 617 40.74 12.46 23.56
CA ILE B 617 41.84 13.07 24.29
C ILE B 617 41.27 13.86 25.47
N SER B 618 40.27 14.68 25.19
CA SER B 618 39.77 15.58 26.20
C SER B 618 38.99 14.82 27.28
N ILE B 619 38.16 13.83 26.88
CA ILE B 619 37.39 13.04 27.83
C ILE B 619 38.31 12.10 28.61
N GLY B 620 39.20 11.40 27.88
CA GLY B 620 40.11 10.47 28.53
C GLY B 620 40.96 11.23 29.55
N SER B 621 41.38 12.43 29.18
CA SER B 621 42.19 13.22 30.09
C SER B 621 41.41 13.56 31.36
N LEU B 622 40.10 13.82 31.26
CA LEU B 622 39.27 14.14 32.41
C LEU B 622 39.09 12.91 33.29
N LEU B 623 39.12 11.73 32.67
CA LEU B 623 38.87 10.48 33.40
C LEU B 623 40.16 9.84 33.89
N GLY B 624 41.32 10.43 33.56
CA GLY B 624 42.60 9.90 34.00
C GLY B 624 43.10 8.71 33.18
N ALA B 625 42.55 8.50 31.98
CA ALA B 625 42.93 7.37 31.13
C ALA B 625 44.27 7.65 30.43
N THR B 626 45.34 7.69 31.23
CA THR B 626 46.65 8.15 30.80
C THR B 626 47.12 7.37 29.58
N GLU B 627 46.89 6.06 29.60
CA GLU B 627 47.41 5.18 28.56
C GLU B 627 46.69 5.42 27.24
N ASP B 628 45.39 5.77 27.31
CA ASP B 628 44.63 6.03 26.09
C ASP B 628 45.04 7.35 25.46
N VAL B 629 45.28 8.37 26.34
CA VAL B 629 45.66 9.70 25.89
C VAL B 629 46.92 9.62 25.02
N GLU B 630 47.90 8.80 25.42
CA GLU B 630 49.13 8.61 24.63
C GLU B 630 48.82 8.11 23.22
N PHE B 631 47.96 7.09 23.11
CA PHE B 631 47.64 6.51 21.80
C PHE B 631 46.88 7.53 20.93
N TYR B 632 45.89 8.21 21.53
CA TYR B 632 45.07 9.20 20.82
C TYR B 632 45.96 10.28 20.22
N THR B 633 46.93 10.73 21.03
CA THR B 633 47.85 11.79 20.69
C THR B 633 48.60 11.42 19.40
N LYS B 634 49.02 10.16 19.33
CA LYS B 634 49.65 9.59 18.14
C LYS B 634 48.70 9.56 16.94
N VAL B 635 47.44 9.16 17.14
CA VAL B 635 46.55 9.05 15.99
C VAL B 635 46.34 10.47 15.44
N LEU B 636 46.13 11.42 16.33
CA LEU B 636 45.78 12.77 15.90
C LEU B 636 46.96 13.32 15.09
N ASP B 637 48.18 13.12 15.63
CA ASP B 637 49.35 13.58 14.92
C ASP B 637 49.41 12.96 13.51
N ALA B 638 49.11 11.65 13.43
CA ALA B 638 49.15 10.93 12.17
C ALA B 638 48.09 11.48 11.20
N ILE B 639 46.92 11.81 11.76
CA ILE B 639 45.86 12.29 10.88
C ILE B 639 46.24 13.67 10.33
N GLU B 640 46.77 14.54 11.20
CA GLU B 640 47.05 15.91 10.76
C GLU B 640 48.02 15.89 9.59
N HIS B 641 48.99 14.97 9.63
CA HIS B 641 49.93 14.83 8.52
C HIS B 641 49.26 14.24 7.28
N ASN B 642 48.53 13.12 7.48
CA ASN B 642 47.99 12.35 6.37
C ASN B 642 46.94 13.15 5.61
N LEU B 643 46.27 14.06 6.32
CA LEU B 643 45.33 14.97 5.69
C LEU B 643 46.05 15.71 4.56
N ASP B 644 47.27 16.21 4.87
CA ASP B 644 48.10 16.93 3.93
C ASP B 644 48.64 15.98 2.86
N ASP B 645 49.27 14.89 3.30
CA ASP B 645 49.88 13.94 2.39
C ASP B 645 48.87 13.37 1.39
N LEU B 646 47.66 12.99 1.85
CA LEU B 646 46.73 12.19 1.03
C LEU B 646 45.64 13.03 0.36
N HIS B 647 45.31 14.21 0.89
CA HIS B 647 44.09 14.94 0.50
C HIS B 647 44.33 16.38 0.06
N TRP B 648 45.50 16.98 0.35
CA TRP B 648 45.67 18.38 0.02
C TRP B 648 46.09 18.52 -1.43
N SER B 649 45.41 19.41 -2.15
CA SER B 649 45.75 19.71 -3.53
C SER B 649 46.33 21.13 -3.61
N GLU B 650 47.65 21.20 -3.82
CA GLU B 650 48.30 22.48 -4.07
C GLU B 650 47.71 23.16 -5.31
N LYS B 651 47.50 22.42 -6.39
CA LYS B 651 46.90 23.01 -7.59
C LYS B 651 45.57 23.71 -7.27
N GLU B 652 44.66 23.04 -6.55
CA GLU B 652 43.29 23.53 -6.44
C GLU B 652 43.08 24.42 -5.21
N GLY B 653 44.03 24.38 -4.27
CA GLY B 653 43.94 25.19 -3.06
C GLY B 653 42.85 24.72 -2.08
N CYS B 654 42.66 23.39 -2.01
N CYS B 654 42.66 23.39 -2.01
CA CYS B 654 41.67 22.80 -1.12
CA CYS B 654 41.68 22.81 -1.10
C CYS B 654 41.99 21.33 -0.91
C CYS B 654 42.02 21.34 -0.89
N TYR B 655 41.26 20.71 0.03
CA TYR B 655 41.29 19.27 0.21
C TYR B 655 40.40 18.58 -0.81
N CYS B 656 40.78 17.35 -1.17
CA CYS B 656 40.06 16.55 -2.14
C CYS B 656 40.04 15.10 -1.66
N ASP B 657 38.98 14.36 -2.01
CA ASP B 657 38.98 12.90 -1.92
C ASP B 657 40.08 12.39 -2.85
N ALA B 658 40.46 11.13 -2.68
CA ALA B 658 41.49 10.54 -3.53
C ALA B 658 40.97 9.20 -4.04
N THR B 659 41.63 8.68 -5.08
CA THR B 659 41.28 7.36 -5.58
C THR B 659 42.53 6.70 -6.17
N ILE B 660 42.36 5.44 -6.61
CA ILE B 660 43.31 4.80 -7.48
C ILE B 660 42.68 4.82 -8.88
N ASP B 661 43.40 5.42 -9.85
CA ASP B 661 42.80 5.63 -11.16
C ASP B 661 43.07 4.41 -12.03
N GLU B 662 42.67 4.51 -13.31
CA GLU B 662 42.69 3.40 -14.25
C GLU B 662 44.12 2.93 -14.53
N PHE B 663 45.11 3.81 -14.28
CA PHE B 663 46.51 3.52 -14.48
C PHE B 663 47.14 3.02 -13.17
N GLU B 664 46.29 2.75 -12.16
CA GLU B 664 46.78 2.29 -10.86
C GLU B 664 47.53 3.38 -10.09
N GLU B 665 47.17 4.66 -10.33
CA GLU B 665 47.86 5.77 -9.67
C GLU B 665 46.98 6.45 -8.62
N HIS B 666 47.61 6.87 -7.53
CA HIS B 666 47.00 7.77 -6.56
C HIS B 666 46.68 9.11 -7.23
N LYS B 667 45.41 9.49 -7.13
CA LYS B 667 44.93 10.66 -7.84
C LYS B 667 43.90 11.37 -6.97
N LEU B 668 44.11 12.67 -6.77
CA LEU B 668 43.15 13.52 -6.09
C LEU B 668 42.00 13.73 -7.07
N VAL B 669 40.79 13.74 -6.53
CA VAL B 669 39.59 13.98 -7.29
C VAL B 669 38.89 15.13 -6.60
N CYS B 670 39.10 16.31 -7.19
CA CYS B 670 38.74 17.54 -6.53
C CYS B 670 37.40 18.05 -7.06
N HIS B 671 36.47 18.27 -6.13
CA HIS B 671 35.22 18.95 -6.46
C HIS B 671 34.95 19.98 -5.37
N LYS B 672 35.15 21.25 -5.74
CA LYS B 672 35.14 22.34 -4.79
C LYS B 672 33.74 22.53 -4.21
N GLY B 673 33.66 22.44 -2.89
CA GLY B 673 32.39 22.35 -2.18
C GLY B 673 32.62 22.04 -0.71
N TYR B 674 31.58 21.51 -0.05
CA TYR B 674 31.63 21.28 1.39
C TYR B 674 32.78 20.32 1.73
N ILE B 675 32.86 19.21 0.99
CA ILE B 675 33.79 18.15 1.32
C ILE B 675 35.20 18.73 1.35
N SER B 676 35.42 19.65 0.43
CA SER B 676 36.70 20.24 0.13
C SER B 676 37.19 21.09 1.32
N LEU B 677 36.25 21.42 2.22
CA LEU B 677 36.46 22.33 3.35
C LEU B 677 36.59 21.56 4.67
N PHE B 678 36.46 20.23 4.64
CA PHE B 678 36.17 19.42 5.82
C PHE B 678 37.14 19.56 6.99
N PRO B 679 38.48 19.44 6.78
CA PRO B 679 39.42 19.68 7.88
C PRO B 679 39.17 20.99 8.60
N PHE B 680 38.73 22.01 7.84
CA PHE B 680 38.38 23.30 8.42
C PHE B 680 37.09 23.22 9.24
N LEU B 681 36.01 22.74 8.61
CA LEU B 681 34.68 22.59 9.19
C LEU B 681 34.74 21.84 10.52
N THR B 682 35.66 20.88 10.63
CA THR B 682 35.67 19.99 11.79
C THR B 682 36.64 20.47 12.85
N GLY B 683 37.37 21.56 12.56
CA GLY B 683 38.15 22.23 13.59
C GLY B 683 39.55 21.65 13.76
N LEU B 684 40.11 21.10 12.66
CA LEU B 684 41.40 20.40 12.74
C LEU B 684 42.58 21.30 12.39
N LEU B 685 42.33 22.53 11.89
CA LEU B 685 43.43 23.32 11.36
C LEU B 685 43.82 24.35 12.40
N LYS B 686 45.13 24.50 12.63
CA LYS B 686 45.60 25.55 13.52
C LYS B 686 45.36 26.91 12.84
N PRO B 687 45.14 28.02 13.59
CA PRO B 687 44.96 29.35 13.00
C PRO B 687 46.14 29.93 12.21
N ASP B 688 47.30 29.28 12.29
CA ASP B 688 48.46 29.73 11.55
C ASP B 688 48.68 28.85 10.31
N SER B 689 47.72 27.98 9.96
CA SER B 689 47.90 27.04 8.87
C SER B 689 47.80 27.78 7.53
N PRO B 690 48.81 27.68 6.63
CA PRO B 690 48.67 28.25 5.29
C PRO B 690 47.53 27.65 4.45
N LYS B 691 47.18 26.41 4.75
CA LYS B 691 46.06 25.76 4.09
C LYS B 691 44.78 26.49 4.51
N LEU B 692 44.73 26.92 5.78
CA LEU B 692 43.54 27.58 6.30
C LEU B 692 43.22 28.84 5.50
N GLY B 693 44.27 29.57 5.09
CA GLY B 693 44.10 30.82 4.36
C GLY B 693 43.54 30.61 2.96
N LYS B 694 43.96 29.52 2.31
CA LYS B 694 43.48 29.15 1.00
C LYS B 694 42.01 28.71 1.06
N LEU B 695 41.62 28.02 2.12
CA LEU B 695 40.24 27.61 2.29
C LEU B 695 39.36 28.84 2.54
N LEU B 696 39.87 29.77 3.35
CA LEU B 696 39.14 30.98 3.65
C LEU B 696 38.83 31.73 2.34
N ALA B 697 39.78 31.68 1.39
CA ALA B 697 39.64 32.44 0.16
C ALA B 697 38.57 31.80 -0.74
N LEU B 698 38.58 30.46 -0.82
CA LEU B 698 37.56 29.70 -1.55
C LEU B 698 36.17 29.93 -0.92
N ILE B 699 36.10 29.98 0.42
CA ILE B 699 34.82 30.16 1.12
C ILE B 699 34.26 31.52 0.73
N GLY B 700 35.13 32.53 0.69
CA GLY B 700 34.69 33.89 0.47
C GLY B 700 34.52 34.24 -1.00
N ASP B 701 34.77 33.26 -1.88
CA ASP B 701 34.82 33.51 -3.31
C ASP B 701 33.41 33.38 -3.90
N GLU B 702 32.83 34.51 -4.32
CA GLU B 702 31.47 34.60 -4.85
C GLU B 702 31.26 33.72 -6.09
N SER B 703 32.34 33.41 -6.82
CA SER B 703 32.26 32.68 -8.08
C SER B 703 32.27 31.17 -7.86
N GLU B 704 32.55 30.78 -6.60
CA GLU B 704 32.66 29.38 -6.20
C GLU B 704 31.54 29.07 -5.21
N LEU B 705 31.75 29.46 -3.94
CA LEU B 705 31.02 28.92 -2.80
C LEU B 705 30.08 29.94 -2.18
N TRP B 706 30.45 31.23 -2.22
CA TRP B 706 29.78 32.31 -1.49
C TRP B 706 28.57 32.84 -2.26
N SER B 707 27.37 32.54 -1.77
CA SER B 707 26.14 33.06 -2.34
C SER B 707 25.62 34.14 -1.39
N PRO B 708 24.66 34.97 -1.84
CA PRO B 708 24.00 35.92 -0.94
C PRO B 708 23.28 35.25 0.24
N TYR B 709 23.16 33.92 0.21
CA TYR B 709 22.24 33.19 1.07
C TYR B 709 22.97 32.17 1.95
N GLY B 710 24.30 32.12 1.80
CA GLY B 710 25.12 31.20 2.59
C GLY B 710 26.05 30.42 1.67
N LEU B 711 26.79 29.45 2.20
CA LEU B 711 27.74 28.70 1.37
C LEU B 711 27.01 27.63 0.59
N ARG B 712 27.28 27.60 -0.73
CA ARG B 712 26.80 26.60 -1.66
C ARG B 712 27.48 25.28 -1.36
N SER B 713 26.73 24.17 -1.49
CA SER B 713 27.26 22.86 -1.14
C SER B 713 28.34 22.46 -2.15
N LEU B 714 28.21 22.98 -3.37
CA LEU B 714 29.09 22.68 -4.49
C LEU B 714 29.31 23.95 -5.29
N SER B 715 30.54 24.13 -5.79
CA SER B 715 30.98 25.32 -6.53
C SER B 715 30.18 25.51 -7.81
N LYS B 716 29.79 26.76 -8.08
CA LYS B 716 29.21 27.16 -9.37
C LYS B 716 30.10 26.66 -10.52
N LYS B 717 31.42 26.65 -10.32
CA LYS B 717 32.42 26.28 -11.31
C LYS B 717 32.61 24.77 -11.46
N ASP B 718 31.97 23.95 -10.61
CA ASP B 718 32.25 22.52 -10.68
C ASP B 718 31.39 21.92 -11.77
N GLU B 719 31.94 20.92 -12.46
CA GLU B 719 31.21 20.31 -13.56
C GLU B 719 29.88 19.73 -13.11
N PHE B 720 29.75 19.36 -11.82
CA PHE B 720 28.53 18.71 -11.36
C PHE B 720 27.52 19.68 -10.74
N TYR B 721 27.76 20.99 -10.83
CA TYR B 721 26.90 21.97 -10.20
C TYR B 721 25.52 21.90 -10.82
N GLY B 722 24.48 21.69 -9.99
CA GLY B 722 23.09 21.71 -10.43
C GLY B 722 22.61 20.40 -11.05
N THR B 723 23.50 19.40 -11.21
CA THR B 723 23.20 18.18 -11.96
C THR B 723 22.39 17.15 -11.14
N ALA B 724 21.72 16.23 -11.87
CA ALA B 724 20.90 15.12 -11.34
C ALA B 724 19.90 15.53 -10.25
N GLU B 725 19.93 14.86 -9.09
CA GLU B 725 18.98 15.22 -8.05
C GLU B 725 19.37 16.57 -7.43
N ASN B 726 20.62 17.03 -7.63
CA ASN B 726 21.01 18.35 -7.17
C ASN B 726 20.72 18.51 -5.67
N TYR B 727 21.03 17.46 -4.91
CA TYR B 727 20.67 17.45 -3.50
C TYR B 727 21.78 18.18 -2.73
N TRP B 728 23.00 17.70 -2.92
CA TRP B 728 24.17 18.29 -2.29
C TRP B 728 25.10 18.84 -3.37
N ARG B 729 24.51 19.31 -4.48
CA ARG B 729 25.26 19.71 -5.67
C ARG B 729 25.02 21.18 -6.01
N SER B 730 24.59 21.97 -5.03
CA SER B 730 24.60 23.43 -5.15
C SER B 730 23.94 24.08 -3.94
N PRO B 731 22.84 23.49 -3.39
CA PRO B 731 22.02 24.19 -2.41
C PRO B 731 22.69 24.46 -1.07
N VAL B 732 22.07 25.36 -0.28
CA VAL B 732 22.61 25.85 0.98
C VAL B 732 22.05 25.01 2.13
N TRP B 733 22.94 24.29 2.83
CA TRP B 733 22.50 23.52 3.98
C TRP B 733 22.98 24.17 5.27
N ILE B 734 22.10 24.18 6.28
CA ILE B 734 22.31 24.93 7.53
C ILE B 734 23.37 24.23 8.41
N ASN B 735 23.20 22.93 8.60
CA ASN B 735 24.18 21.87 8.85
C ASN B 735 25.65 22.36 8.78
N ILE B 736 26.14 22.37 7.55
CA ILE B 736 27.51 22.62 7.20
C ILE B 736 27.77 24.11 7.38
N ASN B 737 26.74 24.93 7.11
CA ASN B 737 26.92 26.36 7.28
C ASN B 737 27.19 26.69 8.75
N TYR B 738 26.45 26.02 9.64
CA TYR B 738 26.65 26.15 11.08
C TYR B 738 28.12 25.87 11.43
N LEU B 739 28.66 24.77 10.89
CA LEU B 739 30.01 24.37 11.24
C LEU B 739 31.00 25.46 10.81
N ALA B 740 30.79 25.99 9.58
CA ALA B 740 31.59 27.05 9.00
C ALA B 740 31.56 28.28 9.92
N ILE B 741 30.35 28.70 10.30
CA ILE B 741 30.15 29.84 11.14
C ILE B 741 30.94 29.67 12.43
N VAL B 742 30.82 28.49 13.05
CA VAL B 742 31.50 28.25 14.30
C VAL B 742 33.02 28.38 14.09
N GLN B 743 33.52 27.85 12.98
CA GLN B 743 34.96 27.74 12.86
C GLN B 743 35.57 29.11 12.50
N LEU B 744 34.83 29.87 11.68
CA LEU B 744 35.13 31.26 11.38
C LEU B 744 35.27 32.06 12.68
N TYR B 745 34.30 31.87 13.60
CA TYR B 745 34.24 32.59 14.86
C TYR B 745 35.50 32.30 15.69
N ASN B 746 35.94 31.05 15.63
CA ASN B 746 37.08 30.56 16.39
C ASN B 746 38.34 31.26 15.87
N ILE B 747 38.50 31.33 14.54
CA ILE B 747 39.64 32.04 13.97
C ILE B 747 39.57 33.53 14.31
N ALA B 748 38.37 34.13 14.28
CA ALA B 748 38.19 35.56 14.44
C ALA B 748 38.48 36.02 15.87
N THR B 749 38.77 35.09 16.80
CA THR B 749 38.79 35.43 18.21
C THR B 749 40.12 35.01 18.84
N GLN B 750 41.13 34.78 18.00
CA GLN B 750 42.49 34.58 18.48
C GLN B 750 43.48 35.22 17.50
N ASP B 751 44.72 35.36 17.98
CA ASP B 751 45.81 35.95 17.22
C ASP B 751 46.16 35.11 16.00
N GLY B 752 46.26 35.77 14.83
CA GLY B 752 46.84 35.10 13.66
C GLY B 752 46.65 35.88 12.36
N PRO B 753 47.32 35.47 11.25
CA PRO B 753 47.22 36.20 9.99
C PRO B 753 45.79 36.28 9.47
N TYR B 754 44.93 35.29 9.81
CA TYR B 754 43.61 35.31 9.20
C TYR B 754 42.50 35.79 10.12
N LYS B 755 42.87 36.36 11.29
CA LYS B 755 41.87 36.75 12.28
C LYS B 755 40.84 37.69 11.64
N GLU B 756 41.34 38.70 10.93
CA GLU B 756 40.45 39.68 10.34
C GLU B 756 39.66 39.08 9.18
N THR B 757 40.25 38.17 8.40
CA THR B 757 39.49 37.60 7.29
C THR B 757 38.31 36.79 7.85
N ALA B 758 38.58 36.08 8.95
CA ALA B 758 37.57 35.27 9.60
C ALA B 758 36.50 36.16 10.24
N ARG B 759 36.88 37.25 10.94
CA ARG B 759 35.89 38.17 11.52
C ARG B 759 34.91 38.62 10.43
N ASP B 760 35.45 38.94 9.26
CA ASP B 760 34.63 39.51 8.20
C ASP B 760 33.66 38.45 7.70
N LEU B 761 34.17 37.26 7.34
CA LEU B 761 33.32 36.20 6.81
C LEU B 761 32.33 35.74 7.88
N TYR B 762 32.82 35.62 9.12
CA TYR B 762 31.92 35.25 10.20
C TYR B 762 30.69 36.14 10.16
N THR B 763 30.90 37.47 10.22
CA THR B 763 29.82 38.43 10.40
C THR B 763 28.88 38.32 9.20
N ARG B 764 29.49 38.21 8.01
CA ARG B 764 28.73 38.24 6.78
C ARG B 764 27.93 36.94 6.65
N LEU B 765 28.54 35.80 7.01
CA LEU B 765 27.87 34.53 6.75
C LEU B 765 26.73 34.37 7.77
N ARG B 766 26.97 34.75 9.02
CA ARG B 766 25.96 34.73 10.05
C ARG B 766 24.75 35.48 9.53
N LYS B 767 24.95 36.75 9.13
CA LYS B 767 23.90 37.61 8.62
C LYS B 767 23.17 36.94 7.45
N ASN B 768 23.93 36.39 6.50
CA ASN B 768 23.29 35.81 5.32
C ASN B 768 22.40 34.62 5.69
N ILE B 769 22.94 33.73 6.54
CA ILE B 769 22.25 32.50 6.92
C ILE B 769 21.01 32.86 7.73
N VAL B 770 21.17 33.67 8.78
CA VAL B 770 20.02 33.95 9.61
C VAL B 770 18.87 34.54 8.78
N GLU B 771 19.19 35.50 7.89
CA GLU B 771 18.22 36.18 7.06
C GLU B 771 17.53 35.20 6.11
N THR B 772 18.31 34.34 5.46
CA THR B 772 17.74 33.38 4.52
C THR B 772 16.66 32.56 5.23
N VAL B 773 17.01 32.01 6.39
CA VAL B 773 16.09 31.11 7.10
C VAL B 773 14.95 31.94 7.70
N TYR B 774 15.28 33.12 8.26
CA TYR B 774 14.26 34.03 8.79
C TYR B 774 13.24 34.42 7.72
N ARG B 775 13.71 34.95 6.58
CA ARG B 775 12.82 35.52 5.57
C ARG B 775 11.88 34.46 5.04
N ASN B 776 12.36 33.21 4.91
CA ASN B 776 11.58 32.10 4.38
C ASN B 776 10.53 31.67 5.40
N TRP B 777 10.90 31.67 6.68
CA TRP B 777 9.97 31.36 7.75
C TRP B 777 8.84 32.40 7.82
N GLU B 778 9.17 33.69 7.61
CA GLU B 778 8.16 34.74 7.64
C GLU B 778 7.17 34.53 6.48
N GLU B 779 7.68 34.09 5.32
CA GLU B 779 6.87 33.99 4.12
C GLU B 779 6.05 32.70 4.11
N THR B 780 6.67 31.57 4.50
CA THR B 780 6.08 30.25 4.26
C THR B 780 5.64 29.62 5.59
N GLY B 781 6.21 30.11 6.70
CA GLY B 781 5.95 29.54 8.01
C GLY B 781 6.77 28.29 8.31
N PHE B 782 7.67 27.89 7.39
CA PHE B 782 8.44 26.65 7.54
C PHE B 782 9.94 26.89 7.63
N ALA B 783 10.59 26.05 8.42
CA ALA B 783 11.99 25.70 8.24
C ALA B 783 12.09 24.74 7.06
N TRP B 784 13.11 24.94 6.22
CA TRP B 784 13.27 24.09 5.04
C TRP B 784 14.50 23.21 5.21
N GLU B 785 14.51 22.10 4.47
CA GLU B 785 15.62 21.16 4.43
C GLU B 785 16.87 21.84 3.85
N GLN B 786 16.70 22.68 2.80
CA GLN B 786 17.80 23.41 2.18
C GLN B 786 17.27 24.67 1.51
N TYR B 787 18.20 25.52 1.06
CA TYR B 787 17.87 26.83 0.52
C TYR B 787 18.53 27.01 -0.84
N ASN B 788 17.76 27.63 -1.74
CA ASN B 788 18.20 27.89 -3.10
C ASN B 788 19.35 28.89 -3.09
N PRO B 789 20.50 28.59 -3.71
CA PRO B 789 21.62 29.54 -3.77
C PRO B 789 21.42 30.74 -4.71
N GLU B 790 20.48 30.61 -5.68
CA GLU B 790 20.18 31.66 -6.65
C GLU B 790 19.17 32.65 -6.07
N THR B 791 18.08 32.13 -5.47
CA THR B 791 16.94 32.96 -5.04
C THR B 791 16.85 33.08 -3.52
N GLY B 792 17.47 32.13 -2.80
CA GLY B 792 17.36 32.10 -1.35
C GLY B 792 16.09 31.38 -0.85
N LYS B 793 15.34 30.76 -1.76
CA LYS B 793 14.04 30.17 -1.40
C LYS B 793 14.22 28.78 -0.77
N GLY B 794 13.50 28.54 0.32
CA GLY B 794 13.41 27.20 0.89
C GLY B 794 12.97 26.19 -0.16
N GLN B 795 13.68 25.06 -0.26
CA GLN B 795 13.26 23.99 -1.16
C GLN B 795 13.49 22.61 -0.51
N ARG B 796 13.12 21.53 -1.21
CA ARG B 796 12.99 20.20 -0.63
C ARG B 796 11.92 20.20 0.47
N THR B 797 12.07 19.36 1.51
CA THR B 797 10.97 19.16 2.44
C THR B 797 10.80 20.32 3.43
N GLN B 798 9.56 20.52 3.87
CA GLN B 798 9.19 21.54 4.84
C GLN B 798 9.23 20.88 6.22
N HIS B 799 9.06 21.68 7.28
CA HIS B 799 9.04 21.16 8.64
C HIS B 799 10.38 20.53 9.04
N PHE B 800 11.49 21.06 8.54
CA PHE B 800 12.76 20.39 8.75
C PHE B 800 13.37 20.93 10.05
N THR B 801 12.90 20.43 11.19
CA THR B 801 13.41 20.90 12.46
C THR B 801 13.82 19.70 13.32
N GLY B 802 14.88 18.96 12.94
CA GLY B 802 15.72 19.22 11.77
C GLY B 802 16.85 20.18 12.12
N TRP B 803 18.01 20.00 11.48
CA TRP B 803 19.14 20.85 11.86
C TRP B 803 18.99 22.31 11.41
N THR B 804 17.97 22.64 10.60
CA THR B 804 17.76 24.04 10.24
C THR B 804 17.57 24.90 11.50
N SER B 805 17.06 24.27 12.56
CA SER B 805 16.84 24.95 13.82
C SER B 805 18.14 25.44 14.46
N LEU B 806 19.30 25.00 13.94
CA LEU B 806 20.60 25.49 14.36
C LEU B 806 20.65 27.03 14.31
N VAL B 807 19.83 27.62 13.44
CA VAL B 807 19.72 29.07 13.32
C VAL B 807 19.59 29.74 14.70
N VAL B 808 18.91 29.08 15.63
CA VAL B 808 18.75 29.70 16.94
C VAL B 808 20.12 29.92 17.59
N LYS B 809 21.05 28.99 17.40
CA LYS B 809 22.34 29.15 18.04
C LYS B 809 23.14 30.17 17.25
N ILE B 810 22.98 30.18 15.92
CA ILE B 810 23.68 31.18 15.10
C ILE B 810 23.37 32.61 15.58
N MET B 811 22.11 32.86 15.93
CA MET B 811 21.68 34.18 16.41
C MET B 811 22.25 34.49 17.79
N SER B 812 22.59 33.46 18.57
CA SER B 812 22.92 33.62 19.98
C SER B 812 24.40 33.92 20.25
N GLY B 813 25.30 33.60 19.32
CA GLY B 813 26.74 33.86 19.43
C GLY B 813 27.49 32.75 20.19
N HIS B 814 28.83 32.71 20.11
CA HIS B 814 29.52 31.49 20.54
C HIS B 814 30.19 31.66 21.91
N1 UIO C . -8.85 -21.84 -9.05
N3 UIO C . -16.60 -20.03 -2.64
C4 UIO C . -9.79 -21.72 -8.39
C5 UIO C . -9.51 -20.99 -7.08
C6 UIO C . -10.76 -20.70 -6.30
C7 UIO C . -10.54 -20.44 -4.83
C8 UIO C . -11.80 -19.95 -4.16
C10 UIO C . -15.05 -21.71 -3.44
C13 UIO C . -17.03 -23.60 -3.60
C15 UIO C . -20.25 -24.92 -2.87
C17 UIO C . -21.19 -22.06 -2.50
C20 UIO C . -19.40 -26.43 -4.35
C21 UIO C . -18.22 -25.69 -4.43
C22 UIO C . -15.76 -23.95 -3.97
C24 UIO C . -7.93 -22.78 -8.54
C26 UIO C . -6.18 -22.03 -9.91
C1 UIO C . -7.03 -21.02 -10.48
C11 UIO C . -16.32 -21.38 -3.09
C12 UIO C . -17.30 -22.32 -3.16
C14 UIO C . -18.17 -24.56 -3.67
C16 UIO C . -22.07 -23.28 -2.42
C18 UIO C . -19.98 -22.82 -0.73
C19 UIO C . -20.94 -23.99 -0.65
C2 UIO C . -8.22 -20.61 -9.57
C23 UIO C . -14.78 -22.99 -3.87
C25 UIO C . -6.97 -23.13 -9.62
C3 UIO C . -9.21 -19.75 -10.20
C9 UIO C . -12.61 -21.08 -3.52
N2 UIO C . -13.99 -20.74 -3.36
N4 UIO C . -19.17 -24.22 -2.92
N5 UIO C . -21.29 -24.43 -1.99
N6 UIO C . -20.37 -26.02 -3.56
O1 UIO C . -6.37 -19.89 -10.91
O2 UIO C . -9.78 -20.36 -11.27
O3 UIO C . -17.86 -19.46 -2.80
O4 UIO C . -15.62 -19.27 -2.03
O5 UIO C . -20.58 -21.73 -1.32
O6 UIO C . -6.16 -24.23 -9.19
O7 UIO C . -5.18 -22.46 -10.89
C1 GOL D . 10.25 -0.02 -13.85
O1 GOL D . 10.95 0.65 -12.81
C2 GOL D . 10.28 0.78 -15.13
O2 GOL D . 9.98 -0.05 -16.24
C3 GOL D . 9.43 2.02 -15.08
O3 GOL D . 8.84 2.31 -16.34
C1 GOL E . -44.31 -3.69 -23.24
O1 GOL E . -43.99 -4.50 -24.38
C2 GOL E . -44.46 -4.53 -22.00
O2 GOL E . -43.26 -4.49 -21.24
C3 GOL E . -45.61 -4.09 -21.12
O3 GOL E . -45.63 -2.69 -20.94
C1 GOL F . -20.79 11.98 -9.58
O1 GOL F . -21.21 11.84 -10.94
C2 GOL F . -21.75 12.81 -8.76
O2 GOL F . -22.47 11.97 -7.88
C3 GOL F . -21.06 13.89 -7.96
O3 GOL F . -21.54 15.19 -8.32
S SO4 G . -14.93 -0.53 -0.32
O1 SO4 G . -13.76 -1.24 -0.76
O2 SO4 G . -16.09 -0.88 -1.11
O3 SO4 G . -15.20 -0.88 1.06
O4 SO4 G . -14.67 0.87 -0.44
S SO4 H . -0.13 -27.29 3.74
O1 SO4 H . 0.62 -27.31 2.51
O2 SO4 H . -0.38 -28.64 4.15
O3 SO4 H . 0.66 -26.61 4.74
O4 SO4 H . -1.38 -26.60 3.53
S SO4 I . -4.75 -28.80 -40.48
O1 SO4 I . -5.39 -29.13 -41.73
O2 SO4 I . -3.30 -28.81 -40.66
O3 SO4 I . -5.13 -29.79 -39.48
O4 SO4 I . -5.17 -27.49 -40.05
S SO4 J . -3.94 -19.29 -32.26
O1 SO4 J . -2.76 -19.16 -33.09
O2 SO4 J . -4.97 -19.97 -33.00
O3 SO4 J . -3.61 -20.05 -31.06
O4 SO4 J . -4.40 -17.99 -31.89
S SO4 K . -2.81 -4.65 -6.85
O1 SO4 K . -3.79 -3.65 -7.18
O2 SO4 K . -2.88 -5.72 -7.80
O3 SO4 K . -3.10 -5.15 -5.51
O4 SO4 K . -1.50 -4.04 -6.88
S SO4 L . -50.05 5.28 -13.25
O1 SO4 L . -48.95 4.38 -13.53
O2 SO4 L . -50.97 5.29 -14.36
O3 SO4 L . -49.54 6.62 -13.02
O4 SO4 L . -50.76 4.82 -12.07
S SO4 M . -15.62 -5.27 4.60
O1 SO4 M . -14.53 -4.71 3.85
O2 SO4 M . -16.23 -6.34 3.85
O3 SO4 M . -15.12 -5.81 5.85
O4 SO4 M . -16.60 -4.23 4.86
S SO4 N . -25.89 10.69 -31.72
O1 SO4 N . -26.03 11.18 -33.06
O2 SO4 N . -27.02 9.83 -31.41
O3 SO4 N . -24.67 9.94 -31.60
O4 SO4 N . -25.86 11.79 -30.79
S SO4 O . 15.81 -4.60 -18.26
O1 SO4 O . 16.00 -4.32 -19.67
O2 SO4 O . 14.73 -5.54 -18.10
O3 SO4 O . 17.02 -5.14 -17.72
O4 SO4 O . 15.48 -3.38 -17.57
N1 UIO P . 18.14 13.46 5.08
N3 UIO P . 12.28 7.16 3.40
C4 UIO P . 17.06 13.06 4.84
C5 UIO P . 17.11 11.60 4.41
C6 UIO P . 15.80 11.14 3.73
C7 UIO P . 16.04 10.59 2.33
C8 UIO P . 15.99 9.07 2.30
C10 UIO P . 12.91 7.65 1.08
C13 UIO P . 10.25 7.89 0.35
C15 UIO P . 6.56 7.80 0.48
C17 UIO P . 5.85 5.06 2.22
C20 UIO P . 7.08 8.62 -1.60
C21 UIO P . 8.43 8.52 -1.29
C22 UIO P . 11.24 8.07 -0.60
C24 UIO P . 18.95 13.44 3.86
C26 UIO P . 21.01 13.20 5.14
C1 UIO P . 20.23 13.21 6.39
C11 UIO P . 11.92 7.48 2.02
C12 UIO P . 10.59 7.59 1.67
C14 UIO P . 8.78 8.03 -0.04
C16 UIO P . 5.92 6.54 2.58
C18 UIO P . 4.20 5.48 0.66
C19 UIO P . 4.23 6.96 0.98
C2 UIO P . 18.75 12.68 6.19
C23 UIO P . 12.57 7.94 -0.23
C25 UIO P . 20.37 13.91 4.10
C3 UIO P . 17.98 12.87 7.40
C9 UIO P . 15.26 8.54 1.07
N2 UIO P . 14.31 7.52 1.46
N4 UIO P . 7.84 7.69 0.81
N5 UIO P . 5.55 7.40 1.45
N6 UIO P . 6.19 8.25 -0.69
O1 UIO P . 20.88 12.39 7.33
O2 UIO P . 17.79 14.25 7.59
O3 UIO P . 13.49 6.51 3.68
O4 UIO P . 11.41 7.51 4.44
O5 UIO P . 4.60 4.69 1.73
O6 UIO P . 21.15 13.73 2.85
O7 UIO P . 22.34 13.84 5.40
C1 NAG Q . 13.01 4.32 33.80
C2 NAG Q . 13.52 3.60 32.56
C3 NAG Q . 12.73 2.32 32.29
C4 NAG Q . 12.60 1.48 33.55
C5 NAG Q . 12.13 2.33 34.73
C6 NAG Q . 12.07 1.50 36.02
C7 NAG Q . 14.51 4.82 30.70
C8 NAG Q . 14.26 5.25 29.29
N2 NAG Q . 13.43 4.48 31.42
O3 NAG Q . 13.38 1.57 31.27
O4 NAG Q . 11.66 0.43 33.33
O5 NAG Q . 13.02 3.42 34.91
O6 NAG Q . 13.39 1.34 36.54
O7 NAG Q . 15.64 4.77 31.18
C1 BTB R . -14.21 -7.89 18.91
O1 BTB R . -14.62 -8.82 17.91
C2 BTB R . -14.32 -6.40 18.51
C3 BTB R . -15.78 -6.02 18.15
O3 BTB R . -16.76 -6.75 18.86
C4 BTB R . -13.84 -5.50 19.67
O4 BTB R . -13.76 -6.18 20.91
N BTB R . -13.47 -6.07 17.30
C5 BTB R . -14.19 -6.21 15.98
C6 BTB R . -14.15 -4.97 15.14
O6 BTB R . -15.40 -4.70 14.50
C7 BTB R . -12.09 -6.65 17.39
C8 BTB R . -11.85 -7.96 16.69
O8 BTB R . -11.75 -7.78 15.29
C1 GOL S . 21.54 -2.37 16.91
O1 GOL S . 22.95 -2.27 16.72
C2 GOL S . 20.79 -1.14 16.46
O2 GOL S . 21.66 -0.06 16.15
C3 GOL S . 19.81 -1.41 15.35
O3 GOL S . 18.79 -0.43 15.25
S SO4 T . 7.63 -4.61 16.15
O1 SO4 T . 8.74 -4.16 15.36
O2 SO4 T . 7.12 -5.80 15.59
O3 SO4 T . 8.06 -4.90 17.49
O4 SO4 T . 6.62 -3.58 16.17
S SO4 U . 23.38 4.79 -7.96
O1 SO4 U . 23.97 4.47 -9.24
O2 SO4 U . 22.95 3.56 -7.32
O3 SO4 U . 24.35 5.47 -7.13
O4 SO4 U . 22.25 5.67 -8.15
S SO4 V . -23.61 11.33 31.77
O1 SO4 V . -23.21 10.18 32.53
O2 SO4 V . -24.47 10.93 30.68
O3 SO4 V . -22.46 12.00 31.21
O4 SO4 V . -24.34 12.24 32.63
S SO4 W . 27.73 39.40 0.97
O1 SO4 W . 29.03 38.78 0.91
O2 SO4 W . 26.69 38.40 0.88
O3 SO4 W . 27.57 40.30 -0.15
O4 SO4 W . 27.63 40.11 2.22
#